data_2VSD
# 
_entry.id   2VSD 
# 
_audit_conform.dict_name       mmcif_pdbx.dic 
_audit_conform.dict_version    5.399 
_audit_conform.dict_location   http://mmcif.pdb.org/dictionaries/ascii/mmcif_pdbx.dic 
# 
loop_
_database_2.database_id 
_database_2.database_code 
_database_2.pdbx_database_accession 
_database_2.pdbx_DOI 
PDB   2VSD         pdb_00002vsd 10.2210/pdb2vsd/pdb 
PDBE  EBI-35992    ?            ?                   
WWPDB D_1290035992 ?            ?                   
# 
loop_
_pdbx_audit_revision_history.ordinal 
_pdbx_audit_revision_history.data_content_type 
_pdbx_audit_revision_history.major_revision 
_pdbx_audit_revision_history.minor_revision 
_pdbx_audit_revision_history.revision_date 
1 'Structure model' 1 0 2008-07-29 
2 'Structure model' 1 1 2011-05-08 
3 'Structure model' 1 2 2011-07-13 
4 'Structure model' 2 0 2019-09-11 
5 'Structure model' 3 0 2019-10-23 
6 'Structure model' 4 0 2020-07-29 
7 'Structure model' 4 1 2023-12-13 
8 'Structure model' 4 2 2024-11-20 
# 
loop_
_pdbx_audit_revision_details.ordinal 
_pdbx_audit_revision_details.revision_ordinal 
_pdbx_audit_revision_details.data_content_type 
_pdbx_audit_revision_details.provider 
_pdbx_audit_revision_details.type 
_pdbx_audit_revision_details.description 
_pdbx_audit_revision_details.details 
1 1 'Structure model' repository 'Initial release' ?                          ? 
2 6 'Structure model' repository Remediation       'Carbohydrate remediation' ? 
# 
loop_
_pdbx_audit_revision_group.ordinal 
_pdbx_audit_revision_group.revision_ordinal 
_pdbx_audit_revision_group.data_content_type 
_pdbx_audit_revision_group.group 
1  2 'Structure model' 'Version format compliance' 
2  3 'Structure model' 'Version format compliance' 
3  4 'Structure model' 'Atomic model'              
4  4 'Structure model' 'Data collection'           
5  4 'Structure model' 'Derived calculations'      
6  4 'Structure model' 'Experimental preparation'  
7  4 'Structure model' 'Non-polymer description'   
8  4 'Structure model' 'Structure summary'         
9  5 'Structure model' Advisory                    
10 5 'Structure model' 'Atomic model'              
11 5 'Structure model' 'Data collection'           
12 5 'Structure model' 'Derived calculations'      
13 5 'Structure model' 'Non-polymer description'   
14 5 'Structure model' Other                       
15 5 'Structure model' 'Structure summary'         
16 6 'Structure model' Advisory                    
17 6 'Structure model' 'Atomic model'              
18 6 'Structure model' 'Data collection'           
19 6 'Structure model' 'Derived calculations'      
20 6 'Structure model' 'Structure summary'         
21 7 'Structure model' 'Data collection'           
22 7 'Structure model' 'Database references'       
23 7 'Structure model' 'Derived calculations'      
24 7 'Structure model' 'Refinement description'    
25 7 'Structure model' 'Structure summary'         
26 8 'Structure model' 'Structure summary'         
# 
loop_
_pdbx_audit_revision_category.ordinal 
_pdbx_audit_revision_category.revision_ordinal 
_pdbx_audit_revision_category.data_content_type 
_pdbx_audit_revision_category.category 
1  4 'Structure model' atom_site                     
2  4 'Structure model' chem_comp                     
3  4 'Structure model' diffrn_detector               
4  4 'Structure model' entity                        
5  4 'Structure model' exptl_crystal_grow            
6  4 'Structure model' pdbx_entity_nonpoly           
7  4 'Structure model' pdbx_nonpoly_scheme           
8  4 'Structure model' pdbx_validate_chiral          
9  4 'Structure model' struct_conn                   
10 4 'Structure model' struct_site_gen               
11 5 'Structure model' atom_site                     
12 5 'Structure model' chem_comp                     
13 5 'Structure model' database_PDB_caveat           
14 5 'Structure model' diffrn_detector               
15 5 'Structure model' entity                        
16 5 'Structure model' pdbx_database_status          
17 5 'Structure model' pdbx_entity_nonpoly           
18 5 'Structure model' pdbx_nonpoly_scheme           
19 5 'Structure model' pdbx_validate_chiral          
20 5 'Structure model' struct_asym                   
21 5 'Structure model' struct_conn                   
22 5 'Structure model' struct_site_gen               
23 6 'Structure model' atom_site                     
24 6 'Structure model' chem_comp                     
25 6 'Structure model' database_PDB_caveat           
26 6 'Structure model' entity                        
27 6 'Structure model' pdbx_branch_scheme            
28 6 'Structure model' pdbx_chem_comp_identifier     
29 6 'Structure model' pdbx_entity_branch            
30 6 'Structure model' pdbx_entity_branch_descriptor 
31 6 'Structure model' pdbx_entity_branch_link       
32 6 'Structure model' pdbx_entity_branch_list       
33 6 'Structure model' pdbx_entity_nonpoly           
34 6 'Structure model' pdbx_nonpoly_scheme           
35 6 'Structure model' pdbx_struct_assembly_gen      
36 6 'Structure model' pdbx_struct_special_symmetry  
37 6 'Structure model' pdbx_validate_chiral          
38 6 'Structure model' struct_asym                   
39 6 'Structure model' struct_conn                   
40 6 'Structure model' struct_site                   
41 6 'Structure model' struct_site_gen               
42 7 'Structure model' chem_comp                     
43 7 'Structure model' chem_comp_atom                
44 7 'Structure model' chem_comp_bond                
45 7 'Structure model' database_2                    
46 7 'Structure model' pdbx_initial_refinement_model 
47 7 'Structure model' struct_conn                   
48 8 'Structure model' pdbx_entry_details            
49 8 'Structure model' pdbx_modification_feature     
# 
loop_
_pdbx_audit_revision_item.ordinal 
_pdbx_audit_revision_item.revision_ordinal 
_pdbx_audit_revision_item.data_content_type 
_pdbx_audit_revision_item.item 
1  4 'Structure model' '_atom_site.auth_comp_id'                     
2  4 'Structure model' '_atom_site.label_comp_id'                    
3  4 'Structure model' '_chem_comp.formula'                          
4  4 'Structure model' '_chem_comp.formula_weight'                   
5  4 'Structure model' '_chem_comp.id'                               
6  4 'Structure model' '_chem_comp.mon_nstd_flag'                    
7  4 'Structure model' '_chem_comp.name'                             
8  4 'Structure model' '_chem_comp.type'                             
9  4 'Structure model' '_entity.pdbx_description'                    
10 4 'Structure model' '_exptl_crystal_grow.method'                  
11 4 'Structure model' '_exptl_crystal_grow.temp'                    
12 4 'Structure model' '_pdbx_entity_nonpoly.comp_id'                
13 4 'Structure model' '_pdbx_entity_nonpoly.name'                   
14 4 'Structure model' '_pdbx_nonpoly_scheme.mon_id'                 
15 4 'Structure model' '_pdbx_nonpoly_scheme.pdb_mon_id'             
16 4 'Structure model' '_struct_conn.pdbx_leaving_atom_flag'         
17 4 'Structure model' '_struct_conn.ptnr2_auth_comp_id'             
18 4 'Structure model' '_struct_conn.ptnr2_label_comp_id'            
19 4 'Structure model' '_struct_site_gen.auth_comp_id'               
20 4 'Structure model' '_struct_site_gen.label_comp_id'              
21 5 'Structure model' '_atom_site.B_iso_or_equiv'                   
22 5 'Structure model' '_atom_site.Cartn_x'                          
23 5 'Structure model' '_atom_site.Cartn_y'                          
24 5 'Structure model' '_atom_site.Cartn_z'                          
25 5 'Structure model' '_atom_site.auth_atom_id'                     
26 5 'Structure model' '_atom_site.auth_comp_id'                     
27 5 'Structure model' '_atom_site.label_atom_id'                    
28 5 'Structure model' '_atom_site.label_comp_id'                    
29 5 'Structure model' '_atom_site.label_entity_id'                  
30 5 'Structure model' '_atom_site.type_symbol'                      
31 5 'Structure model' '_chem_comp.formula'                          
32 5 'Structure model' '_chem_comp.formula_weight'                   
33 5 'Structure model' '_chem_comp.id'                               
34 5 'Structure model' '_chem_comp.mon_nstd_flag'                    
35 5 'Structure model' '_chem_comp.name'                             
36 5 'Structure model' '_chem_comp.type'                             
37 5 'Structure model' '_diffrn_detector.detector'                   
38 5 'Structure model' '_pdbx_database_status.status_code_sf'        
39 5 'Structure model' '_pdbx_nonpoly_scheme.entity_id'              
40 5 'Structure model' '_pdbx_nonpoly_scheme.mon_id'                 
41 5 'Structure model' '_pdbx_nonpoly_scheme.pdb_mon_id'             
42 5 'Structure model' '_struct_asym.entity_id'                      
43 5 'Structure model' '_struct_conn.ptnr1_auth_comp_id'             
44 5 'Structure model' '_struct_conn.ptnr1_label_comp_id'            
45 5 'Structure model' '_struct_conn.ptnr2_auth_comp_id'             
46 5 'Structure model' '_struct_conn.ptnr2_label_comp_id'            
47 5 'Structure model' '_struct_site_gen.auth_comp_id'               
48 5 'Structure model' '_struct_site_gen.label_comp_id'              
49 6 'Structure model' '_atom_site.auth_asym_id'                     
50 6 'Structure model' '_atom_site.auth_seq_id'                      
51 6 'Structure model' '_atom_site.label_asym_id'                    
52 6 'Structure model' '_atom_site.label_entity_id'                  
53 6 'Structure model' '_chem_comp.name'                             
54 6 'Structure model' '_chem_comp.type'                             
55 6 'Structure model' '_database_PDB_caveat.text'                   
56 6 'Structure model' '_pdbx_struct_assembly_gen.asym_id_list'      
57 6 'Structure model' '_pdbx_struct_special_symmetry.label_asym_id' 
58 6 'Structure model' '_pdbx_validate_chiral.auth_asym_id'          
59 6 'Structure model' '_pdbx_validate_chiral.auth_seq_id'           
60 6 'Structure model' '_struct_conn.pdbx_role'                      
61 6 'Structure model' '_struct_conn.ptnr1_auth_asym_id'             
62 6 'Structure model' '_struct_conn.ptnr1_auth_seq_id'              
63 6 'Structure model' '_struct_conn.ptnr1_label_asym_id'            
64 6 'Structure model' '_struct_conn.ptnr2_auth_asym_id'             
65 6 'Structure model' '_struct_conn.ptnr2_auth_seq_id'              
66 6 'Structure model' '_struct_conn.ptnr2_label_asym_id'            
67 7 'Structure model' '_chem_comp.pdbx_synonyms'                    
68 7 'Structure model' '_database_2.pdbx_DOI'                        
69 7 'Structure model' '_database_2.pdbx_database_accession'         
70 7 'Structure model' '_struct_conn.pdbx_leaving_atom_flag'         
# 
_database_PDB_caveat.id     1 
_database_PDB_caveat.text   'NAG B 2 HAS WRONG CHIRALITY AT ATOM C1' 
# 
_pdbx_database_status.status_code                     REL 
_pdbx_database_status.entry_id                        2VSD 
_pdbx_database_status.deposit_site                    PDBE 
_pdbx_database_status.process_site                    PDBE 
_pdbx_database_status.SG_entry                        . 
_pdbx_database_status.recvd_initial_deposition_date   2008-04-22 
_pdbx_database_status.pdb_format_compatible           Y 
_pdbx_database_status.status_code_sf                  REL 
_pdbx_database_status.status_code_mr                  ? 
_pdbx_database_status.status_code_cs                  ? 
_pdbx_database_status.methods_development_category    ? 
_pdbx_database_status.status_code_nmr_data            ? 
# 
loop_
_audit_author.name 
_audit_author.pdbx_ordinal 
_audit_author.identifier_ORCID 
'Arnon, T.I.'    1 ? 
'Kaiser, J.T.'   2 ? 
'Bjorkman, P.J.' 3 ? 
# 
_citation.id                        primary 
_citation.title                     'The Crystal Structure of Chir-Ab1: A Primordial Avian Classical Fc Receptor.' 
_citation.journal_abbrev            J.Mol.Biol. 
_citation.journal_volume            381 
_citation.page_first                1012 
_citation.page_last                 ? 
_citation.year                      2008 
_citation.journal_id_ASTM           JMOBAK 
_citation.country                   UK 
_citation.journal_id_ISSN           0022-2836 
_citation.journal_id_CSD            0070 
_citation.book_publisher            ? 
_citation.pdbx_database_id_PubMed   18625238 
_citation.pdbx_database_id_DOI      10.1016/J.JMB.2008.06.082 
# 
loop_
_citation_author.citation_id 
_citation_author.name 
_citation_author.ordinal 
_citation_author.identifier_ORCID 
primary 'Arnon, T.I.'       1 ? 
primary 'Kaiser, J.T.'      2 ? 
primary 'West, A.P.'        3 ? 
primary 'Olson, R.'         4 ? 
primary 'Diskin, R.'        5 ? 
primary 'Viertlboeck, B.C.' 6 ? 
primary 'Gobel, T.W.'       7 ? 
primary 'Bjorkman, P.J.'    8 ? 
# 
loop_
_entity.id 
_entity.type 
_entity.src_method 
_entity.pdbx_description 
_entity.formula_weight 
_entity.pdbx_number_of_molecules 
_entity.pdbx_ec 
_entity.pdbx_mutation 
_entity.pdbx_fragment 
_entity.details 
1 polymer  man 'CHIR AB1' 12027.354 1   ? ? 'BINDING-DOMAIN, RESIDUES 21-115' ? 
2 branched man 
'beta-D-mannopyranose-(1-4)-2-acetamido-2-deoxy-beta-D-glucopyranose-(1-4)-2-acetamido-2-deoxy-beta-D-glucopyranose' 586.542   1   
? ? ?                                 ? 
3 water    nat water 18.015    104 ? ? ?                                 ? 
# 
_entity_poly.entity_id                      1 
_entity_poly.type                           'polypeptide(L)' 
_entity_poly.nstd_linkage                   no 
_entity_poly.nstd_monomer                   no 
_entity_poly.pdbx_seq_one_letter_code       
;QQLPQPSLSLHPSQGVSLGDTVTLRCHLPRMAAWVQLWLNGTLRFDKEKDKEQDAAEFSFAVTNLEDAGTYQCRYQVSEP
LWTSNQSDPVELVLTIEGRHHHHHH
;
_entity_poly.pdbx_seq_one_letter_code_can   
;QQLPQPSLSLHPSQGVSLGDTVTLRCHLPRMAAWVQLWLNGTLRFDKEKDKEQDAAEFSFAVTNLEDAGTYQCRYQVSEP
LWTSNQSDPVELVLTIEGRHHHHHH
;
_entity_poly.pdbx_strand_id                 A 
_entity_poly.pdbx_target_identifier         ? 
# 
_pdbx_entity_nonpoly.entity_id   3 
_pdbx_entity_nonpoly.name        water 
_pdbx_entity_nonpoly.comp_id     HOH 
# 
loop_
_entity_poly_seq.entity_id 
_entity_poly_seq.num 
_entity_poly_seq.mon_id 
_entity_poly_seq.hetero 
1 1   GLN n 
1 2   GLN n 
1 3   LEU n 
1 4   PRO n 
1 5   GLN n 
1 6   PRO n 
1 7   SER n 
1 8   LEU n 
1 9   SER n 
1 10  LEU n 
1 11  HIS n 
1 12  PRO n 
1 13  SER n 
1 14  GLN n 
1 15  GLY n 
1 16  VAL n 
1 17  SER n 
1 18  LEU n 
1 19  GLY n 
1 20  ASP n 
1 21  THR n 
1 22  VAL n 
1 23  THR n 
1 24  LEU n 
1 25  ARG n 
1 26  CYS n 
1 27  HIS n 
1 28  LEU n 
1 29  PRO n 
1 30  ARG n 
1 31  MET n 
1 32  ALA n 
1 33  ALA n 
1 34  TRP n 
1 35  VAL n 
1 36  GLN n 
1 37  LEU n 
1 38  TRP n 
1 39  LEU n 
1 40  ASN n 
1 41  GLY n 
1 42  THR n 
1 43  LEU n 
1 44  ARG n 
1 45  PHE n 
1 46  ASP n 
1 47  LYS n 
1 48  GLU n 
1 49  LYS n 
1 50  ASP n 
1 51  LYS n 
1 52  GLU n 
1 53  GLN n 
1 54  ASP n 
1 55  ALA n 
1 56  ALA n 
1 57  GLU n 
1 58  PHE n 
1 59  SER n 
1 60  PHE n 
1 61  ALA n 
1 62  VAL n 
1 63  THR n 
1 64  ASN n 
1 65  LEU n 
1 66  GLU n 
1 67  ASP n 
1 68  ALA n 
1 69  GLY n 
1 70  THR n 
1 71  TYR n 
1 72  GLN n 
1 73  CYS n 
1 74  ARG n 
1 75  TYR n 
1 76  GLN n 
1 77  VAL n 
1 78  SER n 
1 79  GLU n 
1 80  PRO n 
1 81  LEU n 
1 82  TRP n 
1 83  THR n 
1 84  SER n 
1 85  ASN n 
1 86  GLN n 
1 87  SER n 
1 88  ASP n 
1 89  PRO n 
1 90  VAL n 
1 91  GLU n 
1 92  LEU n 
1 93  VAL n 
1 94  LEU n 
1 95  THR n 
1 96  ILE n 
1 97  GLU n 
1 98  GLY n 
1 99  ARG n 
1 100 HIS n 
1 101 HIS n 
1 102 HIS n 
1 103 HIS n 
1 104 HIS n 
1 105 HIS n 
# 
_entity_src_gen.entity_id                          1 
_entity_src_gen.pdbx_src_id                        1 
_entity_src_gen.pdbx_alt_source_flag               sample 
_entity_src_gen.pdbx_seq_type                      ? 
_entity_src_gen.pdbx_beg_seq_num                   ? 
_entity_src_gen.pdbx_end_seq_num                   ? 
_entity_src_gen.gene_src_common_name               CHICKEN 
_entity_src_gen.gene_src_genus                     ? 
_entity_src_gen.pdbx_gene_src_gene                 ? 
_entity_src_gen.gene_src_species                   ? 
_entity_src_gen.gene_src_strain                    ? 
_entity_src_gen.gene_src_tissue                    ? 
_entity_src_gen.gene_src_tissue_fraction           ? 
_entity_src_gen.gene_src_details                   ? 
_entity_src_gen.pdbx_gene_src_fragment             ? 
_entity_src_gen.pdbx_gene_src_scientific_name      'GALLUS GALLUS' 
_entity_src_gen.pdbx_gene_src_ncbi_taxonomy_id     9031 
_entity_src_gen.pdbx_gene_src_variant              ? 
_entity_src_gen.pdbx_gene_src_cell_line            ? 
_entity_src_gen.pdbx_gene_src_atcc                 ? 
_entity_src_gen.pdbx_gene_src_organ                ? 
_entity_src_gen.pdbx_gene_src_organelle            ? 
_entity_src_gen.pdbx_gene_src_cell                 ? 
_entity_src_gen.pdbx_gene_src_cellular_location    ? 
_entity_src_gen.host_org_common_name               ? 
_entity_src_gen.pdbx_host_org_scientific_name      'SPODOPTERA FRUGIPERDA' 
_entity_src_gen.pdbx_host_org_ncbi_taxonomy_id     7108 
_entity_src_gen.host_org_genus                     ? 
_entity_src_gen.pdbx_host_org_gene                 ? 
_entity_src_gen.pdbx_host_org_organ                ? 
_entity_src_gen.host_org_species                   ? 
_entity_src_gen.pdbx_host_org_tissue               ? 
_entity_src_gen.pdbx_host_org_tissue_fraction      ? 
_entity_src_gen.pdbx_host_org_strain               ? 
_entity_src_gen.pdbx_host_org_variant              ? 
_entity_src_gen.pdbx_host_org_cell_line            'HI 5' 
_entity_src_gen.pdbx_host_org_atcc                 ? 
_entity_src_gen.pdbx_host_org_culture_collection   ? 
_entity_src_gen.pdbx_host_org_cell                 ? 
_entity_src_gen.pdbx_host_org_organelle            ? 
_entity_src_gen.pdbx_host_org_cellular_location    ? 
_entity_src_gen.pdbx_host_org_vector_type          BACULOVIRUS 
_entity_src_gen.pdbx_host_org_vector               ? 
_entity_src_gen.host_org_details                   ? 
_entity_src_gen.expression_system_id               ? 
_entity_src_gen.plasmid_name                       PACGP67 
_entity_src_gen.plasmid_details                    ? 
_entity_src_gen.pdbx_description                   ? 
# 
_pdbx_entity_branch.entity_id   2 
_pdbx_entity_branch.type        oligosaccharide 
# 
loop_
_pdbx_entity_branch_descriptor.ordinal 
_pdbx_entity_branch_descriptor.entity_id 
_pdbx_entity_branch_descriptor.descriptor 
_pdbx_entity_branch_descriptor.type 
_pdbx_entity_branch_descriptor.program 
_pdbx_entity_branch_descriptor.program_version 
1 2 DManpb1-4DGlcpNAcb1-4DGlcpNAcb1-                                             'Glycam Condensed Sequence' GMML       1.0   
2 2 'WURCS=2.0/2,3,2/[a2122h-1b_1-5_2*NCC/3=O][a1122h-1b_1-5]/1-1-2/a4-b1_b4-c1' WURCS                       PDB2Glycan 1.1.0 
3 2 '[]{[(4+1)][b-D-GlcpNAc]{[(4+1)][a-D-GlcpNAc]{[(4+1)][b-D-Manp]{}}}}'        LINUCS                      PDB-CARE   ?     
# 
loop_
_pdbx_entity_branch_link.link_id 
_pdbx_entity_branch_link.entity_id 
_pdbx_entity_branch_link.entity_branch_list_num_1 
_pdbx_entity_branch_link.comp_id_1 
_pdbx_entity_branch_link.atom_id_1 
_pdbx_entity_branch_link.leaving_atom_id_1 
_pdbx_entity_branch_link.entity_branch_list_num_2 
_pdbx_entity_branch_link.comp_id_2 
_pdbx_entity_branch_link.atom_id_2 
_pdbx_entity_branch_link.leaving_atom_id_2 
_pdbx_entity_branch_link.value_order 
_pdbx_entity_branch_link.details 
1 2 2 NAG C1 O1 1 NAG O4 HO4 sing ? 
2 2 3 BMA C1 O1 2 NAG O4 HO4 sing ? 
# 
loop_
_chem_comp.id 
_chem_comp.type 
_chem_comp.mon_nstd_flag 
_chem_comp.name 
_chem_comp.pdbx_synonyms 
_chem_comp.formula 
_chem_comp.formula_weight 
ALA 'L-peptide linking'          y ALANINE                                  ? 'C3 H7 N O2'     89.093  
ARG 'L-peptide linking'          y ARGININE                                 ? 'C6 H15 N4 O2 1' 175.209 
ASN 'L-peptide linking'          y ASPARAGINE                               ? 'C4 H8 N2 O3'    132.118 
ASP 'L-peptide linking'          y 'ASPARTIC ACID'                          ? 'C4 H7 N O4'     133.103 
BMA 'D-saccharide, beta linking' . beta-D-mannopyranose                     'beta-D-mannose; D-mannose; mannose' 'C6 H12 O6'      
180.156 
CYS 'L-peptide linking'          y CYSTEINE                                 ? 'C3 H7 N O2 S'   121.158 
GLN 'L-peptide linking'          y GLUTAMINE                                ? 'C5 H10 N2 O3'   146.144 
GLU 'L-peptide linking'          y 'GLUTAMIC ACID'                          ? 'C5 H9 N O4'     147.129 
GLY 'peptide linking'            y GLYCINE                                  ? 'C2 H5 N O2'     75.067  
HIS 'L-peptide linking'          y HISTIDINE                                ? 'C6 H10 N3 O2 1' 156.162 
HOH non-polymer                  . WATER                                    ? 'H2 O'           18.015  
ILE 'L-peptide linking'          y ISOLEUCINE                               ? 'C6 H13 N O2'    131.173 
LEU 'L-peptide linking'          y LEUCINE                                  ? 'C6 H13 N O2'    131.173 
LYS 'L-peptide linking'          y LYSINE                                   ? 'C6 H15 N2 O2 1' 147.195 
MET 'L-peptide linking'          y METHIONINE                               ? 'C5 H11 N O2 S'  149.211 
NAG 'D-saccharide, beta linking' . 2-acetamido-2-deoxy-beta-D-glucopyranose 
;N-acetyl-beta-D-glucosamine; 2-acetamido-2-deoxy-beta-D-glucose; 2-acetamido-2-deoxy-D-glucose; 2-acetamido-2-deoxy-glucose; N-ACETYL-D-GLUCOSAMINE
;
'C8 H15 N O6'    221.208 
PHE 'L-peptide linking'          y PHENYLALANINE                            ? 'C9 H11 N O2'    165.189 
PRO 'L-peptide linking'          y PROLINE                                  ? 'C5 H9 N O2'     115.130 
SER 'L-peptide linking'          y SERINE                                   ? 'C3 H7 N O3'     105.093 
THR 'L-peptide linking'          y THREONINE                                ? 'C4 H9 N O3'     119.119 
TRP 'L-peptide linking'          y TRYPTOPHAN                               ? 'C11 H12 N2 O2'  204.225 
TYR 'L-peptide linking'          y TYROSINE                                 ? 'C9 H11 N O3'    181.189 
VAL 'L-peptide linking'          y VALINE                                   ? 'C5 H11 N O2'    117.146 
# 
loop_
_pdbx_chem_comp_identifier.comp_id 
_pdbx_chem_comp_identifier.type 
_pdbx_chem_comp_identifier.program 
_pdbx_chem_comp_identifier.program_version 
_pdbx_chem_comp_identifier.identifier 
BMA 'CONDENSED IUPAC CARBOHYDRATE SYMBOL' GMML     1.0 DManpb                         
BMA 'COMMON NAME'                         GMML     1.0 b-D-mannopyranose              
BMA 'IUPAC CARBOHYDRATE SYMBOL'           PDB-CARE 1.0 b-D-Manp                       
BMA 'SNFG CARBOHYDRATE SYMBOL'            GMML     1.0 Man                            
NAG 'CONDENSED IUPAC CARBOHYDRATE SYMBOL' GMML     1.0 DGlcpNAcb                      
NAG 'COMMON NAME'                         GMML     1.0 N-acetyl-b-D-glucopyranosamine 
NAG 'IUPAC CARBOHYDRATE SYMBOL'           PDB-CARE 1.0 b-D-GlcpNAc                    
NAG 'SNFG CARBOHYDRATE SYMBOL'            GMML     1.0 GlcNAc                         
# 
loop_
_pdbx_poly_seq_scheme.asym_id 
_pdbx_poly_seq_scheme.entity_id 
_pdbx_poly_seq_scheme.seq_id 
_pdbx_poly_seq_scheme.mon_id 
_pdbx_poly_seq_scheme.ndb_seq_num 
_pdbx_poly_seq_scheme.pdb_seq_num 
_pdbx_poly_seq_scheme.auth_seq_num 
_pdbx_poly_seq_scheme.pdb_mon_id 
_pdbx_poly_seq_scheme.auth_mon_id 
_pdbx_poly_seq_scheme.pdb_strand_id 
_pdbx_poly_seq_scheme.pdb_ins_code 
_pdbx_poly_seq_scheme.hetero 
A 1 1   GLN 1   4   ?  ?   ?   A . n 
A 1 2   GLN 2   5   ?  ?   ?   A . n 
A 1 3   LEU 3   6   6  LEU LEU A . n 
A 1 4   PRO 4   7   7  PRO PRO A . n 
A 1 5   GLN 5   8   8  GLN GLN A . n 
A 1 6   PRO 6   9   9  PRO PRO A . n 
A 1 7   SER 7   10  10 SER SER A . n 
A 1 8   LEU 8   11  11 LEU LEU A . n 
A 1 9   SER 9   12  12 SER SER A . n 
A 1 10  LEU 10  13  13 LEU LEU A . n 
A 1 11  HIS 11  14  14 HIS HIS A . n 
A 1 12  PRO 12  15  15 PRO PRO A . n 
A 1 13  SER 13  16  16 SER SER A . n 
A 1 14  GLN 14  17  17 GLN GLN A . n 
A 1 15  GLY 15  18  18 GLY GLY A . n 
A 1 16  VAL 16  19  19 VAL VAL A . n 
A 1 17  SER 17  20  20 SER SER A . n 
A 1 18  LEU 18  21  21 LEU LEU A . n 
A 1 19  GLY 19  22  22 GLY GLY A . n 
A 1 20  ASP 20  23  23 ASP ASP A . n 
A 1 21  THR 21  24  24 THR THR A . n 
A 1 22  VAL 22  25  25 VAL VAL A . n 
A 1 23  THR 23  26  26 THR THR A . n 
A 1 24  LEU 24  27  27 LEU LEU A . n 
A 1 25  ARG 25  28  28 ARG ARG A . n 
A 1 26  CYS 26  29  29 CYS CYS A . n 
A 1 27  HIS 27  30  30 HIS HIS A . n 
A 1 28  LEU 28  31  31 LEU LEU A . n 
A 1 29  PRO 29  32  32 PRO PRO A . n 
A 1 30  ARG 30  33  33 ARG ARG A . n 
A 1 31  MET 31  34  34 MET MET A . n 
A 1 32  ALA 32  35  35 ALA ALA A . n 
A 1 33  ALA 33  36  36 ALA ALA A . n 
A 1 34  TRP 34  37  37 TRP TRP A . n 
A 1 35  VAL 35  38  38 VAL VAL A . n 
A 1 36  GLN 36  39  39 GLN GLN A . n 
A 1 37  LEU 37  40  40 LEU LEU A . n 
A 1 38  TRP 38  41  41 TRP TRP A . n 
A 1 39  LEU 39  42  42 LEU LEU A . n 
A 1 40  ASN 40  43  43 ASN ASN A . n 
A 1 41  GLY 41  44  44 GLY GLY A . n 
A 1 42  THR 42  45  45 THR THR A . n 
A 1 43  LEU 43  46  46 LEU LEU A . n 
A 1 44  ARG 44  47  47 ARG ARG A . n 
A 1 45  PHE 45  48  48 PHE PHE A . n 
A 1 46  ASP 46  49  49 ASP ASP A . n 
A 1 47  LYS 47  50  50 LYS LYS A . n 
A 1 48  GLU 48  51  51 GLU GLU A . n 
A 1 49  LYS 49  52  52 LYS LYS A . n 
A 1 50  ASP 50  53  53 ASP ASP A . n 
A 1 51  LYS 51  54  54 LYS LYS A . n 
A 1 52  GLU 52  55  55 GLU GLU A . n 
A 1 53  GLN 53  56  56 GLN GLN A . n 
A 1 54  ASP 54  57  57 ASP ASP A . n 
A 1 55  ALA 55  58  58 ALA ALA A . n 
A 1 56  ALA 56  59  59 ALA ALA A . n 
A 1 57  GLU 57  60  60 GLU GLU A . n 
A 1 58  PHE 58  61  61 PHE PHE A . n 
A 1 59  SER 59  62  62 SER SER A . n 
A 1 60  PHE 60  63  63 PHE PHE A . n 
A 1 61  ALA 61  64  64 ALA ALA A . n 
A 1 62  VAL 62  65  65 VAL VAL A . n 
A 1 63  THR 63  66  66 THR THR A . n 
A 1 64  ASN 64  67  67 ASN ASN A . n 
A 1 65  LEU 65  68  68 LEU LEU A . n 
A 1 66  GLU 66  69  69 GLU GLU A . n 
A 1 67  ASP 67  70  70 ASP ASP A . n 
A 1 68  ALA 68  71  71 ALA ALA A . n 
A 1 69  GLY 69  72  72 GLY GLY A . n 
A 1 70  THR 70  73  73 THR THR A . n 
A 1 71  TYR 71  74  74 TYR TYR A . n 
A 1 72  GLN 72  75  75 GLN GLN A . n 
A 1 73  CYS 73  76  76 CYS CYS A . n 
A 1 74  ARG 74  77  77 ARG ARG A . n 
A 1 75  TYR 75  78  78 TYR TYR A . n 
A 1 76  GLN 76  79  79 GLN GLN A . n 
A 1 77  VAL 77  80  80 VAL VAL A . n 
A 1 78  SER 78  81  81 SER SER A . n 
A 1 79  GLU 79  82  82 GLU GLU A . n 
A 1 80  PRO 80  83  83 PRO PRO A . n 
A 1 81  LEU 81  84  84 LEU LEU A . n 
A 1 82  TRP 82  85  85 TRP TRP A . n 
A 1 83  THR 83  86  86 THR THR A . n 
A 1 84  SER 84  87  87 SER SER A . n 
A 1 85  ASN 85  88  88 ASN ASN A . n 
A 1 86  GLN 86  89  89 GLN GLN A . n 
A 1 87  SER 87  90  90 SER SER A . n 
A 1 88  ASP 88  91  91 ASP ASP A . n 
A 1 89  PRO 89  92  92 PRO PRO A . n 
A 1 90  VAL 90  93  93 VAL VAL A . n 
A 1 91  GLU 91  94  94 GLU GLU A . n 
A 1 92  LEU 92  95  95 LEU LEU A . n 
A 1 93  VAL 93  96  96 VAL VAL A . n 
A 1 94  LEU 94  97  97 LEU LEU A . n 
A 1 95  THR 95  98  98 THR THR A . n 
A 1 96  ILE 96  99  ?  ?   ?   A . n 
A 1 97  GLU 97  100 ?  ?   ?   A . n 
A 1 98  GLY 98  101 ?  ?   ?   A . n 
A 1 99  ARG 99  102 ?  ?   ?   A . n 
A 1 100 HIS 100 103 ?  ?   ?   A . n 
A 1 101 HIS 101 104 ?  ?   ?   A . n 
A 1 102 HIS 102 105 ?  ?   ?   A . n 
A 1 103 HIS 103 106 ?  ?   ?   A . n 
A 1 104 HIS 104 107 ?  ?   ?   A . n 
A 1 105 HIS 105 108 ?  ?   ?   A . n 
# 
loop_
_pdbx_branch_scheme.asym_id 
_pdbx_branch_scheme.entity_id 
_pdbx_branch_scheme.mon_id 
_pdbx_branch_scheme.num 
_pdbx_branch_scheme.pdb_asym_id 
_pdbx_branch_scheme.pdb_mon_id 
_pdbx_branch_scheme.pdb_seq_num 
_pdbx_branch_scheme.auth_asym_id 
_pdbx_branch_scheme.auth_mon_id 
_pdbx_branch_scheme.auth_seq_num 
_pdbx_branch_scheme.hetero 
B 2 NAG 1 B NAG 1 A NAG 1099 n 
B 2 NAG 2 B NAG 2 A NDG 1100 n 
B 2 BMA 3 B BMA 3 A MAN 1101 n 
# 
loop_
_pdbx_nonpoly_scheme.asym_id 
_pdbx_nonpoly_scheme.entity_id 
_pdbx_nonpoly_scheme.mon_id 
_pdbx_nonpoly_scheme.ndb_seq_num 
_pdbx_nonpoly_scheme.pdb_seq_num 
_pdbx_nonpoly_scheme.auth_seq_num 
_pdbx_nonpoly_scheme.pdb_mon_id 
_pdbx_nonpoly_scheme.auth_mon_id 
_pdbx_nonpoly_scheme.pdb_strand_id 
_pdbx_nonpoly_scheme.pdb_ins_code 
C 3 HOH 1   2001 2001 HOH HOH A . 
C 3 HOH 2   2002 2002 HOH HOH A . 
C 3 HOH 3   2003 2003 HOH HOH A . 
C 3 HOH 4   2004 2004 HOH HOH A . 
C 3 HOH 5   2005 2005 HOH HOH A . 
C 3 HOH 6   2006 2006 HOH HOH A . 
C 3 HOH 7   2007 2007 HOH HOH A . 
C 3 HOH 8   2008 2008 HOH HOH A . 
C 3 HOH 9   2009 2009 HOH HOH A . 
C 3 HOH 10  2010 2010 HOH HOH A . 
C 3 HOH 11  2011 2011 HOH HOH A . 
C 3 HOH 12  2012 2012 HOH HOH A . 
C 3 HOH 13  2013 2013 HOH HOH A . 
C 3 HOH 14  2014 2014 HOH HOH A . 
C 3 HOH 15  2015 2015 HOH HOH A . 
C 3 HOH 16  2016 2016 HOH HOH A . 
C 3 HOH 17  2017 2017 HOH HOH A . 
C 3 HOH 18  2018 2018 HOH HOH A . 
C 3 HOH 19  2019 2019 HOH HOH A . 
C 3 HOH 20  2020 2020 HOH HOH A . 
C 3 HOH 21  2021 2021 HOH HOH A . 
C 3 HOH 22  2022 2022 HOH HOH A . 
C 3 HOH 23  2023 2023 HOH HOH A . 
C 3 HOH 24  2024 2024 HOH HOH A . 
C 3 HOH 25  2025 2025 HOH HOH A . 
C 3 HOH 26  2026 2026 HOH HOH A . 
C 3 HOH 27  2027 2027 HOH HOH A . 
C 3 HOH 28  2028 2028 HOH HOH A . 
C 3 HOH 29  2029 2029 HOH HOH A . 
C 3 HOH 30  2030 2030 HOH HOH A . 
C 3 HOH 31  2031 2031 HOH HOH A . 
C 3 HOH 32  2032 2032 HOH HOH A . 
C 3 HOH 33  2033 2033 HOH HOH A . 
C 3 HOH 34  2034 2034 HOH HOH A . 
C 3 HOH 35  2035 2035 HOH HOH A . 
C 3 HOH 36  2036 2036 HOH HOH A . 
C 3 HOH 37  2037 2037 HOH HOH A . 
C 3 HOH 38  2038 2038 HOH HOH A . 
C 3 HOH 39  2039 2039 HOH HOH A . 
C 3 HOH 40  2040 2040 HOH HOH A . 
C 3 HOH 41  2041 2041 HOH HOH A . 
C 3 HOH 42  2042 2042 HOH HOH A . 
C 3 HOH 43  2043 2043 HOH HOH A . 
C 3 HOH 44  2044 2044 HOH HOH A . 
C 3 HOH 45  2045 2045 HOH HOH A . 
C 3 HOH 46  2046 2046 HOH HOH A . 
C 3 HOH 47  2047 2047 HOH HOH A . 
C 3 HOH 48  2048 2048 HOH HOH A . 
C 3 HOH 49  2049 2049 HOH HOH A . 
C 3 HOH 50  2050 2050 HOH HOH A . 
C 3 HOH 51  2051 2051 HOH HOH A . 
C 3 HOH 52  2052 2052 HOH HOH A . 
C 3 HOH 53  2053 2053 HOH HOH A . 
C 3 HOH 54  2054 2054 HOH HOH A . 
C 3 HOH 55  2055 2055 HOH HOH A . 
C 3 HOH 56  2056 2056 HOH HOH A . 
C 3 HOH 57  2057 2057 HOH HOH A . 
C 3 HOH 58  2058 2058 HOH HOH A . 
C 3 HOH 59  2059 2059 HOH HOH A . 
C 3 HOH 60  2060 2060 HOH HOH A . 
C 3 HOH 61  2061 2061 HOH HOH A . 
C 3 HOH 62  2062 2062 HOH HOH A . 
C 3 HOH 63  2063 2063 HOH HOH A . 
C 3 HOH 64  2064 2064 HOH HOH A . 
C 3 HOH 65  2065 2065 HOH HOH A . 
C 3 HOH 66  2066 2066 HOH HOH A . 
C 3 HOH 67  2067 2067 HOH HOH A . 
C 3 HOH 68  2068 2068 HOH HOH A . 
C 3 HOH 69  2069 2069 HOH HOH A . 
C 3 HOH 70  2070 2070 HOH HOH A . 
C 3 HOH 71  2071 2071 HOH HOH A . 
C 3 HOH 72  2072 2072 HOH HOH A . 
C 3 HOH 73  2073 2073 HOH HOH A . 
C 3 HOH 74  2074 2074 HOH HOH A . 
C 3 HOH 75  2075 2075 HOH HOH A . 
C 3 HOH 76  2076 2076 HOH HOH A . 
C 3 HOH 77  2077 2077 HOH HOH A . 
C 3 HOH 78  2078 2078 HOH HOH A . 
C 3 HOH 79  2079 2079 HOH HOH A . 
C 3 HOH 80  2080 2080 HOH HOH A . 
C 3 HOH 81  2081 2081 HOH HOH A . 
C 3 HOH 82  2082 2082 HOH HOH A . 
C 3 HOH 83  2083 2083 HOH HOH A . 
C 3 HOH 84  2084 2084 HOH HOH A . 
C 3 HOH 85  2085 2085 HOH HOH A . 
C 3 HOH 86  2086 2086 HOH HOH A . 
C 3 HOH 87  2087 2087 HOH HOH A . 
C 3 HOH 88  2088 2088 HOH HOH A . 
C 3 HOH 89  2089 2089 HOH HOH A . 
C 3 HOH 90  2090 2090 HOH HOH A . 
C 3 HOH 91  2091 2091 HOH HOH A . 
C 3 HOH 92  2092 2092 HOH HOH A . 
C 3 HOH 93  2093 2093 HOH HOH A . 
C 3 HOH 94  2094 2094 HOH HOH A . 
C 3 HOH 95  2095 2095 HOH HOH A . 
C 3 HOH 96  2096 2096 HOH HOH A . 
C 3 HOH 97  2097 2097 HOH HOH A . 
C 3 HOH 98  2098 2098 HOH HOH A . 
C 3 HOH 99  2099 2099 HOH HOH A . 
C 3 HOH 100 2100 2100 HOH HOH A . 
C 3 HOH 101 2101 2101 HOH HOH A . 
C 3 HOH 102 2102 2102 HOH HOH A . 
C 3 HOH 103 2103 2103 HOH HOH A . 
C 3 HOH 104 2104 2104 HOH HOH A . 
# 
loop_
_pdbx_unobs_or_zero_occ_atoms.id 
_pdbx_unobs_or_zero_occ_atoms.PDB_model_num 
_pdbx_unobs_or_zero_occ_atoms.polymer_flag 
_pdbx_unobs_or_zero_occ_atoms.occupancy_flag 
_pdbx_unobs_or_zero_occ_atoms.auth_asym_id 
_pdbx_unobs_or_zero_occ_atoms.auth_comp_id 
_pdbx_unobs_or_zero_occ_atoms.auth_seq_id 
_pdbx_unobs_or_zero_occ_atoms.PDB_ins_code 
_pdbx_unobs_or_zero_occ_atoms.auth_atom_id 
_pdbx_unobs_or_zero_occ_atoms.label_alt_id 
_pdbx_unobs_or_zero_occ_atoms.label_asym_id 
_pdbx_unobs_or_zero_occ_atoms.label_comp_id 
_pdbx_unobs_or_zero_occ_atoms.label_seq_id 
_pdbx_unobs_or_zero_occ_atoms.label_atom_id 
1 1 Y 1 A GLU 55 ? CB  ? A GLU 52 CB  
2 1 Y 1 A GLU 55 ? CG  ? A GLU 52 CG  
3 1 Y 1 A GLU 55 ? CD  ? A GLU 52 CD  
4 1 Y 1 A GLU 55 ? OE1 ? A GLU 52 OE1 
5 1 Y 1 A GLU 55 ? OE2 ? A GLU 52 OE2 
# 
loop_
_software.name 
_software.classification 
_software.version 
_software.citation_id 
_software.pdbx_ordinal 
_software.date 
_software.type 
_software.location 
_software.language 
PHASER phasing    MOLREP   ? 1 ? ? ? ? 
AMoRE  phasing    .        ? 2 ? ? ? ? 
REFMAC refinement 5.2.0019 ? 3 ? ? ? ? 
# 
_cell.entry_id           2VSD 
_cell.length_a           63.695 
_cell.length_b           63.695 
_cell.length_c           55.453 
_cell.angle_alpha        90.00 
_cell.angle_beta         90.00 
_cell.angle_gamma        120.00 
_cell.Z_PDB              6 
_cell.pdbx_unique_axis   ? 
# 
_symmetry.entry_id                         2VSD 
_symmetry.space_group_name_H-M             'P 31 2 1' 
_symmetry.pdbx_full_space_group_name_H-M   ? 
_symmetry.cell_setting                     ? 
_symmetry.Int_Tables_number                152 
# 
_exptl.entry_id          2VSD 
_exptl.method            'X-RAY DIFFRACTION' 
_exptl.crystals_number   1 
# 
_exptl_crystal.id                    1 
_exptl_crystal.density_meas          ? 
_exptl_crystal.density_Matthews      2.41 
_exptl_crystal.density_percent_sol   48.9 
_exptl_crystal.description           NONE 
_exptl_crystal.preparation           ? 
# 
_exptl_crystal_grow.crystal_id      1 
_exptl_crystal_grow.method          'VAPOR DIFFUSION, HANGING DROP' 
_exptl_crystal_grow.temp            295 
_exptl_crystal_grow.temp_details    ? 
_exptl_crystal_grow.pH              8 
_exptl_crystal_grow.pdbx_pH_range   ? 
_exptl_crystal_grow.pdbx_details    '2M AMMONIUM SULFATE, pH 8' 
# 
_diffrn.id                               1 
_diffrn.ambient_temp                     100 
_diffrn.ambient_temp_details             ? 
_diffrn.crystal_id                       1 
_diffrn.pdbx_serial_crystal_experiment   ? 
# 
_diffrn_detector.area_resol_mean              ? 
_diffrn_detector.details                      ? 
_diffrn_detector.detector                     'IMAGE PLATE' 
_diffrn_detector.diffrn_id                    1 
_diffrn_detector.dtime                        ? 
_diffrn_detector.pdbx_collection_date         ? 
_diffrn_detector.pdbx_collection_time_total   ? 
_diffrn_detector.pdbx_frames_total            ? 
_diffrn_detector.pdbx_frequency               ? 
_diffrn_detector.type                         'RIGAKU RAXIS VII' 
# 
_diffrn_radiation.diffrn_id                        1 
_diffrn_radiation.wavelength_id                    1 
_diffrn_radiation.pdbx_monochromatic_or_laue_m_l   M 
_diffrn_radiation.monochromator                    ? 
_diffrn_radiation.pdbx_diffrn_protocol             'SINGLE WAVELENGTH' 
_diffrn_radiation.pdbx_scattering_type             x-ray 
# 
_diffrn_radiation_wavelength.id           1 
_diffrn_radiation_wavelength.wavelength   1.54 
_diffrn_radiation_wavelength.wt           1.0 
# 
_diffrn_source.diffrn_id                   1 
_diffrn_source.source                      'ROTATING ANODE' 
_diffrn_source.type                        RIGAKU 
_diffrn_source.pdbx_synchrotron_site       ? 
_diffrn_source.pdbx_synchrotron_beamline   ? 
_diffrn_source.pdbx_wavelength             1.54 
_diffrn_source.pdbx_wavelength_list        ? 
# 
_reflns.pdbx_diffrn_id               1 
_reflns.pdbx_ordinal                 1 
_reflns.entry_id                     2VSD 
_reflns.observed_criterion_sigma_I   2.0 
_reflns.observed_criterion_sigma_F   ? 
_reflns.d_resolution_low             27.70 
_reflns.d_resolution_high            1.80 
_reflns.number_obs                   10932 
_reflns.number_all                   ? 
_reflns.percent_possible_obs         95.9 
_reflns.pdbx_Rmerge_I_obs            0.04 
_reflns.pdbx_Rsym_value              ? 
_reflns.pdbx_netI_over_sigmaI        41.90 
_reflns.B_iso_Wilson_estimate        ? 
_reflns.pdbx_redundancy              3.8 
# 
_reflns_shell.pdbx_diffrn_id         1 
_reflns_shell.pdbx_ordinal           1 
_reflns_shell.d_res_high             1.82 
_reflns_shell.d_res_low              1.89 
_reflns_shell.percent_possible_all   93.9 
_reflns_shell.Rmerge_I_obs           0.43 
_reflns_shell.pdbx_Rsym_value        ? 
_reflns_shell.meanI_over_sigI_obs    4.30 
_reflns_shell.pdbx_redundancy        3.8 
# 
_refine.pdbx_refine_id                           'X-RAY DIFFRACTION' 
_refine.entry_id                                 2VSD 
_refine.pdbx_diffrn_id                           1 
_refine.pdbx_TLS_residual_ADP_flag               ? 
_refine.ls_number_reflns_obs                     10932 
_refine.ls_number_reflns_all                     ? 
_refine.pdbx_ls_sigma_I                          ? 
_refine.pdbx_ls_sigma_F                          ? 
_refine.pdbx_data_cutoff_high_absF               ? 
_refine.pdbx_data_cutoff_low_absF                ? 
_refine.pdbx_data_cutoff_high_rms_absF           ? 
_refine.ls_d_res_low                             27.62 
_refine.ls_d_res_high                            1.82 
_refine.ls_percent_reflns_obs                    95.9 
_refine.ls_R_factor_obs                          0.210 
_refine.ls_R_factor_all                          ? 
_refine.ls_R_factor_R_work                       0.207 
_refine.ls_R_factor_R_free                       0.247 
_refine.ls_R_factor_R_free_error                 ? 
_refine.ls_R_factor_R_free_error_details         ? 
_refine.ls_percent_reflns_R_free                 5.200 
_refine.ls_number_reflns_R_free                  599 
_refine.ls_number_parameters                     ? 
_refine.ls_number_restraints                     ? 
_refine.occupancy_min                            ? 
_refine.occupancy_max                            ? 
_refine.correlation_coeff_Fo_to_Fc               0.951 
_refine.correlation_coeff_Fo_to_Fc_free          0.928 
_refine.B_iso_mean                               29.33 
_refine.aniso_B[1][1]                            0.01000 
_refine.aniso_B[2][2]                            0.01000 
_refine.aniso_B[3][3]                            -0.02000 
_refine.aniso_B[1][2]                            0.01000 
_refine.aniso_B[1][3]                            0.00000 
_refine.aniso_B[2][3]                            0.00000 
_refine.solvent_model_details                    MASK 
_refine.solvent_model_param_ksol                 ? 
_refine.solvent_model_param_bsol                 ? 
_refine.pdbx_solvent_vdw_probe_radii             1.20 
_refine.pdbx_solvent_ion_probe_radii             0.80 
_refine.pdbx_solvent_shrinkage_radii             0.80 
_refine.pdbx_ls_cross_valid_method               THROUGHOUT 
_refine.details                                  'HYDROGENS HAVE BEEN ADDED IN THE RIDING POSITIONS.' 
_refine.pdbx_starting_model                      'PDB ENTRY 1VDG' 
_refine.pdbx_method_to_determine_struct          'MOLECULAR REPLACEMENT' 
_refine.pdbx_isotropic_thermal_model             ? 
_refine.pdbx_stereochemistry_target_values       'MAXIMUM LIKELIHOOD' 
_refine.pdbx_stereochem_target_val_spec_case     ? 
_refine.pdbx_R_Free_selection_details            RANDOM 
_refine.pdbx_overall_ESU_R                       0.134 
_refine.pdbx_overall_ESU_R_Free                  0.131 
_refine.overall_SU_ML                            0.089 
_refine.pdbx_overall_phase_error                 ? 
_refine.overall_SU_B                             2.798 
_refine.overall_SU_R_Cruickshank_DPI             ? 
_refine.pdbx_overall_SU_R_free_Cruickshank_DPI   ? 
_refine.pdbx_overall_SU_R_Blow_DPI               ? 
_refine.pdbx_overall_SU_R_free_Blow_DPI          ? 
# 
_refine_hist.pdbx_refine_id                   'X-RAY DIFFRACTION' 
_refine_hist.cycle_id                         LAST 
_refine_hist.pdbx_number_atoms_protein        732 
_refine_hist.pdbx_number_atoms_nucleic_acid   0 
_refine_hist.pdbx_number_atoms_ligand         39 
_refine_hist.number_atoms_solvent             104 
_refine_hist.number_atoms_total               875 
_refine_hist.d_res_high                       1.82 
_refine_hist.d_res_low                        27.62 
# 
loop_
_refine_ls_restr.type 
_refine_ls_restr.dev_ideal 
_refine_ls_restr.dev_ideal_target 
_refine_ls_restr.weight 
_refine_ls_restr.number 
_refine_ls_restr.pdbx_refine_id 
_refine_ls_restr.pdbx_restraint_function 
r_bond_refined_d             0.013  0.021  ? 793  'X-RAY DIFFRACTION' ? 
r_bond_other_d               ?      ?      ? ?    'X-RAY DIFFRACTION' ? 
r_angle_refined_deg          1.868  2.013  ? 1087 'X-RAY DIFFRACTION' ? 
r_angle_other_deg            ?      ?      ? ?    'X-RAY DIFFRACTION' ? 
r_dihedral_angle_1_deg       7.379  5.000  ? 92   'X-RAY DIFFRACTION' ? 
r_dihedral_angle_2_deg       36.499 24.857 ? 35   'X-RAY DIFFRACTION' ? 
r_dihedral_angle_3_deg       14.383 15.000 ? 120  'X-RAY DIFFRACTION' ? 
r_dihedral_angle_4_deg       13.523 15.000 ? 4    'X-RAY DIFFRACTION' ? 
r_chiral_restr               0.141  0.200  ? 129  'X-RAY DIFFRACTION' ? 
r_gen_planes_refined         0.006  0.020  ? 583  'X-RAY DIFFRACTION' ? 
r_gen_planes_other           ?      ?      ? ?    'X-RAY DIFFRACTION' ? 
r_nbd_refined                0.215  0.200  ? 323  'X-RAY DIFFRACTION' ? 
r_nbd_other                  ?      ?      ? ?    'X-RAY DIFFRACTION' ? 
r_nbtor_refined              0.312  0.200  ? 531  'X-RAY DIFFRACTION' ? 
r_nbtor_other                ?      ?      ? ?    'X-RAY DIFFRACTION' ? 
r_xyhbond_nbd_refined        0.139  0.200  ? 76   'X-RAY DIFFRACTION' ? 
r_xyhbond_nbd_other          ?      ?      ? ?    'X-RAY DIFFRACTION' ? 
r_metal_ion_refined          ?      ?      ? ?    'X-RAY DIFFRACTION' ? 
r_metal_ion_other            ?      ?      ? ?    'X-RAY DIFFRACTION' ? 
r_symmetry_vdw_refined       0.161  0.200  ? 27   'X-RAY DIFFRACTION' ? 
r_symmetry_vdw_other         ?      ?      ? ?    'X-RAY DIFFRACTION' ? 
r_symmetry_hbond_refined     0.207  0.200  ? 11   'X-RAY DIFFRACTION' ? 
r_symmetry_hbond_other       ?      ?      ? ?    'X-RAY DIFFRACTION' ? 
r_symmetry_metal_ion_refined ?      ?      ? ?    'X-RAY DIFFRACTION' ? 
r_symmetry_metal_ion_other   ?      ?      ? ?    'X-RAY DIFFRACTION' ? 
r_mcbond_it                  1.176  1.500  ? 475  'X-RAY DIFFRACTION' ? 
r_mcbond_other               ?      ?      ? ?    'X-RAY DIFFRACTION' ? 
r_mcangle_it                 1.947  2.000  ? 752  'X-RAY DIFFRACTION' ? 
r_mcangle_other              ?      ?      ? ?    'X-RAY DIFFRACTION' ? 
r_scbond_it                  2.473  3.000  ? 358  'X-RAY DIFFRACTION' ? 
r_scbond_other               ?      ?      ? ?    'X-RAY DIFFRACTION' ? 
r_scangle_it                 3.684  4.500  ? 335  'X-RAY DIFFRACTION' ? 
r_scangle_other              ?      ?      ? ?    'X-RAY DIFFRACTION' ? 
r_long_range_B_refined       ?      ?      ? ?    'X-RAY DIFFRACTION' ? 
r_long_range_B_other         ?      ?      ? ?    'X-RAY DIFFRACTION' ? 
r_rigid_bond_restr           ?      ?      ? ?    'X-RAY DIFFRACTION' ? 
r_sphericity_free            ?      ?      ? ?    'X-RAY DIFFRACTION' ? 
r_sphericity_bonded          ?      ?      ? ?    'X-RAY DIFFRACTION' ? 
# 
_refine_ls_shell.pdbx_refine_id                   'X-RAY DIFFRACTION' 
_refine_ls_shell.pdbx_total_number_of_bins_used   20 
_refine_ls_shell.d_res_high                       1.82 
_refine_ls_shell.d_res_low                        1.87 
_refine_ls_shell.number_reflns_R_work             781 
_refine_ls_shell.R_factor_R_work                  0.2760 
_refine_ls_shell.percent_reflns_obs               ? 
_refine_ls_shell.R_factor_R_free                  0.2900 
_refine_ls_shell.R_factor_R_free_error            ? 
_refine_ls_shell.percent_reflns_R_free            ? 
_refine_ls_shell.number_reflns_R_free             38 
_refine_ls_shell.number_reflns_all                ? 
_refine_ls_shell.R_factor_all                     ? 
# 
_struct.entry_id                  2VSD 
_struct.title                     'crystal structure of CHIR-AB1' 
_struct.pdbx_model_details        ? 
_struct.pdbx_CASP_flag            ? 
_struct.pdbx_model_type_details   ? 
# 
_struct_keywords.entry_id        2VSD 
_struct_keywords.pdbx_keywords   'IMMUNE SYSTEM RECEPTOR' 
_struct_keywords.text            'IMMUNE SYSTEM RECEPTOR, FC RECEPTOR' 
# 
loop_
_struct_asym.id 
_struct_asym.pdbx_blank_PDB_chainid_flag 
_struct_asym.pdbx_modified 
_struct_asym.entity_id 
_struct_asym.details 
A N N 1 ? 
B N N 2 ? 
C N N 3 ? 
# 
loop_
_struct_ref.id 
_struct_ref.db_name 
_struct_ref.db_code 
_struct_ref.entity_id 
_struct_ref.pdbx_seq_one_letter_code 
_struct_ref.pdbx_align_begin 
_struct_ref.pdbx_db_accession 
_struct_ref.pdbx_db_isoform 
1 UNP Q5ZJ90_CHICK 1 ? ? Q5ZJ90 ? 
2 PDB 2VSD         1 ? ? 2VSD   ? 
# 
loop_
_struct_ref_seq.align_id 
_struct_ref_seq.ref_id 
_struct_ref_seq.pdbx_PDB_id_code 
_struct_ref_seq.pdbx_strand_id 
_struct_ref_seq.seq_align_beg 
_struct_ref_seq.pdbx_seq_align_beg_ins_code 
_struct_ref_seq.seq_align_end 
_struct_ref_seq.pdbx_seq_align_end_ins_code 
_struct_ref_seq.pdbx_db_accession 
_struct_ref_seq.db_align_beg 
_struct_ref_seq.pdbx_db_align_beg_ins_code 
_struct_ref_seq.db_align_end 
_struct_ref_seq.pdbx_db_align_end_ins_code 
_struct_ref_seq.pdbx_auth_seq_align_beg 
_struct_ref_seq.pdbx_auth_seq_align_end 
1 1 2VSD A 1  ? 95  ? Q5ZJ90 21 ? 115 ? 4  98  
2 2 2VSD A 96 ? 105 ? 2VSD   99 ? 108 ? 99 108 
# 
loop_
_struct_ref_seq_dif.align_id 
_struct_ref_seq_dif.pdbx_pdb_id_code 
_struct_ref_seq_dif.mon_id 
_struct_ref_seq_dif.pdbx_pdb_strand_id 
_struct_ref_seq_dif.seq_num 
_struct_ref_seq_dif.pdbx_pdb_ins_code 
_struct_ref_seq_dif.pdbx_seq_db_name 
_struct_ref_seq_dif.pdbx_seq_db_accession_code 
_struct_ref_seq_dif.db_mon_id 
_struct_ref_seq_dif.pdbx_seq_db_seq_num 
_struct_ref_seq_dif.details 
_struct_ref_seq_dif.pdbx_auth_seq_num 
_struct_ref_seq_dif.pdbx_ordinal 
1 2VSD GLN A 5  ? UNP Q5ZJ90 ARG 25  conflict 8  1 
1 2VSD THR A 21 ? UNP Q5ZJ90 ASN 41  conflict 24 2 
1 2VSD ASP A 46 ? UNP Q5ZJ90 ASN 66  conflict 49 3 
1 2VSD ASN A 85 ? UNP Q5ZJ90 LYS 105 conflict 88 4 
1 2VSD GLN A 86 ? UNP Q5ZJ90 LYS 106 conflict 89 5 
# 
_pdbx_struct_assembly.id                   1 
_pdbx_struct_assembly.details              author_and_software_defined_assembly 
_pdbx_struct_assembly.method_details       PQS 
_pdbx_struct_assembly.oligomeric_details   dimeric 
_pdbx_struct_assembly.oligomeric_count     2 
# 
loop_
_pdbx_struct_assembly_prop.biol_id 
_pdbx_struct_assembly_prop.type 
_pdbx_struct_assembly_prop.value 
_pdbx_struct_assembly_prop.details 
1 'ABSA (A^2)' 1820  ? 
1 MORE         -13.9 ? 
1 'SSA (A^2)'  11880 ? 
# 
_pdbx_struct_assembly_gen.assembly_id       1 
_pdbx_struct_assembly_gen.oper_expression   1,2 
_pdbx_struct_assembly_gen.asym_id_list      A,B,C 
# 
loop_
_pdbx_struct_oper_list.id 
_pdbx_struct_oper_list.type 
_pdbx_struct_oper_list.name 
_pdbx_struct_oper_list.symmetry_operation 
_pdbx_struct_oper_list.matrix[1][1] 
_pdbx_struct_oper_list.matrix[1][2] 
_pdbx_struct_oper_list.matrix[1][3] 
_pdbx_struct_oper_list.vector[1] 
_pdbx_struct_oper_list.matrix[2][1] 
_pdbx_struct_oper_list.matrix[2][2] 
_pdbx_struct_oper_list.matrix[2][3] 
_pdbx_struct_oper_list.vector[2] 
_pdbx_struct_oper_list.matrix[3][1] 
_pdbx_struct_oper_list.matrix[3][2] 
_pdbx_struct_oper_list.matrix[3][3] 
_pdbx_struct_oper_list.vector[3] 
1 'identity operation'         1_555 x,y,z              1.0000000000  0.0000000000 0.0000000000 0.0000000000   0.0000000000 1.0000000000  0.0000000000 0.0000000000  0.0000000000 0.0000000000 1.0000000000  0.0000000000  
2 'crystal symmetry operation' 6_765 -x+2,-x+y+1,-z+1/3 -0.2730649249 0.8390724601 0.4705241265 -19.0691776204 0.8390724601 -0.0314917833 0.5431074243 10.5975611139 0.4705241265 0.5431074243 -0.6954432918 10.5625452786 
# 
_struct_conf.conf_type_id            HELX_P 
_struct_conf.id                      HELX_P1 
_struct_conf.pdbx_PDB_helix_id       1 
_struct_conf.beg_label_comp_id       ASN 
_struct_conf.beg_label_asym_id       A 
_struct_conf.beg_label_seq_id        64 
_struct_conf.pdbx_beg_PDB_ins_code   ? 
_struct_conf.end_label_comp_id       ALA 
_struct_conf.end_label_asym_id       A 
_struct_conf.end_label_seq_id        68 
_struct_conf.pdbx_end_PDB_ins_code   ? 
_struct_conf.beg_auth_comp_id        ASN 
_struct_conf.beg_auth_asym_id        A 
_struct_conf.beg_auth_seq_id         67 
_struct_conf.end_auth_comp_id        ALA 
_struct_conf.end_auth_asym_id        A 
_struct_conf.end_auth_seq_id         71 
_struct_conf.pdbx_PDB_helix_class    5 
_struct_conf.details                 ? 
_struct_conf.pdbx_PDB_helix_length   5 
# 
_struct_conf_type.id          HELX_P 
_struct_conf_type.criteria    ? 
_struct_conf_type.reference   ? 
# 
loop_
_struct_conn.id 
_struct_conn.conn_type_id 
_struct_conn.pdbx_leaving_atom_flag 
_struct_conn.pdbx_PDB_id 
_struct_conn.ptnr1_label_asym_id 
_struct_conn.ptnr1_label_comp_id 
_struct_conn.ptnr1_label_seq_id 
_struct_conn.ptnr1_label_atom_id 
_struct_conn.pdbx_ptnr1_label_alt_id 
_struct_conn.pdbx_ptnr1_PDB_ins_code 
_struct_conn.pdbx_ptnr1_standard_comp_id 
_struct_conn.ptnr1_symmetry 
_struct_conn.ptnr2_label_asym_id 
_struct_conn.ptnr2_label_comp_id 
_struct_conn.ptnr2_label_seq_id 
_struct_conn.ptnr2_label_atom_id 
_struct_conn.pdbx_ptnr2_label_alt_id 
_struct_conn.pdbx_ptnr2_PDB_ins_code 
_struct_conn.ptnr1_auth_asym_id 
_struct_conn.ptnr1_auth_comp_id 
_struct_conn.ptnr1_auth_seq_id 
_struct_conn.ptnr2_auth_asym_id 
_struct_conn.ptnr2_auth_comp_id 
_struct_conn.ptnr2_auth_seq_id 
_struct_conn.ptnr2_symmetry 
_struct_conn.pdbx_ptnr3_label_atom_id 
_struct_conn.pdbx_ptnr3_label_seq_id 
_struct_conn.pdbx_ptnr3_label_comp_id 
_struct_conn.pdbx_ptnr3_label_asym_id 
_struct_conn.pdbx_ptnr3_label_alt_id 
_struct_conn.pdbx_ptnr3_PDB_ins_code 
_struct_conn.details 
_struct_conn.pdbx_dist_value 
_struct_conn.pdbx_value_order 
_struct_conn.pdbx_role 
disulf1 disulf ?    ? A CYS 26 SG  ? ? ? 1_555 A CYS 73 SG ? ? A CYS 29 A CYS 76 1_555 ? ? ? ? ? ? ? 2.058 ? ?               
covale1 covale one  ? A ASN 40 ND2 ? ? ? 1_555 B NAG .  C1 ? ? A ASN 43 B NAG 1  1_555 ? ? ? ? ? ? ? 1.453 ? N-Glycosylation 
covale2 covale both ? B NAG .  O4  ? ? ? 1_555 B NAG .  C1 ? ? B NAG 1  B NAG 2  1_555 ? ? ? ? ? ? ? 1.458 ? ?               
covale3 covale both ? B NAG .  O4  ? ? ? 1_555 B BMA .  C1 ? ? B NAG 2  B BMA 3  1_555 ? ? ? ? ? ? ? 1.425 ? ?               
# 
loop_
_struct_conn_type.id 
_struct_conn_type.criteria 
_struct_conn_type.reference 
disulf ? ? 
covale ? ? 
# 
loop_
_pdbx_modification_feature.ordinal 
_pdbx_modification_feature.label_comp_id 
_pdbx_modification_feature.label_asym_id 
_pdbx_modification_feature.label_seq_id 
_pdbx_modification_feature.label_alt_id 
_pdbx_modification_feature.modified_residue_label_comp_id 
_pdbx_modification_feature.modified_residue_label_asym_id 
_pdbx_modification_feature.modified_residue_label_seq_id 
_pdbx_modification_feature.modified_residue_label_alt_id 
_pdbx_modification_feature.auth_comp_id 
_pdbx_modification_feature.auth_asym_id 
_pdbx_modification_feature.auth_seq_id 
_pdbx_modification_feature.PDB_ins_code 
_pdbx_modification_feature.symmetry 
_pdbx_modification_feature.modified_residue_auth_comp_id 
_pdbx_modification_feature.modified_residue_auth_asym_id 
_pdbx_modification_feature.modified_residue_auth_seq_id 
_pdbx_modification_feature.modified_residue_PDB_ins_code 
_pdbx_modification_feature.modified_residue_symmetry 
_pdbx_modification_feature.comp_id_linking_atom 
_pdbx_modification_feature.modified_residue_id_linking_atom 
_pdbx_modification_feature.modified_residue_id 
_pdbx_modification_feature.ref_pcm_id 
_pdbx_modification_feature.ref_comp_id 
_pdbx_modification_feature.type 
_pdbx_modification_feature.category 
1 NAG B .  ? ASN A 40 ? NAG B 1  ? 1_555 ASN A 43 ? 1_555 C1 ND2 ASN 1 NAG N-Glycosylation Carbohydrate       
2 CYS A 26 ? CYS A 73 ? CYS A 29 ? 1_555 CYS A 76 ? 1_555 SG SG  .   . .   None            'Disulfide bridge' 
# 
loop_
_struct_mon_prot_cis.pdbx_id 
_struct_mon_prot_cis.label_comp_id 
_struct_mon_prot_cis.label_seq_id 
_struct_mon_prot_cis.label_asym_id 
_struct_mon_prot_cis.label_alt_id 
_struct_mon_prot_cis.pdbx_PDB_ins_code 
_struct_mon_prot_cis.auth_comp_id 
_struct_mon_prot_cis.auth_seq_id 
_struct_mon_prot_cis.auth_asym_id 
_struct_mon_prot_cis.pdbx_label_comp_id_2 
_struct_mon_prot_cis.pdbx_label_seq_id_2 
_struct_mon_prot_cis.pdbx_label_asym_id_2 
_struct_mon_prot_cis.pdbx_PDB_ins_code_2 
_struct_mon_prot_cis.pdbx_auth_comp_id_2 
_struct_mon_prot_cis.pdbx_auth_seq_id_2 
_struct_mon_prot_cis.pdbx_auth_asym_id_2 
_struct_mon_prot_cis.pdbx_PDB_model_num 
_struct_mon_prot_cis.pdbx_omega_angle 
1 HIS 11 A . ? HIS 14 A PRO 12 A ? PRO 15 A 1 -10.44 
2 GLU 79 A . ? GLU 82 A PRO 80 A ? PRO 83 A 1 -4.50  
# 
loop_
_struct_sheet.id 
_struct_sheet.type 
_struct_sheet.number_strands 
_struct_sheet.details 
AA ? 3 ? 
AB ? 4 ? 
AC ? 4 ? 
# 
loop_
_struct_sheet_order.sheet_id 
_struct_sheet_order.range_id_1 
_struct_sheet_order.range_id_2 
_struct_sheet_order.offset 
_struct_sheet_order.sense 
AA 1 2 ? anti-parallel 
AA 2 3 ? anti-parallel 
AB 1 2 ? anti-parallel 
AB 2 3 ? anti-parallel 
AB 3 4 ? anti-parallel 
AC 1 2 ? anti-parallel 
AC 2 3 ? anti-parallel 
AC 3 4 ? anti-parallel 
# 
loop_
_struct_sheet_range.sheet_id 
_struct_sheet_range.id 
_struct_sheet_range.beg_label_comp_id 
_struct_sheet_range.beg_label_asym_id 
_struct_sheet_range.beg_label_seq_id 
_struct_sheet_range.pdbx_beg_PDB_ins_code 
_struct_sheet_range.end_label_comp_id 
_struct_sheet_range.end_label_asym_id 
_struct_sheet_range.end_label_seq_id 
_struct_sheet_range.pdbx_end_PDB_ins_code 
_struct_sheet_range.beg_auth_comp_id 
_struct_sheet_range.beg_auth_asym_id 
_struct_sheet_range.beg_auth_seq_id 
_struct_sheet_range.end_auth_comp_id 
_struct_sheet_range.end_auth_asym_id 
_struct_sheet_range.end_auth_seq_id 
AA 1 SER A 7  ? HIS A 11 ? SER A 10 HIS A 14 
AA 2 THR A 21 ? HIS A 27 ? THR A 24 HIS A 30 
AA 3 ALA A 55 ? ALA A 61 ? ALA A 58 ALA A 64 
AB 1 THR A 42 ? LYS A 49 ? THR A 45 LYS A 52 
AB 2 ALA A 33 ? LEU A 39 ? ALA A 36 LEU A 42 
AB 3 GLY A 69 ? VAL A 77 ? GLY A 72 VAL A 80 
AB 4 VAL A 90 ? LEU A 92 ? VAL A 93 LEU A 95 
AC 1 THR A 42 ? LYS A 49 ? THR A 45 LYS A 52 
AC 2 ALA A 33 ? LEU A 39 ? ALA A 36 LEU A 42 
AC 3 GLY A 69 ? VAL A 77 ? GLY A 72 VAL A 80 
AC 4 TRP A 82 ? THR A 83 ? TRP A 85 THR A 86 
# 
loop_
_pdbx_struct_sheet_hbond.sheet_id 
_pdbx_struct_sheet_hbond.range_id_1 
_pdbx_struct_sheet_hbond.range_id_2 
_pdbx_struct_sheet_hbond.range_1_label_atom_id 
_pdbx_struct_sheet_hbond.range_1_label_comp_id 
_pdbx_struct_sheet_hbond.range_1_label_asym_id 
_pdbx_struct_sheet_hbond.range_1_label_seq_id 
_pdbx_struct_sheet_hbond.range_1_PDB_ins_code 
_pdbx_struct_sheet_hbond.range_1_auth_atom_id 
_pdbx_struct_sheet_hbond.range_1_auth_comp_id 
_pdbx_struct_sheet_hbond.range_1_auth_asym_id 
_pdbx_struct_sheet_hbond.range_1_auth_seq_id 
_pdbx_struct_sheet_hbond.range_2_label_atom_id 
_pdbx_struct_sheet_hbond.range_2_label_comp_id 
_pdbx_struct_sheet_hbond.range_2_label_asym_id 
_pdbx_struct_sheet_hbond.range_2_label_seq_id 
_pdbx_struct_sheet_hbond.range_2_PDB_ins_code 
_pdbx_struct_sheet_hbond.range_2_auth_atom_id 
_pdbx_struct_sheet_hbond.range_2_auth_comp_id 
_pdbx_struct_sheet_hbond.range_2_auth_asym_id 
_pdbx_struct_sheet_hbond.range_2_auth_seq_id 
AA 1 2 N HIS A 11 ? N HIS A 14 O THR A 23 ? O THR A 26 
AA 2 3 N CYS A 26 ? N CYS A 29 O ALA A 56 ? O ALA A 59 
AB 1 2 N LYS A 49 ? N LYS A 52 O ALA A 33 ? O ALA A 36 
AB 2 3 N TRP A 38 ? N TRP A 41 O GLN A 72 ? O GLN A 75 
AB 3 4 N TYR A 71 ? N TYR A 74 O VAL A 90 ? O VAL A 93 
AC 1 2 N LYS A 49 ? N LYS A 52 O ALA A 33 ? O ALA A 36 
AC 2 3 N TRP A 38 ? N TRP A 41 O GLN A 72 ? O GLN A 75 
AC 3 4 N VAL A 77 ? N VAL A 80 O TRP A 82 ? O TRP A 85 
# 
_pdbx_entry_details.entry_id                   2VSD 
_pdbx_entry_details.compound_details           ? 
_pdbx_entry_details.source_details             ? 
_pdbx_entry_details.nonpolymer_details         ? 
_pdbx_entry_details.sequence_details           ? 
_pdbx_entry_details.has_ligand_of_interest     ? 
_pdbx_entry_details.has_protein_modification   Y 
# 
_pdbx_validate_rmsd_angle.id                         1 
_pdbx_validate_rmsd_angle.PDB_model_num              1 
_pdbx_validate_rmsd_angle.auth_atom_id_1             CA 
_pdbx_validate_rmsd_angle.auth_asym_id_1             A 
_pdbx_validate_rmsd_angle.auth_comp_id_1             LEU 
_pdbx_validate_rmsd_angle.auth_seq_id_1              31 
_pdbx_validate_rmsd_angle.PDB_ins_code_1             ? 
_pdbx_validate_rmsd_angle.label_alt_id_1             ? 
_pdbx_validate_rmsd_angle.auth_atom_id_2             CB 
_pdbx_validate_rmsd_angle.auth_asym_id_2             A 
_pdbx_validate_rmsd_angle.auth_comp_id_2             LEU 
_pdbx_validate_rmsd_angle.auth_seq_id_2              31 
_pdbx_validate_rmsd_angle.PDB_ins_code_2             ? 
_pdbx_validate_rmsd_angle.label_alt_id_2             ? 
_pdbx_validate_rmsd_angle.auth_atom_id_3             CG 
_pdbx_validate_rmsd_angle.auth_asym_id_3             A 
_pdbx_validate_rmsd_angle.auth_comp_id_3             LEU 
_pdbx_validate_rmsd_angle.auth_seq_id_3              31 
_pdbx_validate_rmsd_angle.PDB_ins_code_3             ? 
_pdbx_validate_rmsd_angle.label_alt_id_3             ? 
_pdbx_validate_rmsd_angle.angle_value                133.99 
_pdbx_validate_rmsd_angle.angle_target_value         115.30 
_pdbx_validate_rmsd_angle.angle_deviation            18.69 
_pdbx_validate_rmsd_angle.angle_standard_deviation   2.30 
_pdbx_validate_rmsd_angle.linker_flag                N 
# 
_pdbx_validate_chiral.id              1 
_pdbx_validate_chiral.PDB_model_num   1 
_pdbx_validate_chiral.auth_atom_id    C1 
_pdbx_validate_chiral.label_alt_id    ? 
_pdbx_validate_chiral.auth_asym_id    B 
_pdbx_validate_chiral.auth_comp_id    NAG 
_pdbx_validate_chiral.auth_seq_id     2 
_pdbx_validate_chiral.PDB_ins_code    ? 
_pdbx_validate_chiral.details         'WRONG HAND' 
_pdbx_validate_chiral.omega           . 
# 
_pdbx_struct_mod_residue.id               1 
_pdbx_struct_mod_residue.label_asym_id    A 
_pdbx_struct_mod_residue.label_comp_id    ASN 
_pdbx_struct_mod_residue.label_seq_id     40 
_pdbx_struct_mod_residue.auth_asym_id     A 
_pdbx_struct_mod_residue.auth_comp_id     ASN 
_pdbx_struct_mod_residue.auth_seq_id      43 
_pdbx_struct_mod_residue.PDB_ins_code     ? 
_pdbx_struct_mod_residue.parent_comp_id   ASN 
_pdbx_struct_mod_residue.details          'GLYCOSYLATION SITE' 
# 
loop_
_pdbx_struct_special_symmetry.id 
_pdbx_struct_special_symmetry.PDB_model_num 
_pdbx_struct_special_symmetry.auth_asym_id 
_pdbx_struct_special_symmetry.auth_comp_id 
_pdbx_struct_special_symmetry.auth_seq_id 
_pdbx_struct_special_symmetry.PDB_ins_code 
_pdbx_struct_special_symmetry.label_asym_id 
_pdbx_struct_special_symmetry.label_comp_id 
_pdbx_struct_special_symmetry.label_seq_id 
1 1 A HOH 2042 ? C HOH . 
2 1 A HOH 2082 ? C HOH . 
# 
_pdbx_database_remark.id     700 
_pdbx_database_remark.text   
;
SHEET
THE SHEET STRUCTURE OF THIS MOLECULE IS BIFURCATED. IN
ORDER TO REPRESENT THIS FEATURE IN THE SHEET RECORDS BELOW,
TWO SHEETS ARE DEFINED.
;
# 
loop_
_pdbx_unobs_or_zero_occ_residues.id 
_pdbx_unobs_or_zero_occ_residues.PDB_model_num 
_pdbx_unobs_or_zero_occ_residues.polymer_flag 
_pdbx_unobs_or_zero_occ_residues.occupancy_flag 
_pdbx_unobs_or_zero_occ_residues.auth_asym_id 
_pdbx_unobs_or_zero_occ_residues.auth_comp_id 
_pdbx_unobs_or_zero_occ_residues.auth_seq_id 
_pdbx_unobs_or_zero_occ_residues.PDB_ins_code 
_pdbx_unobs_or_zero_occ_residues.label_asym_id 
_pdbx_unobs_or_zero_occ_residues.label_comp_id 
_pdbx_unobs_or_zero_occ_residues.label_seq_id 
1  1 Y 1 A GLN 4   ? A GLN 1   
2  1 Y 1 A GLN 5   ? A GLN 2   
3  1 Y 1 A ILE 99  ? A ILE 96  
4  1 Y 1 A GLU 100 ? A GLU 97  
5  1 Y 1 A GLY 101 ? A GLY 98  
6  1 Y 1 A ARG 102 ? A ARG 99  
7  1 Y 1 A HIS 103 ? A HIS 100 
8  1 Y 1 A HIS 104 ? A HIS 101 
9  1 Y 1 A HIS 105 ? A HIS 102 
10 1 Y 1 A HIS 106 ? A HIS 103 
11 1 Y 1 A HIS 107 ? A HIS 104 
12 1 Y 1 A HIS 108 ? A HIS 105 
# 
loop_
_chem_comp_atom.comp_id 
_chem_comp_atom.atom_id 
_chem_comp_atom.type_symbol 
_chem_comp_atom.pdbx_aromatic_flag 
_chem_comp_atom.pdbx_stereo_config 
_chem_comp_atom.pdbx_ordinal 
ALA N    N N N 1   
ALA CA   C N S 2   
ALA C    C N N 3   
ALA O    O N N 4   
ALA CB   C N N 5   
ALA OXT  O N N 6   
ALA H    H N N 7   
ALA H2   H N N 8   
ALA HA   H N N 9   
ALA HB1  H N N 10  
ALA HB2  H N N 11  
ALA HB3  H N N 12  
ALA HXT  H N N 13  
ARG N    N N N 14  
ARG CA   C N S 15  
ARG C    C N N 16  
ARG O    O N N 17  
ARG CB   C N N 18  
ARG CG   C N N 19  
ARG CD   C N N 20  
ARG NE   N N N 21  
ARG CZ   C N N 22  
ARG NH1  N N N 23  
ARG NH2  N N N 24  
ARG OXT  O N N 25  
ARG H    H N N 26  
ARG H2   H N N 27  
ARG HA   H N N 28  
ARG HB2  H N N 29  
ARG HB3  H N N 30  
ARG HG2  H N N 31  
ARG HG3  H N N 32  
ARG HD2  H N N 33  
ARG HD3  H N N 34  
ARG HE   H N N 35  
ARG HH11 H N N 36  
ARG HH12 H N N 37  
ARG HH21 H N N 38  
ARG HH22 H N N 39  
ARG HXT  H N N 40  
ASN N    N N N 41  
ASN CA   C N S 42  
ASN C    C N N 43  
ASN O    O N N 44  
ASN CB   C N N 45  
ASN CG   C N N 46  
ASN OD1  O N N 47  
ASN ND2  N N N 48  
ASN OXT  O N N 49  
ASN H    H N N 50  
ASN H2   H N N 51  
ASN HA   H N N 52  
ASN HB2  H N N 53  
ASN HB3  H N N 54  
ASN HD21 H N N 55  
ASN HD22 H N N 56  
ASN HXT  H N N 57  
ASP N    N N N 58  
ASP CA   C N S 59  
ASP C    C N N 60  
ASP O    O N N 61  
ASP CB   C N N 62  
ASP CG   C N N 63  
ASP OD1  O N N 64  
ASP OD2  O N N 65  
ASP OXT  O N N 66  
ASP H    H N N 67  
ASP H2   H N N 68  
ASP HA   H N N 69  
ASP HB2  H N N 70  
ASP HB3  H N N 71  
ASP HD2  H N N 72  
ASP HXT  H N N 73  
BMA C1   C N R 74  
BMA C2   C N S 75  
BMA C3   C N S 76  
BMA C4   C N S 77  
BMA C5   C N R 78  
BMA C6   C N N 79  
BMA O1   O N N 80  
BMA O2   O N N 81  
BMA O3   O N N 82  
BMA O4   O N N 83  
BMA O5   O N N 84  
BMA O6   O N N 85  
BMA H1   H N N 86  
BMA H2   H N N 87  
BMA H3   H N N 88  
BMA H4   H N N 89  
BMA H5   H N N 90  
BMA H61  H N N 91  
BMA H62  H N N 92  
BMA HO1  H N N 93  
BMA HO2  H N N 94  
BMA HO3  H N N 95  
BMA HO4  H N N 96  
BMA HO6  H N N 97  
CYS N    N N N 98  
CYS CA   C N R 99  
CYS C    C N N 100 
CYS O    O N N 101 
CYS CB   C N N 102 
CYS SG   S N N 103 
CYS OXT  O N N 104 
CYS H    H N N 105 
CYS H2   H N N 106 
CYS HA   H N N 107 
CYS HB2  H N N 108 
CYS HB3  H N N 109 
CYS HG   H N N 110 
CYS HXT  H N N 111 
GLN N    N N N 112 
GLN CA   C N S 113 
GLN C    C N N 114 
GLN O    O N N 115 
GLN CB   C N N 116 
GLN CG   C N N 117 
GLN CD   C N N 118 
GLN OE1  O N N 119 
GLN NE2  N N N 120 
GLN OXT  O N N 121 
GLN H    H N N 122 
GLN H2   H N N 123 
GLN HA   H N N 124 
GLN HB2  H N N 125 
GLN HB3  H N N 126 
GLN HG2  H N N 127 
GLN HG3  H N N 128 
GLN HE21 H N N 129 
GLN HE22 H N N 130 
GLN HXT  H N N 131 
GLU N    N N N 132 
GLU CA   C N S 133 
GLU C    C N N 134 
GLU O    O N N 135 
GLU CB   C N N 136 
GLU CG   C N N 137 
GLU CD   C N N 138 
GLU OE1  O N N 139 
GLU OE2  O N N 140 
GLU OXT  O N N 141 
GLU H    H N N 142 
GLU H2   H N N 143 
GLU HA   H N N 144 
GLU HB2  H N N 145 
GLU HB3  H N N 146 
GLU HG2  H N N 147 
GLU HG3  H N N 148 
GLU HE2  H N N 149 
GLU HXT  H N N 150 
GLY N    N N N 151 
GLY CA   C N N 152 
GLY C    C N N 153 
GLY O    O N N 154 
GLY OXT  O N N 155 
GLY H    H N N 156 
GLY H2   H N N 157 
GLY HA2  H N N 158 
GLY HA3  H N N 159 
GLY HXT  H N N 160 
HIS N    N N N 161 
HIS CA   C N S 162 
HIS C    C N N 163 
HIS O    O N N 164 
HIS CB   C N N 165 
HIS CG   C Y N 166 
HIS ND1  N Y N 167 
HIS CD2  C Y N 168 
HIS CE1  C Y N 169 
HIS NE2  N Y N 170 
HIS OXT  O N N 171 
HIS H    H N N 172 
HIS H2   H N N 173 
HIS HA   H N N 174 
HIS HB2  H N N 175 
HIS HB3  H N N 176 
HIS HD1  H N N 177 
HIS HD2  H N N 178 
HIS HE1  H N N 179 
HIS HE2  H N N 180 
HIS HXT  H N N 181 
HOH O    O N N 182 
HOH H1   H N N 183 
HOH H2   H N N 184 
ILE N    N N N 185 
ILE CA   C N S 186 
ILE C    C N N 187 
ILE O    O N N 188 
ILE CB   C N S 189 
ILE CG1  C N N 190 
ILE CG2  C N N 191 
ILE CD1  C N N 192 
ILE OXT  O N N 193 
ILE H    H N N 194 
ILE H2   H N N 195 
ILE HA   H N N 196 
ILE HB   H N N 197 
ILE HG12 H N N 198 
ILE HG13 H N N 199 
ILE HG21 H N N 200 
ILE HG22 H N N 201 
ILE HG23 H N N 202 
ILE HD11 H N N 203 
ILE HD12 H N N 204 
ILE HD13 H N N 205 
ILE HXT  H N N 206 
LEU N    N N N 207 
LEU CA   C N S 208 
LEU C    C N N 209 
LEU O    O N N 210 
LEU CB   C N N 211 
LEU CG   C N N 212 
LEU CD1  C N N 213 
LEU CD2  C N N 214 
LEU OXT  O N N 215 
LEU H    H N N 216 
LEU H2   H N N 217 
LEU HA   H N N 218 
LEU HB2  H N N 219 
LEU HB3  H N N 220 
LEU HG   H N N 221 
LEU HD11 H N N 222 
LEU HD12 H N N 223 
LEU HD13 H N N 224 
LEU HD21 H N N 225 
LEU HD22 H N N 226 
LEU HD23 H N N 227 
LEU HXT  H N N 228 
LYS N    N N N 229 
LYS CA   C N S 230 
LYS C    C N N 231 
LYS O    O N N 232 
LYS CB   C N N 233 
LYS CG   C N N 234 
LYS CD   C N N 235 
LYS CE   C N N 236 
LYS NZ   N N N 237 
LYS OXT  O N N 238 
LYS H    H N N 239 
LYS H2   H N N 240 
LYS HA   H N N 241 
LYS HB2  H N N 242 
LYS HB3  H N N 243 
LYS HG2  H N N 244 
LYS HG3  H N N 245 
LYS HD2  H N N 246 
LYS HD3  H N N 247 
LYS HE2  H N N 248 
LYS HE3  H N N 249 
LYS HZ1  H N N 250 
LYS HZ2  H N N 251 
LYS HZ3  H N N 252 
LYS HXT  H N N 253 
MET N    N N N 254 
MET CA   C N S 255 
MET C    C N N 256 
MET O    O N N 257 
MET CB   C N N 258 
MET CG   C N N 259 
MET SD   S N N 260 
MET CE   C N N 261 
MET OXT  O N N 262 
MET H    H N N 263 
MET H2   H N N 264 
MET HA   H N N 265 
MET HB2  H N N 266 
MET HB3  H N N 267 
MET HG2  H N N 268 
MET HG3  H N N 269 
MET HE1  H N N 270 
MET HE2  H N N 271 
MET HE3  H N N 272 
MET HXT  H N N 273 
NAG C1   C N R 274 
NAG C2   C N R 275 
NAG C3   C N R 276 
NAG C4   C N S 277 
NAG C5   C N R 278 
NAG C6   C N N 279 
NAG C7   C N N 280 
NAG C8   C N N 281 
NAG N2   N N N 282 
NAG O1   O N N 283 
NAG O3   O N N 284 
NAG O4   O N N 285 
NAG O5   O N N 286 
NAG O6   O N N 287 
NAG O7   O N N 288 
NAG H1   H N N 289 
NAG H2   H N N 290 
NAG H3   H N N 291 
NAG H4   H N N 292 
NAG H5   H N N 293 
NAG H61  H N N 294 
NAG H62  H N N 295 
NAG H81  H N N 296 
NAG H82  H N N 297 
NAG H83  H N N 298 
NAG HN2  H N N 299 
NAG HO1  H N N 300 
NAG HO3  H N N 301 
NAG HO4  H N N 302 
NAG HO6  H N N 303 
PHE N    N N N 304 
PHE CA   C N S 305 
PHE C    C N N 306 
PHE O    O N N 307 
PHE CB   C N N 308 
PHE CG   C Y N 309 
PHE CD1  C Y N 310 
PHE CD2  C Y N 311 
PHE CE1  C Y N 312 
PHE CE2  C Y N 313 
PHE CZ   C Y N 314 
PHE OXT  O N N 315 
PHE H    H N N 316 
PHE H2   H N N 317 
PHE HA   H N N 318 
PHE HB2  H N N 319 
PHE HB3  H N N 320 
PHE HD1  H N N 321 
PHE HD2  H N N 322 
PHE HE1  H N N 323 
PHE HE2  H N N 324 
PHE HZ   H N N 325 
PHE HXT  H N N 326 
PRO N    N N N 327 
PRO CA   C N S 328 
PRO C    C N N 329 
PRO O    O N N 330 
PRO CB   C N N 331 
PRO CG   C N N 332 
PRO CD   C N N 333 
PRO OXT  O N N 334 
PRO H    H N N 335 
PRO HA   H N N 336 
PRO HB2  H N N 337 
PRO HB3  H N N 338 
PRO HG2  H N N 339 
PRO HG3  H N N 340 
PRO HD2  H N N 341 
PRO HD3  H N N 342 
PRO HXT  H N N 343 
SER N    N N N 344 
SER CA   C N S 345 
SER C    C N N 346 
SER O    O N N 347 
SER CB   C N N 348 
SER OG   O N N 349 
SER OXT  O N N 350 
SER H    H N N 351 
SER H2   H N N 352 
SER HA   H N N 353 
SER HB2  H N N 354 
SER HB3  H N N 355 
SER HG   H N N 356 
SER HXT  H N N 357 
THR N    N N N 358 
THR CA   C N S 359 
THR C    C N N 360 
THR O    O N N 361 
THR CB   C N R 362 
THR OG1  O N N 363 
THR CG2  C N N 364 
THR OXT  O N N 365 
THR H    H N N 366 
THR H2   H N N 367 
THR HA   H N N 368 
THR HB   H N N 369 
THR HG1  H N N 370 
THR HG21 H N N 371 
THR HG22 H N N 372 
THR HG23 H N N 373 
THR HXT  H N N 374 
TRP N    N N N 375 
TRP CA   C N S 376 
TRP C    C N N 377 
TRP O    O N N 378 
TRP CB   C N N 379 
TRP CG   C Y N 380 
TRP CD1  C Y N 381 
TRP CD2  C Y N 382 
TRP NE1  N Y N 383 
TRP CE2  C Y N 384 
TRP CE3  C Y N 385 
TRP CZ2  C Y N 386 
TRP CZ3  C Y N 387 
TRP CH2  C Y N 388 
TRP OXT  O N N 389 
TRP H    H N N 390 
TRP H2   H N N 391 
TRP HA   H N N 392 
TRP HB2  H N N 393 
TRP HB3  H N N 394 
TRP HD1  H N N 395 
TRP HE1  H N N 396 
TRP HE3  H N N 397 
TRP HZ2  H N N 398 
TRP HZ3  H N N 399 
TRP HH2  H N N 400 
TRP HXT  H N N 401 
TYR N    N N N 402 
TYR CA   C N S 403 
TYR C    C N N 404 
TYR O    O N N 405 
TYR CB   C N N 406 
TYR CG   C Y N 407 
TYR CD1  C Y N 408 
TYR CD2  C Y N 409 
TYR CE1  C Y N 410 
TYR CE2  C Y N 411 
TYR CZ   C Y N 412 
TYR OH   O N N 413 
TYR OXT  O N N 414 
TYR H    H N N 415 
TYR H2   H N N 416 
TYR HA   H N N 417 
TYR HB2  H N N 418 
TYR HB3  H N N 419 
TYR HD1  H N N 420 
TYR HD2  H N N 421 
TYR HE1  H N N 422 
TYR HE2  H N N 423 
TYR HH   H N N 424 
TYR HXT  H N N 425 
VAL N    N N N 426 
VAL CA   C N S 427 
VAL C    C N N 428 
VAL O    O N N 429 
VAL CB   C N N 430 
VAL CG1  C N N 431 
VAL CG2  C N N 432 
VAL OXT  O N N 433 
VAL H    H N N 434 
VAL H2   H N N 435 
VAL HA   H N N 436 
VAL HB   H N N 437 
VAL HG11 H N N 438 
VAL HG12 H N N 439 
VAL HG13 H N N 440 
VAL HG21 H N N 441 
VAL HG22 H N N 442 
VAL HG23 H N N 443 
VAL HXT  H N N 444 
# 
loop_
_chem_comp_bond.comp_id 
_chem_comp_bond.atom_id_1 
_chem_comp_bond.atom_id_2 
_chem_comp_bond.value_order 
_chem_comp_bond.pdbx_aromatic_flag 
_chem_comp_bond.pdbx_stereo_config 
_chem_comp_bond.pdbx_ordinal 
ALA N   CA   sing N N 1   
ALA N   H    sing N N 2   
ALA N   H2   sing N N 3   
ALA CA  C    sing N N 4   
ALA CA  CB   sing N N 5   
ALA CA  HA   sing N N 6   
ALA C   O    doub N N 7   
ALA C   OXT  sing N N 8   
ALA CB  HB1  sing N N 9   
ALA CB  HB2  sing N N 10  
ALA CB  HB3  sing N N 11  
ALA OXT HXT  sing N N 12  
ARG N   CA   sing N N 13  
ARG N   H    sing N N 14  
ARG N   H2   sing N N 15  
ARG CA  C    sing N N 16  
ARG CA  CB   sing N N 17  
ARG CA  HA   sing N N 18  
ARG C   O    doub N N 19  
ARG C   OXT  sing N N 20  
ARG CB  CG   sing N N 21  
ARG CB  HB2  sing N N 22  
ARG CB  HB3  sing N N 23  
ARG CG  CD   sing N N 24  
ARG CG  HG2  sing N N 25  
ARG CG  HG3  sing N N 26  
ARG CD  NE   sing N N 27  
ARG CD  HD2  sing N N 28  
ARG CD  HD3  sing N N 29  
ARG NE  CZ   sing N N 30  
ARG NE  HE   sing N N 31  
ARG CZ  NH1  sing N N 32  
ARG CZ  NH2  doub N N 33  
ARG NH1 HH11 sing N N 34  
ARG NH1 HH12 sing N N 35  
ARG NH2 HH21 sing N N 36  
ARG NH2 HH22 sing N N 37  
ARG OXT HXT  sing N N 38  
ASN N   CA   sing N N 39  
ASN N   H    sing N N 40  
ASN N   H2   sing N N 41  
ASN CA  C    sing N N 42  
ASN CA  CB   sing N N 43  
ASN CA  HA   sing N N 44  
ASN C   O    doub N N 45  
ASN C   OXT  sing N N 46  
ASN CB  CG   sing N N 47  
ASN CB  HB2  sing N N 48  
ASN CB  HB3  sing N N 49  
ASN CG  OD1  doub N N 50  
ASN CG  ND2  sing N N 51  
ASN ND2 HD21 sing N N 52  
ASN ND2 HD22 sing N N 53  
ASN OXT HXT  sing N N 54  
ASP N   CA   sing N N 55  
ASP N   H    sing N N 56  
ASP N   H2   sing N N 57  
ASP CA  C    sing N N 58  
ASP CA  CB   sing N N 59  
ASP CA  HA   sing N N 60  
ASP C   O    doub N N 61  
ASP C   OXT  sing N N 62  
ASP CB  CG   sing N N 63  
ASP CB  HB2  sing N N 64  
ASP CB  HB3  sing N N 65  
ASP CG  OD1  doub N N 66  
ASP CG  OD2  sing N N 67  
ASP OD2 HD2  sing N N 68  
ASP OXT HXT  sing N N 69  
BMA C1  C2   sing N N 70  
BMA C1  O1   sing N N 71  
BMA C1  O5   sing N N 72  
BMA C1  H1   sing N N 73  
BMA C2  C3   sing N N 74  
BMA C2  O2   sing N N 75  
BMA C2  H2   sing N N 76  
BMA C3  C4   sing N N 77  
BMA C3  O3   sing N N 78  
BMA C3  H3   sing N N 79  
BMA C4  C5   sing N N 80  
BMA C4  O4   sing N N 81  
BMA C4  H4   sing N N 82  
BMA C5  C6   sing N N 83  
BMA C5  O5   sing N N 84  
BMA C5  H5   sing N N 85  
BMA C6  O6   sing N N 86  
BMA C6  H61  sing N N 87  
BMA C6  H62  sing N N 88  
BMA O1  HO1  sing N N 89  
BMA O2  HO2  sing N N 90  
BMA O3  HO3  sing N N 91  
BMA O4  HO4  sing N N 92  
BMA O6  HO6  sing N N 93  
CYS N   CA   sing N N 94  
CYS N   H    sing N N 95  
CYS N   H2   sing N N 96  
CYS CA  C    sing N N 97  
CYS CA  CB   sing N N 98  
CYS CA  HA   sing N N 99  
CYS C   O    doub N N 100 
CYS C   OXT  sing N N 101 
CYS CB  SG   sing N N 102 
CYS CB  HB2  sing N N 103 
CYS CB  HB3  sing N N 104 
CYS SG  HG   sing N N 105 
CYS OXT HXT  sing N N 106 
GLN N   CA   sing N N 107 
GLN N   H    sing N N 108 
GLN N   H2   sing N N 109 
GLN CA  C    sing N N 110 
GLN CA  CB   sing N N 111 
GLN CA  HA   sing N N 112 
GLN C   O    doub N N 113 
GLN C   OXT  sing N N 114 
GLN CB  CG   sing N N 115 
GLN CB  HB2  sing N N 116 
GLN CB  HB3  sing N N 117 
GLN CG  CD   sing N N 118 
GLN CG  HG2  sing N N 119 
GLN CG  HG3  sing N N 120 
GLN CD  OE1  doub N N 121 
GLN CD  NE2  sing N N 122 
GLN NE2 HE21 sing N N 123 
GLN NE2 HE22 sing N N 124 
GLN OXT HXT  sing N N 125 
GLU N   CA   sing N N 126 
GLU N   H    sing N N 127 
GLU N   H2   sing N N 128 
GLU CA  C    sing N N 129 
GLU CA  CB   sing N N 130 
GLU CA  HA   sing N N 131 
GLU C   O    doub N N 132 
GLU C   OXT  sing N N 133 
GLU CB  CG   sing N N 134 
GLU CB  HB2  sing N N 135 
GLU CB  HB3  sing N N 136 
GLU CG  CD   sing N N 137 
GLU CG  HG2  sing N N 138 
GLU CG  HG3  sing N N 139 
GLU CD  OE1  doub N N 140 
GLU CD  OE2  sing N N 141 
GLU OE2 HE2  sing N N 142 
GLU OXT HXT  sing N N 143 
GLY N   CA   sing N N 144 
GLY N   H    sing N N 145 
GLY N   H2   sing N N 146 
GLY CA  C    sing N N 147 
GLY CA  HA2  sing N N 148 
GLY CA  HA3  sing N N 149 
GLY C   O    doub N N 150 
GLY C   OXT  sing N N 151 
GLY OXT HXT  sing N N 152 
HIS N   CA   sing N N 153 
HIS N   H    sing N N 154 
HIS N   H2   sing N N 155 
HIS CA  C    sing N N 156 
HIS CA  CB   sing N N 157 
HIS CA  HA   sing N N 158 
HIS C   O    doub N N 159 
HIS C   OXT  sing N N 160 
HIS CB  CG   sing N N 161 
HIS CB  HB2  sing N N 162 
HIS CB  HB3  sing N N 163 
HIS CG  ND1  sing Y N 164 
HIS CG  CD2  doub Y N 165 
HIS ND1 CE1  doub Y N 166 
HIS ND1 HD1  sing N N 167 
HIS CD2 NE2  sing Y N 168 
HIS CD2 HD2  sing N N 169 
HIS CE1 NE2  sing Y N 170 
HIS CE1 HE1  sing N N 171 
HIS NE2 HE2  sing N N 172 
HIS OXT HXT  sing N N 173 
HOH O   H1   sing N N 174 
HOH O   H2   sing N N 175 
ILE N   CA   sing N N 176 
ILE N   H    sing N N 177 
ILE N   H2   sing N N 178 
ILE CA  C    sing N N 179 
ILE CA  CB   sing N N 180 
ILE CA  HA   sing N N 181 
ILE C   O    doub N N 182 
ILE C   OXT  sing N N 183 
ILE CB  CG1  sing N N 184 
ILE CB  CG2  sing N N 185 
ILE CB  HB   sing N N 186 
ILE CG1 CD1  sing N N 187 
ILE CG1 HG12 sing N N 188 
ILE CG1 HG13 sing N N 189 
ILE CG2 HG21 sing N N 190 
ILE CG2 HG22 sing N N 191 
ILE CG2 HG23 sing N N 192 
ILE CD1 HD11 sing N N 193 
ILE CD1 HD12 sing N N 194 
ILE CD1 HD13 sing N N 195 
ILE OXT HXT  sing N N 196 
LEU N   CA   sing N N 197 
LEU N   H    sing N N 198 
LEU N   H2   sing N N 199 
LEU CA  C    sing N N 200 
LEU CA  CB   sing N N 201 
LEU CA  HA   sing N N 202 
LEU C   O    doub N N 203 
LEU C   OXT  sing N N 204 
LEU CB  CG   sing N N 205 
LEU CB  HB2  sing N N 206 
LEU CB  HB3  sing N N 207 
LEU CG  CD1  sing N N 208 
LEU CG  CD2  sing N N 209 
LEU CG  HG   sing N N 210 
LEU CD1 HD11 sing N N 211 
LEU CD1 HD12 sing N N 212 
LEU CD1 HD13 sing N N 213 
LEU CD2 HD21 sing N N 214 
LEU CD2 HD22 sing N N 215 
LEU CD2 HD23 sing N N 216 
LEU OXT HXT  sing N N 217 
LYS N   CA   sing N N 218 
LYS N   H    sing N N 219 
LYS N   H2   sing N N 220 
LYS CA  C    sing N N 221 
LYS CA  CB   sing N N 222 
LYS CA  HA   sing N N 223 
LYS C   O    doub N N 224 
LYS C   OXT  sing N N 225 
LYS CB  CG   sing N N 226 
LYS CB  HB2  sing N N 227 
LYS CB  HB3  sing N N 228 
LYS CG  CD   sing N N 229 
LYS CG  HG2  sing N N 230 
LYS CG  HG3  sing N N 231 
LYS CD  CE   sing N N 232 
LYS CD  HD2  sing N N 233 
LYS CD  HD3  sing N N 234 
LYS CE  NZ   sing N N 235 
LYS CE  HE2  sing N N 236 
LYS CE  HE3  sing N N 237 
LYS NZ  HZ1  sing N N 238 
LYS NZ  HZ2  sing N N 239 
LYS NZ  HZ3  sing N N 240 
LYS OXT HXT  sing N N 241 
MET N   CA   sing N N 242 
MET N   H    sing N N 243 
MET N   H2   sing N N 244 
MET CA  C    sing N N 245 
MET CA  CB   sing N N 246 
MET CA  HA   sing N N 247 
MET C   O    doub N N 248 
MET C   OXT  sing N N 249 
MET CB  CG   sing N N 250 
MET CB  HB2  sing N N 251 
MET CB  HB3  sing N N 252 
MET CG  SD   sing N N 253 
MET CG  HG2  sing N N 254 
MET CG  HG3  sing N N 255 
MET SD  CE   sing N N 256 
MET CE  HE1  sing N N 257 
MET CE  HE2  sing N N 258 
MET CE  HE3  sing N N 259 
MET OXT HXT  sing N N 260 
NAG C1  C2   sing N N 261 
NAG C1  O1   sing N N 262 
NAG C1  O5   sing N N 263 
NAG C1  H1   sing N N 264 
NAG C2  C3   sing N N 265 
NAG C2  N2   sing N N 266 
NAG C2  H2   sing N N 267 
NAG C3  C4   sing N N 268 
NAG C3  O3   sing N N 269 
NAG C3  H3   sing N N 270 
NAG C4  C5   sing N N 271 
NAG C4  O4   sing N N 272 
NAG C4  H4   sing N N 273 
NAG C5  C6   sing N N 274 
NAG C5  O5   sing N N 275 
NAG C5  H5   sing N N 276 
NAG C6  O6   sing N N 277 
NAG C6  H61  sing N N 278 
NAG C6  H62  sing N N 279 
NAG C7  C8   sing N N 280 
NAG C7  N2   sing N N 281 
NAG C7  O7   doub N N 282 
NAG C8  H81  sing N N 283 
NAG C8  H82  sing N N 284 
NAG C8  H83  sing N N 285 
NAG N2  HN2  sing N N 286 
NAG O1  HO1  sing N N 287 
NAG O3  HO3  sing N N 288 
NAG O4  HO4  sing N N 289 
NAG O6  HO6  sing N N 290 
PHE N   CA   sing N N 291 
PHE N   H    sing N N 292 
PHE N   H2   sing N N 293 
PHE CA  C    sing N N 294 
PHE CA  CB   sing N N 295 
PHE CA  HA   sing N N 296 
PHE C   O    doub N N 297 
PHE C   OXT  sing N N 298 
PHE CB  CG   sing N N 299 
PHE CB  HB2  sing N N 300 
PHE CB  HB3  sing N N 301 
PHE CG  CD1  doub Y N 302 
PHE CG  CD2  sing Y N 303 
PHE CD1 CE1  sing Y N 304 
PHE CD1 HD1  sing N N 305 
PHE CD2 CE2  doub Y N 306 
PHE CD2 HD2  sing N N 307 
PHE CE1 CZ   doub Y N 308 
PHE CE1 HE1  sing N N 309 
PHE CE2 CZ   sing Y N 310 
PHE CE2 HE2  sing N N 311 
PHE CZ  HZ   sing N N 312 
PHE OXT HXT  sing N N 313 
PRO N   CA   sing N N 314 
PRO N   CD   sing N N 315 
PRO N   H    sing N N 316 
PRO CA  C    sing N N 317 
PRO CA  CB   sing N N 318 
PRO CA  HA   sing N N 319 
PRO C   O    doub N N 320 
PRO C   OXT  sing N N 321 
PRO CB  CG   sing N N 322 
PRO CB  HB2  sing N N 323 
PRO CB  HB3  sing N N 324 
PRO CG  CD   sing N N 325 
PRO CG  HG2  sing N N 326 
PRO CG  HG3  sing N N 327 
PRO CD  HD2  sing N N 328 
PRO CD  HD3  sing N N 329 
PRO OXT HXT  sing N N 330 
SER N   CA   sing N N 331 
SER N   H    sing N N 332 
SER N   H2   sing N N 333 
SER CA  C    sing N N 334 
SER CA  CB   sing N N 335 
SER CA  HA   sing N N 336 
SER C   O    doub N N 337 
SER C   OXT  sing N N 338 
SER CB  OG   sing N N 339 
SER CB  HB2  sing N N 340 
SER CB  HB3  sing N N 341 
SER OG  HG   sing N N 342 
SER OXT HXT  sing N N 343 
THR N   CA   sing N N 344 
THR N   H    sing N N 345 
THR N   H2   sing N N 346 
THR CA  C    sing N N 347 
THR CA  CB   sing N N 348 
THR CA  HA   sing N N 349 
THR C   O    doub N N 350 
THR C   OXT  sing N N 351 
THR CB  OG1  sing N N 352 
THR CB  CG2  sing N N 353 
THR CB  HB   sing N N 354 
THR OG1 HG1  sing N N 355 
THR CG2 HG21 sing N N 356 
THR CG2 HG22 sing N N 357 
THR CG2 HG23 sing N N 358 
THR OXT HXT  sing N N 359 
TRP N   CA   sing N N 360 
TRP N   H    sing N N 361 
TRP N   H2   sing N N 362 
TRP CA  C    sing N N 363 
TRP CA  CB   sing N N 364 
TRP CA  HA   sing N N 365 
TRP C   O    doub N N 366 
TRP C   OXT  sing N N 367 
TRP CB  CG   sing N N 368 
TRP CB  HB2  sing N N 369 
TRP CB  HB3  sing N N 370 
TRP CG  CD1  doub Y N 371 
TRP CG  CD2  sing Y N 372 
TRP CD1 NE1  sing Y N 373 
TRP CD1 HD1  sing N N 374 
TRP CD2 CE2  doub Y N 375 
TRP CD2 CE3  sing Y N 376 
TRP NE1 CE2  sing Y N 377 
TRP NE1 HE1  sing N N 378 
TRP CE2 CZ2  sing Y N 379 
TRP CE3 CZ3  doub Y N 380 
TRP CE3 HE3  sing N N 381 
TRP CZ2 CH2  doub Y N 382 
TRP CZ2 HZ2  sing N N 383 
TRP CZ3 CH2  sing Y N 384 
TRP CZ3 HZ3  sing N N 385 
TRP CH2 HH2  sing N N 386 
TRP OXT HXT  sing N N 387 
TYR N   CA   sing N N 388 
TYR N   H    sing N N 389 
TYR N   H2   sing N N 390 
TYR CA  C    sing N N 391 
TYR CA  CB   sing N N 392 
TYR CA  HA   sing N N 393 
TYR C   O    doub N N 394 
TYR C   OXT  sing N N 395 
TYR CB  CG   sing N N 396 
TYR CB  HB2  sing N N 397 
TYR CB  HB3  sing N N 398 
TYR CG  CD1  doub Y N 399 
TYR CG  CD2  sing Y N 400 
TYR CD1 CE1  sing Y N 401 
TYR CD1 HD1  sing N N 402 
TYR CD2 CE2  doub Y N 403 
TYR CD2 HD2  sing N N 404 
TYR CE1 CZ   doub Y N 405 
TYR CE1 HE1  sing N N 406 
TYR CE2 CZ   sing Y N 407 
TYR CE2 HE2  sing N N 408 
TYR CZ  OH   sing N N 409 
TYR OH  HH   sing N N 410 
TYR OXT HXT  sing N N 411 
VAL N   CA   sing N N 412 
VAL N   H    sing N N 413 
VAL N   H2   sing N N 414 
VAL CA  C    sing N N 415 
VAL CA  CB   sing N N 416 
VAL CA  HA   sing N N 417 
VAL C   O    doub N N 418 
VAL C   OXT  sing N N 419 
VAL CB  CG1  sing N N 420 
VAL CB  CG2  sing N N 421 
VAL CB  HB   sing N N 422 
VAL CG1 HG11 sing N N 423 
VAL CG1 HG12 sing N N 424 
VAL CG1 HG13 sing N N 425 
VAL CG2 HG21 sing N N 426 
VAL CG2 HG22 sing N N 427 
VAL CG2 HG23 sing N N 428 
VAL OXT HXT  sing N N 429 
# 
loop_
_pdbx_entity_branch_list.entity_id 
_pdbx_entity_branch_list.comp_id 
_pdbx_entity_branch_list.num 
_pdbx_entity_branch_list.hetero 
2 NAG 1 n 
2 NAG 2 n 
2 BMA 3 n 
# 
_pdbx_initial_refinement_model.id               1 
_pdbx_initial_refinement_model.entity_id_list   ? 
_pdbx_initial_refinement_model.type             'experimental model' 
_pdbx_initial_refinement_model.source_name      PDB 
_pdbx_initial_refinement_model.accession_code   1VDG 
_pdbx_initial_refinement_model.details          'PDB ENTRY 1VDG' 
# 
_atom_sites.entry_id                    2VSD 
_atom_sites.fract_transf_matrix[1][1]   -0.01292196 
_atom_sites.fract_transf_matrix[1][2]   0.00453290 
_atom_sites.fract_transf_matrix[1][3]   0.01187947 
_atom_sites.fract_transf_matrix[2][1]   0.00300434 
_atom_sites.fract_transf_matrix[2][2]   0.01319212 
_atom_sites.fract_transf_matrix[2][3]   0.01206659 
_atom_sites.fract_transf_matrix[3][1]   -0.00646360 
_atom_sites.fract_transf_matrix[3][2]   0.01214009 
_atom_sites.fract_transf_matrix[3][3]   -0.01166316 
_atom_sites.fract_transf_vector[1]      0.790041 
_atom_sites.fract_transf_vector[2]      0.206471 
_atom_sites.fract_transf_vector[3]      0.102305 
# 
loop_
_atom_type.symbol 
C 
N 
O 
S 
# 
loop_
_atom_site.group_PDB 
_atom_site.id 
_atom_site.type_symbol 
_atom_site.label_atom_id 
_atom_site.label_alt_id 
_atom_site.label_comp_id 
_atom_site.label_asym_id 
_atom_site.label_entity_id 
_atom_site.label_seq_id 
_atom_site.pdbx_PDB_ins_code 
_atom_site.Cartn_x 
_atom_site.Cartn_y 
_atom_site.Cartn_z 
_atom_site.occupancy 
_atom_site.B_iso_or_equiv 
_atom_site.pdbx_formal_charge 
_atom_site.auth_seq_id 
_atom_site.auth_comp_id 
_atom_site.auth_asym_id 
_atom_site.auth_atom_id 
_atom_site.pdbx_PDB_model_num 
ATOM   1   N N   . LEU A 1 3  ? -10.227 -13.577 6.715   1.00 43.87 ? 6    LEU A N   1 
ATOM   2   C CA  . LEU A 1 3  ? -9.619  -12.532 5.837   1.00 43.74 ? 6    LEU A CA  1 
ATOM   3   C C   . LEU A 1 3  ? -8.069  -12.527 5.921   1.00 42.66 ? 6    LEU A C   1 
ATOM   4   O O   . LEU A 1 3  ? -7.499  -12.034 6.894   1.00 42.73 ? 6    LEU A O   1 
ATOM   5   C CB  . LEU A 1 3  ? -10.215 -11.146 6.162   1.00 44.34 ? 6    LEU A CB  1 
ATOM   6   C CG  . LEU A 1 3  ? -10.243 -10.225 4.943   1.00 45.11 ? 6    LEU A CG  1 
ATOM   7   C CD1 . LEU A 1 3  ? -11.355 -9.190  4.939   1.00 45.31 ? 6    LEU A CD1 1 
ATOM   8   C CD2 . LEU A 1 3  ? -8.939  -9.540  4.898   1.00 46.97 ? 6    LEU A CD2 1 
ATOM   9   N N   . PRO A 1 4  ? -7.391  -13.097 4.904   1.00 41.23 ? 7    PRO A N   1 
ATOM   10  C CA  . PRO A 1 4  ? -5.924  -13.191 4.947   1.00 39.72 ? 7    PRO A CA  1 
ATOM   11  C C   . PRO A 1 4  ? -5.192  -11.827 4.908   1.00 38.03 ? 7    PRO A C   1 
ATOM   12  O O   . PRO A 1 4  ? -5.481  -10.998 4.046   1.00 37.16 ? 7    PRO A O   1 
ATOM   13  C CB  . PRO A 1 4  ? -5.588  -14.004 3.695   1.00 39.79 ? 7    PRO A CB  1 
ATOM   14  C CG  . PRO A 1 4  ? -6.770  -13.849 2.807   1.00 40.84 ? 7    PRO A CG  1 
ATOM   15  C CD  . PRO A 1 4  ? -7.947  -13.708 3.683   1.00 41.16 ? 7    PRO A CD  1 
ATOM   16  N N   . GLN A 1 5  ? -4.265  -11.642 5.846   1.00 36.43 ? 8    GLN A N   1 
ATOM   17  C CA  . GLN A 1 5  ? -3.403  -10.458 5.935   1.00 35.10 ? 8    GLN A CA  1 
ATOM   18  C C   . GLN A 1 5  ? -2.743  -10.174 4.586   1.00 32.76 ? 8    GLN A C   1 
ATOM   19  O O   . GLN A 1 5  ? -2.175  -11.095 3.976   1.00 32.31 ? 8    GLN A O   1 
ATOM   20  C CB  . GLN A 1 5  ? -2.337  -10.680 7.015   1.00 35.41 ? 8    GLN A CB  1 
ATOM   21  C CG  . GLN A 1 5  ? -1.375  -9.498  7.239   1.00 37.05 ? 8    GLN A CG  1 
ATOM   22  C CD  . GLN A 1 5  ? -0.148  -9.849  8.087   1.00 37.93 ? 8    GLN A CD  1 
ATOM   23  O OE1 . GLN A 1 5  ? 0.294   -11.006 8.148   1.00 43.60 ? 8    GLN A OE1 1 
ATOM   24  N NE2 . GLN A 1 5  ? 0.409   -8.851  8.736   1.00 39.65 ? 8    GLN A NE2 1 
ATOM   25  N N   . PRO A 1 6  ? -2.817  -8.908  4.105   1.00 30.66 ? 9    PRO A N   1 
ATOM   26  C CA  . PRO A 1 6  ? -2.147  -8.604  2.842   1.00 29.08 ? 9    PRO A CA  1 
ATOM   27  C C   . PRO A 1 6  ? -0.635  -8.437  3.054   1.00 27.43 ? 9    PRO A C   1 
ATOM   28  O O   . PRO A 1 6  ? -0.183  -8.319  4.180   1.00 27.75 ? 9    PRO A O   1 
ATOM   29  C CB  . PRO A 1 6  ? -2.799  -7.282  2.411   1.00 29.06 ? 9    PRO A CB  1 
ATOM   30  C CG  . PRO A 1 6  ? -3.145  -6.595  3.724   1.00 29.68 ? 9    PRO A CG  1 
ATOM   31  C CD  . PRO A 1 6  ? -3.513  -7.725  4.674   1.00 29.87 ? 9    PRO A CD  1 
ATOM   32  N N   . SER A 1 7  ? 0.128   -8.422  1.973   1.00 26.58 ? 10   SER A N   1 
ATOM   33  C CA  . SER A 1 7  ? 1.556   -8.095  2.081   1.00 26.03 ? 10   SER A CA  1 
ATOM   34  C C   . SER A 1 7  ? 1.927   -6.978  1.108   1.00 25.65 ? 10   SER A C   1 
ATOM   35  O O   . SER A 1 7  ? 1.329   -6.823  0.047   1.00 26.07 ? 10   SER A O   1 
ATOM   36  C CB  . SER A 1 7  ? 2.403   -9.348  1.833   1.00 26.12 ? 10   SER A CB  1 
ATOM   37  O OG  . SER A 1 7  ? 2.234   -9.745  0.498   1.00 27.84 ? 10   SER A OG  1 
ATOM   38  N N   . LEU A 1 8  ? 2.937   -6.207  1.475   1.00 24.86 ? 11   LEU A N   1 
ATOM   39  C CA  . LEU A 1 8  ? 3.224   -4.952  0.783   1.00 23.84 ? 11   LEU A CA  1 
ATOM   40  C C   . LEU A 1 8  ? 4.673   -5.021  0.319   1.00 24.16 ? 11   LEU A C   1 
ATOM   41  O O   . LEU A 1 8  ? 5.567   -5.482  1.066   1.00 23.68 ? 11   LEU A O   1 
ATOM   42  C CB  . LEU A 1 8  ? 2.977   -3.781  1.745   1.00 24.17 ? 11   LEU A CB  1 
ATOM   43  C CG  . LEU A 1 8  ? 3.143   -2.327  1.273   1.00 21.18 ? 11   LEU A CG  1 
ATOM   44  C CD1 . LEU A 1 8  ? 2.188   -1.965  0.143   1.00 23.24 ? 11   LEU A CD1 1 
ATOM   45  C CD2 . LEU A 1 8  ? 3.009   -1.376  2.504   1.00 21.78 ? 11   LEU A CD2 1 
ATOM   46  N N   . SER A 1 9  ? 4.899   -4.622  -0.927  1.00 24.65 ? 12   SER A N   1 
ATOM   47  C CA  . SER A 1 9  ? 6.262   -4.465  -1.398  1.00 25.14 ? 12   SER A CA  1 
ATOM   48  C C   . SER A 1 9  ? 6.496   -3.030  -1.858  1.00 24.49 ? 12   SER A C   1 
ATOM   49  O O   . SER A 1 9  ? 5.558   -2.318  -2.237  1.00 24.01 ? 12   SER A O   1 
ATOM   50  C CB  . SER A 1 9  ? 6.572   -5.471  -2.512  1.00 25.97 ? 12   SER A CB  1 
ATOM   51  O OG  . SER A 1 9  ? 5.766   -5.236  -3.638  1.00 30.27 ? 12   SER A OG  1 
ATOM   52  N N   . LEU A 1 10 ? 7.752   -2.620  -1.806  1.00 23.74 ? 13   LEU A N   1 
ATOM   53  C CA  . LEU A 1 10 ? 8.157   -1.286  -2.241  1.00 22.58 ? 13   LEU A CA  1 
ATOM   54  C C   . LEU A 1 10 ? 9.248   -1.363  -3.308  1.00 23.28 ? 13   LEU A C   1 
ATOM   55  O O   . LEU A 1 10 ? 10.276  -2.021  -3.088  1.00 22.15 ? 13   LEU A O   1 
ATOM   56  C CB  . LEU A 1 10 ? 8.645   -0.510  -1.026  1.00 23.49 ? 13   LEU A CB  1 
ATOM   57  C CG  . LEU A 1 10 ? 9.492   0.747   -1.285  1.00 22.69 ? 13   LEU A CG  1 
ATOM   58  C CD1 . LEU A 1 10 ? 8.629   1.869   -1.860  1.00 21.34 ? 13   LEU A CD1 1 
ATOM   59  C CD2 . LEU A 1 10 ? 10.194  1.196   -0.006  1.00 22.89 ? 13   LEU A CD2 1 
ATOM   60  N N   . HIS A 1 11 ? 9.045   -0.672  -4.435  1.00 22.97 ? 14   HIS A N   1 
ATOM   61  C CA  . HIS A 1 11 ? 10.066  -0.649  -5.507  1.00 25.00 ? 14   HIS A CA  1 
ATOM   62  C C   . HIS A 1 11 ? 10.125  0.752   -6.082  1.00 23.84 ? 14   HIS A C   1 
ATOM   63  O O   . HIS A 1 11 ? 9.092   1.305   -6.431  1.00 23.18 ? 14   HIS A O   1 
ATOM   64  C CB  . HIS A 1 11 ? 9.733   -1.634  -6.641  1.00 26.24 ? 14   HIS A CB  1 
ATOM   65  C CG  . HIS A 1 11 ? 9.664   -3.069  -6.197  1.00 31.78 ? 14   HIS A CG  1 
ATOM   66  N ND1 . HIS A 1 11 ? 8.483   -3.675  -5.819  1.00 37.18 ? 14   HIS A ND1 1 
ATOM   67  C CD2 . HIS A 1 11 ? 10.635  -3.994  -6.007  1.00 36.48 ? 14   HIS A CD2 1 
ATOM   68  C CE1 . HIS A 1 11 ? 8.725   -4.920  -5.444  1.00 38.53 ? 14   HIS A CE1 1 
ATOM   69  N NE2 . HIS A 1 11 ? 10.025  -5.138  -5.546  1.00 38.38 ? 14   HIS A NE2 1 
ATOM   70  N N   . PRO A 1 12 ? 11.327  1.338   -6.177  1.00 24.82 ? 15   PRO A N   1 
ATOM   71  C CA  . PRO A 1 12 ? 12.579  0.872   -5.601  1.00 24.64 ? 15   PRO A CA  1 
ATOM   72  C C   . PRO A 1 12 ? 12.570  1.081   -4.081  1.00 25.08 ? 15   PRO A C   1 
ATOM   73  O O   . PRO A 1 12 ? 11.807  1.923   -3.571  1.00 23.11 ? 15   PRO A O   1 
ATOM   74  C CB  . PRO A 1 12 ? 13.611  1.809   -6.243  1.00 25.15 ? 15   PRO A CB  1 
ATOM   75  C CG  . PRO A 1 12 ? 12.813  3.093   -6.444  1.00 26.31 ? 15   PRO A CG  1 
ATOM   76  C CD  . PRO A 1 12 ? 11.495  2.609   -6.904  1.00 24.41 ? 15   PRO A CD  1 
ATOM   77  N N   . SER A 1 13 ? 13.412  0.341   -3.365  1.00 24.71 ? 16   SER A N   1 
ATOM   78  C CA  . SER A 1 13 ? 13.485  0.504   -1.908  1.00 24.71 ? 16   SER A CA  1 
ATOM   79  C C   . SER A 1 13 ? 14.818  1.104   -1.439  1.00 23.65 ? 16   SER A C   1 
ATOM   80  O O   . SER A 1 13 ? 14.909  1.628   -0.332  1.00 22.45 ? 16   SER A O   1 
ATOM   81  C CB  . SER A 1 13 ? 13.231  -0.831  -1.217  1.00 25.53 ? 16   SER A CB  1 
ATOM   82  O OG  . SER A 1 13 ? 14.074  -1.819  -1.778  1.00 27.90 ? 16   SER A OG  1 
ATOM   83  N N   . GLN A 1 14 ? 15.846  1.031   -2.292  1.00 22.94 ? 17   GLN A N   1 
ATOM   84  C CA  . GLN A 1 14 ? 17.166  1.560   -1.949  1.00 22.73 ? 17   GLN A CA  1 
ATOM   85  C C   . GLN A 1 14 ? 17.534  2.757   -2.808  1.00 23.21 ? 17   GLN A C   1 
ATOM   86  O O   . GLN A 1 14 ? 17.178  2.778   -3.993  1.00 24.23 ? 17   GLN A O   1 
ATOM   87  C CB  . GLN A 1 14 ? 18.254  0.490   -2.081  1.00 22.64 ? 17   GLN A CB  1 
ATOM   88  C CG  . GLN A 1 14 ? 17.960  -0.796  -1.277  1.00 20.81 ? 17   GLN A CG  1 
ATOM   89  C CD  . GLN A 1 14 ? 18.068  -0.581  0.212   1.00 22.67 ? 17   GLN A CD  1 
ATOM   90  O OE1 . GLN A 1 14 ? 18.825  0.281   0.660   1.00 22.75 ? 17   GLN A OE1 1 
ATOM   91  N NE2 . GLN A 1 14 ? 17.289  -1.351  0.994   1.00 20.58 ? 17   GLN A NE2 1 
ATOM   92  N N   . GLY A 1 15 ? 18.229  3.710   -2.187  1.00 22.71 ? 18   GLY A N   1 
ATOM   93  C CA  . GLY A 1 15 ? 18.694  4.949   -2.828  1.00 24.68 ? 18   GLY A CA  1 
ATOM   94  C C   . GLY A 1 15 ? 17.566  5.839   -3.373  1.00 24.76 ? 18   GLY A C   1 
ATOM   95  O O   . GLY A 1 15 ? 17.767  6.581   -4.338  1.00 24.97 ? 18   GLY A O   1 
ATOM   96  N N   . VAL A 1 16 ? 16.406  5.805   -2.723  1.00 23.79 ? 19   VAL A N   1 
ATOM   97  C CA  . VAL A 1 16 ? 15.279  6.623   -3.154  1.00 23.00 ? 19   VAL A CA  1 
ATOM   98  C C   . VAL A 1 16 ? 15.498  8.066   -2.713  1.00 22.32 ? 19   VAL A C   1 
ATOM   99  O O   . VAL A 1 16 ? 15.885  8.326   -1.563  1.00 23.10 ? 19   VAL A O   1 
ATOM   100 C CB  . VAL A 1 16 ? 13.924  6.088   -2.617  1.00 22.79 ? 19   VAL A CB  1 
ATOM   101 C CG1 . VAL A 1 16 ? 12.798  7.033   -3.012  1.00 22.16 ? 19   VAL A CG1 1 
ATOM   102 C CG2 . VAL A 1 16 ? 13.668  4.679   -3.172  1.00 24.08 ? 19   VAL A CG2 1 
ATOM   103 N N   . SER A 1 17 ? 15.254  9.001   -3.630  1.00 22.50 ? 20   SER A N   1 
ATOM   104 C CA  . SER A 1 17 ? 15.461  10.428  -3.402  1.00 23.81 ? 20   SER A CA  1 
ATOM   105 C C   . SER A 1 17 ? 14.229  11.216  -3.778  1.00 23.22 ? 20   SER A C   1 
ATOM   106 O O   . SER A 1 17 ? 13.399  10.727  -4.538  1.00 22.24 ? 20   SER A O   1 
ATOM   107 C CB  . SER A 1 17 ? 16.599  10.887  -4.318  1.00 24.47 ? 20   SER A CB  1 
ATOM   108 O OG  . SER A 1 17 ? 17.772  10.123  -4.039  1.00 30.18 ? 20   SER A OG  1 
ATOM   109 N N   . LEU A 1 18 ? 14.122  12.460  -3.313  1.00 23.28 ? 21   LEU A N   1 
ATOM   110 C CA  . LEU A 1 18 ? 13.084  13.355  -3.853  1.00 24.26 ? 21   LEU A CA  1 
ATOM   111 C C   . LEU A 1 18 ? 13.121  13.374  -5.375  1.00 23.87 ? 21   LEU A C   1 
ATOM   112 O O   . LEU A 1 18 ? 14.202  13.457  -5.972  1.00 23.03 ? 21   LEU A O   1 
ATOM   113 C CB  . LEU A 1 18 ? 13.273  14.797  -3.351  1.00 25.62 ? 21   LEU A CB  1 
ATOM   114 C CG  . LEU A 1 18 ? 13.066  15.152  -1.873  1.00 29.73 ? 21   LEU A CG  1 
ATOM   115 C CD1 . LEU A 1 18 ? 12.611  16.626  -1.773  1.00 34.23 ? 21   LEU A CD1 1 
ATOM   116 C CD2 . LEU A 1 18 ? 12.095  14.273  -1.144  1.00 32.33 ? 21   LEU A CD2 1 
ATOM   117 N N   . GLY A 1 19 ? 11.940  13.357  -5.970  1.00 23.17 ? 22   GLY A N   1 
ATOM   118 C CA  . GLY A 1 19 ? 11.768  13.340  -7.409  1.00 24.11 ? 22   GLY A CA  1 
ATOM   119 C C   . GLY A 1 19 ? 11.610  11.966  -8.001  1.00 24.19 ? 22   GLY A C   1 
ATOM   120 O O   . GLY A 1 19 ? 11.141  11.832  -9.141  1.00 24.97 ? 22   GLY A O   1 
ATOM   121 N N   . ASP A 1 20 ? 11.968  10.922  -7.243  1.00 22.96 ? 23   ASP A N   1 
ATOM   122 C CA  . ASP A 1 20 ? 11.821  9.574   -7.764  1.00 23.16 ? 23   ASP A CA  1 
ATOM   123 C C   . ASP A 1 20 ? 10.374  9.125   -7.645  1.00 23.74 ? 23   ASP A C   1 
ATOM   124 O O   . ASP A 1 20 ? 9.646   9.632   -6.804  1.00 23.93 ? 23   ASP A O   1 
ATOM   125 C CB  . ASP A 1 20 ? 12.684  8.586   -6.987  1.00 23.03 ? 23   ASP A CB  1 
ATOM   126 C CG  . ASP A 1 20 ? 14.139  8.745   -7.240  1.00 24.62 ? 23   ASP A CG  1 
ATOM   127 O OD1 . ASP A 1 20 ? 14.550  9.504   -8.164  1.00 23.63 ? 23   ASP A OD1 1 
ATOM   128 O OD2 . ASP A 1 20 ? 14.884  8.120   -6.460  1.00 24.54 ? 23   ASP A OD2 1 
ATOM   129 N N   . THR A 1 21 ? 9.959   8.178   -8.490  1.00 23.11 ? 24   THR A N   1 
ATOM   130 C CA  . THR A 1 21 ? 8.623   7.578   -8.386  1.00 24.73 ? 24   THR A CA  1 
ATOM   131 C C   . THR A 1 21 ? 8.739   6.203   -7.703  1.00 23.37 ? 24   THR A C   1 
ATOM   132 O O   . THR A 1 21 ? 9.619   5.391   -8.045  1.00 25.62 ? 24   THR A O   1 
ATOM   133 C CB  . THR A 1 21 ? 7.932   7.520   -9.801  1.00 24.89 ? 24   THR A CB  1 
ATOM   134 O OG1 . THR A 1 21 ? 7.809   8.858   -10.276 1.00 28.37 ? 24   THR A OG1 1 
ATOM   135 C CG2 . THR A 1 21 ? 6.525   6.872   -9.729  1.00 27.68 ? 24   THR A CG2 1 
ATOM   136 N N   . VAL A 1 22 ? 7.912   5.969   -6.687  1.00 22.41 ? 25   VAL A N   1 
ATOM   137 C CA  . VAL A 1 22 ? 7.888   4.682   -6.005  1.00 21.45 ? 25   VAL A CA  1 
ATOM   138 C C   . VAL A 1 22 ? 6.542   3.993   -6.216  1.00 21.83 ? 25   VAL A C   1 
ATOM   139 O O   . VAL A 1 22 ? 5.526   4.640   -6.453  1.00 22.28 ? 25   VAL A O   1 
ATOM   140 C CB  . VAL A 1 22 ? 8.197   4.761   -4.480  1.00 21.45 ? 25   VAL A CB  1 
ATOM   141 C CG1 . VAL A 1 22 ? 9.603   5.299   -4.223  1.00 21.64 ? 25   VAL A CG1 1 
ATOM   142 C CG2 . VAL A 1 22 ? 7.135   5.646   -3.731  1.00 21.90 ? 25   VAL A CG2 1 
ATOM   143 N N   . THR A 1 23 ? 6.567   2.671   -6.113  1.00 20.45 ? 26   THR A N   1 
ATOM   144 C CA  . THR A 1 23 ? 5.383   1.864   -6.253  1.00 21.73 ? 26   THR A CA  1 
ATOM   145 C C   . THR A 1 23 ? 5.302   0.984   -5.021  1.00 20.79 ? 26   THR A C   1 
ATOM   146 O O   . THR A 1 23 ? 6.248   0.224   -4.702  1.00 20.72 ? 26   THR A O   1 
ATOM   147 C CB  . THR A 1 23 ? 5.444   0.959   -7.514  1.00 21.34 ? 26   THR A CB  1 
ATOM   148 O OG1 . THR A 1 23 ? 5.450   1.774   -8.694  1.00 26.28 ? 26   THR A OG1 1 
ATOM   149 C CG2 . THR A 1 23 ? 4.199   0.067   -7.551  1.00 24.77 ? 26   THR A CG2 1 
ATOM   150 N N   . LEU A 1 24 ? 4.168   1.083   -4.339  1.00 21.01 ? 27   LEU A N   1 
ATOM   151 C CA  . LEU A 1 24 ? 3.842   0.242   -3.212  1.00 21.21 ? 27   LEU A CA  1 
ATOM   152 C C   . LEU A 1 24 ? 2.780   -0.724  -3.699  1.00 22.11 ? 27   LEU A C   1 
ATOM   153 O O   . LEU A 1 24 ? 1.669   -0.308  -4.056  1.00 22.39 ? 27   LEU A O   1 
ATOM   154 C CB  . LEU A 1 24 ? 3.243   1.082   -2.064  1.00 21.10 ? 27   LEU A CB  1 
ATOM   155 C CG  . LEU A 1 24 ? 4.165   1.933   -1.182  1.00 22.97 ? 27   LEU A CG  1 
ATOM   156 C CD1 . LEU A 1 24 ? 5.066   1.065   -0.303  1.00 19.42 ? 27   LEU A CD1 1 
ATOM   157 C CD2 . LEU A 1 24 ? 4.967   2.969   -1.966  1.00 23.41 ? 27   LEU A CD2 1 
ATOM   158 N N   . ARG A 1 25 ? 3.129   -1.998  -3.736  1.00 22.27 ? 28   ARG A N   1 
ATOM   159 C CA  . ARG A 1 25 ? 2.240   -2.989  -4.324  1.00 23.71 ? 28   ARG A CA  1 
ATOM   160 C C   . ARG A 1 25 ? 1.642   -3.817  -3.188  1.00 23.75 ? 28   ARG A C   1 
ATOM   161 O O   . ARG A 1 25 ? 2.378   -4.463  -2.402  1.00 22.78 ? 28   ARG A O   1 
ATOM   162 C CB  . ARG A 1 25 ? 3.028   -3.845  -5.331  1.00 23.89 ? 28   ARG A CB  1 
ATOM   163 C CG  . ARG A 1 25 ? 2.224   -4.909  -6.001  1.00 28.94 ? 28   ARG A CG  1 
ATOM   164 C CD  . ARG A 1 25 ? 3.044   -5.584  -7.106  1.00 35.93 ? 28   ARG A CD  1 
ATOM   165 N NE  . ARG A 1 25 ? 2.384   -6.812  -7.559  1.00 38.28 ? 28   ARG A NE  1 
ATOM   166 C CZ  . ARG A 1 25 ? 1.551   -6.890  -8.595  1.00 40.48 ? 28   ARG A CZ  1 
ATOM   167 N NH1 . ARG A 1 25 ? 1.263   -5.809  -9.319  1.00 41.19 ? 28   ARG A NH1 1 
ATOM   168 N NH2 . ARG A 1 25 ? 1.016   -8.063  -8.914  1.00 41.04 ? 28   ARG A NH2 1 
ATOM   169 N N   . CYS A 1 26 ? 0.310   -3.809  -3.102  1.00 24.51 ? 29   CYS A N   1 
ATOM   170 C CA  . CYS A 1 26 ? -0.377  -4.484  -2.014  1.00 24.99 ? 29   CYS A CA  1 
ATOM   171 C C   . CYS A 1 26 ? -0.958  -5.758  -2.583  1.00 25.98 ? 29   CYS A C   1 
ATOM   172 O O   . CYS A 1 26 ? -1.838  -5.706  -3.466  1.00 26.42 ? 29   CYS A O   1 
ATOM   173 C CB  . CYS A 1 26 ? -1.501  -3.625  -1.416  1.00 24.71 ? 29   CYS A CB  1 
ATOM   174 S SG  . CYS A 1 26 ? -2.281  -4.347  0.071   1.00 26.43 ? 29   CYS A SG  1 
ATOM   175 N N   . HIS A 1 27 ? -0.463  -6.879  -2.078  1.00 27.84 ? 30   HIS A N   1 
ATOM   176 C CA  . HIS A 1 27 ? -0.868  -8.210  -2.574  1.00 29.07 ? 30   HIS A CA  1 
ATOM   177 C C   . HIS A 1 27 ? -1.987  -8.790  -1.750  1.00 29.40 ? 30   HIS A C   1 
ATOM   178 O O   . HIS A 1 27 ? -1.874  -8.896  -0.541  1.00 28.24 ? 30   HIS A O   1 
ATOM   179 C CB  . HIS A 1 27 ? 0.314   -9.174  -2.513  1.00 30.03 ? 30   HIS A CB  1 
ATOM   180 C CG  . HIS A 1 27 ? 1.469   -8.756  -3.363  1.00 33.30 ? 30   HIS A CG  1 
ATOM   181 N ND1 . HIS A 1 27 ? 2.523   -8.009  -2.876  1.00 37.01 ? 30   HIS A ND1 1 
ATOM   182 C CD2 . HIS A 1 27 ? 1.738   -8.979  -4.672  1.00 37.90 ? 30   HIS A CD2 1 
ATOM   183 C CE1 . HIS A 1 27 ? 3.390   -7.785  -3.848  1.00 35.85 ? 30   HIS A CE1 1 
ATOM   184 N NE2 . HIS A 1 27 ? 2.941   -8.368  -4.948  1.00 35.90 ? 30   HIS A NE2 1 
ATOM   185 N N   . LEU A 1 28 ? -3.070  -9.187  -2.413  1.00 31.16 ? 31   LEU A N   1 
ATOM   186 C CA  . LEU A 1 28 ? -4.178  -9.813  -1.695  1.00 34.04 ? 31   LEU A CA  1 
ATOM   187 C C   . LEU A 1 28 ? -4.924  -10.812 -2.582  1.00 35.47 ? 31   LEU A C   1 
ATOM   188 O O   . LEU A 1 28 ? -4.572  -10.959 -3.749  1.00 34.86 ? 31   LEU A O   1 
ATOM   189 C CB  . LEU A 1 28 ? -5.106  -8.777  -1.022  1.00 34.25 ? 31   LEU A CB  1 
ATOM   190 C CG  . LEU A 1 28 ? -5.703  -7.417  -1.466  1.00 36.08 ? 31   LEU A CG  1 
ATOM   191 C CD1 . LEU A 1 28 ? -4.905  -6.617  -2.505  1.00 35.46 ? 31   LEU A CD1 1 
ATOM   192 C CD2 . LEU A 1 28 ? -7.200  -7.482  -1.837  1.00 35.93 ? 31   LEU A CD2 1 
ATOM   193 N N   . PRO A 1 29 ? -5.936  -11.511 -2.023  1.00 37.36 ? 32   PRO A N   1 
ATOM   194 C CA  . PRO A 1 29 ? -6.672  -12.496 -2.834  1.00 38.65 ? 32   PRO A CA  1 
ATOM   195 C C   . PRO A 1 29 ? -7.472  -11.915 -4.001  1.00 40.06 ? 32   PRO A C   1 
ATOM   196 O O   . PRO A 1 29 ? -7.751  -10.706 -4.045  1.00 40.21 ? 32   PRO A O   1 
ATOM   197 C CB  . PRO A 1 29 ? -7.616  -13.161 -1.823  1.00 38.49 ? 32   PRO A CB  1 
ATOM   198 C CG  . PRO A 1 29 ? -7.016  -12.883 -0.477  1.00 38.56 ? 32   PRO A CG  1 
ATOM   199 C CD  . PRO A 1 29 ? -6.433  -11.487 -0.639  1.00 37.40 ? 32   PRO A CD  1 
ATOM   200 N N   . ARG A 1 30 ? -7.861  -12.792 -4.932  1.00 41.04 ? 33   ARG A N   1 
ATOM   201 C CA  . ARG A 1 30 ? -8.643  -12.393 -6.104  1.00 41.68 ? 33   ARG A CA  1 
ATOM   202 C C   . ARG A 1 30 ? -10.124 -12.238 -5.754  1.00 41.77 ? 33   ARG A C   1 
ATOM   203 O O   . ARG A 1 30 ? -10.991 -12.986 -6.248  1.00 41.01 ? 33   ARG A O   1 
ATOM   204 C CB  . ARG A 1 30 ? -8.473  -13.404 -7.239  1.00 42.33 ? 33   ARG A CB  1 
ATOM   205 C CG  . ARG A 1 30 ? -7.083  -13.422 -7.859  1.00 44.79 ? 33   ARG A CG  1 
ATOM   206 C CD  . ARG A 1 30 ? -7.103  -14.288 -9.098  1.00 49.13 ? 33   ARG A CD  1 
ATOM   207 N NE  . ARG A 1 30 ? -5.772  -14.712 -9.513  1.00 52.91 ? 33   ARG A NE  1 
ATOM   208 C CZ  . ARG A 1 30 ? -5.074  -14.145 -10.494 1.00 55.61 ? 33   ARG A CZ  1 
ATOM   209 N NH1 . ARG A 1 30 ? -5.571  -13.112 -11.169 1.00 56.31 ? 33   ARG A NH1 1 
ATOM   210 N NH2 . ARG A 1 30 ? -3.871  -14.618 -10.805 1.00 56.44 ? 33   ARG A NH2 1 
ATOM   211 N N   . MET A 1 31 ? -10.396 -11.286 -4.865  1.00 40.97 ? 34   MET A N   1 
ATOM   212 C CA  . MET A 1 31 ? -11.753 -10.813 -4.576  1.00 41.23 ? 34   MET A CA  1 
ATOM   213 C C   . MET A 1 31 ? -11.795 -9.315  -4.861  1.00 39.84 ? 34   MET A C   1 
ATOM   214 O O   . MET A 1 31 ? -10.775 -8.645  -4.755  1.00 40.38 ? 34   MET A O   1 
ATOM   215 C CB  . MET A 1 31 ? -12.106 -11.068 -3.111  1.00 41.07 ? 34   MET A CB  1 
ATOM   216 C CG  . MET A 1 31 ? -11.114 -10.476 -2.104  1.00 41.90 ? 34   MET A CG  1 
ATOM   217 S SD  . MET A 1 31 ? -11.531 -10.861 -0.402  1.00 44.93 ? 34   MET A SD  1 
ATOM   218 C CE  . MET A 1 31 ? -10.891 -12.531 -0.213  1.00 45.74 ? 34   MET A CE  1 
ATOM   219 N N   . ALA A 1 32 ? -12.953 -8.787  -5.233  1.00 38.33 ? 35   ALA A N   1 
ATOM   220 C CA  . ALA A 1 32 ? -13.121 -7.334  -5.360  1.00 36.50 ? 35   ALA A CA  1 
ATOM   221 C C   . ALA A 1 32 ? -12.962 -6.707  -3.966  1.00 34.52 ? 35   ALA A C   1 
ATOM   222 O O   . ALA A 1 32 ? -13.489 -7.217  -2.981  1.00 34.29 ? 35   ALA A O   1 
ATOM   223 C CB  . ALA A 1 32 ? -14.493 -6.983  -5.979  1.00 35.87 ? 35   ALA A CB  1 
ATOM   224 N N   . ALA A 1 33 ? -12.203 -5.626  -3.871  1.00 33.16 ? 36   ALA A N   1 
ATOM   225 C CA  . ALA A 1 33 ? -11.949 -5.032  -2.552  1.00 30.92 ? 36   ALA A CA  1 
ATOM   226 C C   . ALA A 1 33 ? -11.465 -3.588  -2.656  1.00 29.40 ? 36   ALA A C   1 
ATOM   227 O O   . ALA A 1 33 ? -10.903 -3.180  -3.673  1.00 30.21 ? 36   ALA A O   1 
ATOM   228 C CB  . ALA A 1 33 ? -10.956 -5.877  -1.756  1.00 30.65 ? 36   ALA A CB  1 
ATOM   229 N N   . TRP A 1 34 ? -11.730 -2.818  -1.614  1.00 28.15 ? 37   TRP A N   1 
ATOM   230 C CA  . TRP A 1 34 ? -11.164 -1.471  -1.456  1.00 26.11 ? 37   TRP A CA  1 
ATOM   231 C C   . TRP A 1 34 ? -9.833  -1.648  -0.761  1.00 24.91 ? 37   TRP A C   1 
ATOM   232 O O   . TRP A 1 34 ? -9.769  -2.308  0.253   1.00 25.06 ? 37   TRP A O   1 
ATOM   233 C CB  . TRP A 1 34 ? -12.111 -0.573  -0.631  1.00 26.64 ? 37   TRP A CB  1 
ATOM   234 C CG  . TRP A 1 34 ? -13.120 0.077   -1.514  1.00 25.73 ? 37   TRP A CG  1 
ATOM   235 C CD1 . TRP A 1 34 ? -14.434 -0.300  -1.697  1.00 27.42 ? 37   TRP A CD1 1 
ATOM   236 C CD2 . TRP A 1 34 ? -12.898 1.184   -2.391  1.00 26.61 ? 37   TRP A CD2 1 
ATOM   237 N NE1 . TRP A 1 34 ? -15.036 0.533   -2.602  1.00 25.61 ? 37   TRP A NE1 1 
ATOM   238 C CE2 . TRP A 1 34 ? -14.115 1.429   -3.070  1.00 25.53 ? 37   TRP A CE2 1 
ATOM   239 C CE3 . TRP A 1 34 ? -11.804 2.014   -2.647  1.00 25.23 ? 37   TRP A CE3 1 
ATOM   240 C CZ2 . TRP A 1 34 ? -14.264 2.465   -3.964  1.00 25.51 ? 37   TRP A CZ2 1 
ATOM   241 C CZ3 . TRP A 1 34 ? -11.947 3.039   -3.559  1.00 28.13 ? 37   TRP A CZ3 1 
ATOM   242 C CH2 . TRP A 1 34 ? -13.169 3.259   -4.207  1.00 27.84 ? 37   TRP A CH2 1 
ATOM   243 N N   . VAL A 1 35 ? -8.768  -1.091  -1.333  1.00 24.57 ? 38   VAL A N   1 
ATOM   244 C CA  . VAL A 1 35 ? -7.440  -1.289  -0.748  1.00 23.41 ? 38   VAL A CA  1 
ATOM   245 C C   . VAL A 1 35 ? -6.959  0.054   -0.210  1.00 21.56 ? 38   VAL A C   1 
ATOM   246 O O   . VAL A 1 35 ? -7.148  1.071   -0.875  1.00 21.49 ? 38   VAL A O   1 
ATOM   247 C CB  . VAL A 1 35 ? -6.458  -1.830  -1.782  1.00 24.36 ? 38   VAL A CB  1 
ATOM   248 C CG1 . VAL A 1 35 ? -5.131  -2.193  -1.119  1.00 24.17 ? 38   VAL A CG1 1 
ATOM   249 C CG2 . VAL A 1 35 ? -7.056  -3.063  -2.492  1.00 23.77 ? 38   VAL A CG2 1 
ATOM   250 N N   . GLN A 1 36 ? -6.369  0.053   0.984   1.00 20.84 ? 39   GLN A N   1 
ATOM   251 C CA  . GLN A 1 36 ? -5.881  1.298   1.583   1.00 20.83 ? 39   GLN A CA  1 
ATOM   252 C C   . GLN A 1 36 ? -4.364  1.292   1.755   1.00 19.66 ? 39   GLN A C   1 
ATOM   253 O O   . GLN A 1 36 ? -3.797  0.274   2.189   1.00 21.10 ? 39   GLN A O   1 
ATOM   254 C CB  . GLN A 1 36 ? -6.480  1.444   2.958   1.00 19.98 ? 39   GLN A CB  1 
ATOM   255 C CG  . GLN A 1 36 ? -8.005  1.518   2.925   1.00 21.99 ? 39   GLN A CG  1 
ATOM   256 C CD  . GLN A 1 36 ? -8.640  1.656   4.288   1.00 22.25 ? 39   GLN A CD  1 
ATOM   257 O OE1 . GLN A 1 36 ? -8.042  1.330   5.324   1.00 23.40 ? 39   GLN A OE1 1 
ATOM   258 N NE2 . GLN A 1 36 ? -9.906  2.114   4.296   1.00 23.25 ? 39   GLN A NE2 1 
ATOM   259 N N   . LEU A 1 37 ? -3.728  2.431   1.502   1.00 19.56 ? 40   LEU A N   1 
ATOM   260 C CA  . LEU A 1 37 ? -2.332  2.580   1.846   1.00 17.87 ? 40   LEU A CA  1 
ATOM   261 C C   . LEU A 1 37 ? -2.245  3.555   3.010   1.00 18.23 ? 40   LEU A C   1 
ATOM   262 O O   . LEU A 1 37 ? -2.714  4.689   2.893   1.00 17.16 ? 40   LEU A O   1 
ATOM   263 C CB  . LEU A 1 37 ? -1.504  3.104   0.659   1.00 16.37 ? 40   LEU A CB  1 
ATOM   264 C CG  . LEU A 1 37 ? 0.025   3.164   0.914   1.00 18.54 ? 40   LEU A CG  1 
ATOM   265 C CD1 . LEU A 1 37 ? 0.668   1.753   0.901   1.00 18.41 ? 40   LEU A CD1 1 
ATOM   266 C CD2 . LEU A 1 37 ? 0.661   4.035   -0.154  1.00 16.66 ? 40   LEU A CD2 1 
ATOM   267 N N   . TRP A 1 38 ? -1.563  3.118   4.066   1.00 16.67 ? 41   TRP A N   1 
ATOM   268 C CA  . TRP A 1 38 ? -1.428  3.864   5.320   1.00 17.52 ? 41   TRP A CA  1 
ATOM   269 C C   . TRP A 1 38 ? 0.022   4.252   5.480   1.00 17.63 ? 41   TRP A C   1 
ATOM   270 O O   . TRP A 1 38 ? 0.930   3.453   5.145   1.00 17.61 ? 41   TRP A O   1 
ATOM   271 C CB  . TRP A 1 38 ? -1.799  2.975   6.495   1.00 16.94 ? 41   TRP A CB  1 
ATOM   272 C CG  . TRP A 1 38 ? -3.270  2.743   6.568   1.00 19.45 ? 41   TRP A CG  1 
ATOM   273 C CD1 . TRP A 1 38 ? -4.037  2.052   5.668   1.00 19.76 ? 41   TRP A CD1 1 
ATOM   274 C CD2 . TRP A 1 38 ? -4.153  3.222   7.585   1.00 19.07 ? 41   TRP A CD2 1 
ATOM   275 N NE1 . TRP A 1 38 ? -5.369  2.047   6.096   1.00 18.75 ? 41   TRP A NE1 1 
ATOM   276 C CE2 . TRP A 1 38 ? -5.461  2.767   7.257   1.00 17.72 ? 41   TRP A CE2 1 
ATOM   277 C CE3 . TRP A 1 38 ? -3.965  3.972   8.762   1.00 18.68 ? 41   TRP A CE3 1 
ATOM   278 C CZ2 . TRP A 1 38 ? -6.587  3.069   8.040   1.00 19.74 ? 41   TRP A CZ2 1 
ATOM   279 C CZ3 . TRP A 1 38 ? -5.082  4.265   9.562   1.00 20.73 ? 41   TRP A CZ3 1 
ATOM   280 C CH2 . TRP A 1 38 ? -6.392  3.806   9.191   1.00 21.22 ? 41   TRP A CH2 1 
ATOM   281 N N   . LEU A 1 39 ? 0.236   5.472   5.970   1.00 17.79 ? 42   LEU A N   1 
ATOM   282 C CA  . LEU A 1 39 ? 1.593   5.987   6.236   1.00 17.57 ? 42   LEU A CA  1 
ATOM   283 C C   . LEU A 1 39 ? 1.659   6.447   7.694   1.00 17.80 ? 42   LEU A C   1 
ATOM   284 O O   . LEU A 1 39 ? 0.843   7.302   8.101   1.00 17.22 ? 42   LEU A O   1 
ATOM   285 C CB  . LEU A 1 39 ? 1.926   7.149   5.264   1.00 17.24 ? 42   LEU A CB  1 
ATOM   286 C CG  . LEU A 1 39 ? 3.178   7.985   5.590   1.00 17.80 ? 42   LEU A CG  1 
ATOM   287 C CD1 . LEU A 1 39 ? 4.443   7.074   5.722   1.00 17.74 ? 42   LEU A CD1 1 
ATOM   288 C CD2 . LEU A 1 39 ? 3.439   9.076   4.546   1.00 20.11 ? 42   LEU A CD2 1 
ATOM   289 N N   . ASN A 1 40 ? 2.585   5.871   8.484   1.00 17.53 ? 43   ASN A N   1 
ATOM   290 C CA  . ASN A 1 40 ? 2.744   6.265   9.897   1.00 18.25 ? 43   ASN A CA  1 
ATOM   291 C C   . ASN A 1 40 ? 1.422   6.149   10.664  1.00 18.85 ? 43   ASN A C   1 
ATOM   292 O O   . ASN A 1 40 ? 1.117   6.964   11.566  1.00 19.61 ? 43   ASN A O   1 
ATOM   293 C CB  . ASN A 1 40 ? 3.283   7.699   10.032  1.00 18.44 ? 43   ASN A CB  1 
ATOM   294 C CG  . ASN A 1 40 ? 4.673   7.880   9.445   1.00 18.49 ? 43   ASN A CG  1 
ATOM   295 O OD1 . ASN A 1 40 ? 5.348   6.913   9.056   1.00 18.72 ? 43   ASN A OD1 1 
ATOM   296 N ND2 . ASN A 1 40 ? 5.074   9.166   9.338   1.00 19.74 ? 43   ASN A ND2 1 
ATOM   297 N N   . GLY A 1 41 ? 0.632   5.141   10.303  1.00 18.30 ? 44   GLY A N   1 
ATOM   298 C CA  . GLY A 1 41 ? -0.596  4.844   11.063  1.00 18.97 ? 44   GLY A CA  1 
ATOM   299 C C   . GLY A 1 41 ? -1.779  5.736   10.711  1.00 20.20 ? 44   GLY A C   1 
ATOM   300 O O   . GLY A 1 41 ? -2.783  5.766   11.451  1.00 19.79 ? 44   GLY A O   1 
ATOM   301 N N   . THR A 1 42 ? -1.685  6.462   9.592   1.00 18.98 ? 45   THR A N   1 
ATOM   302 C CA  . THR A 1 42 ? -2.786  7.303   9.106   1.00 20.52 ? 45   THR A CA  1 
ATOM   303 C C   . THR A 1 42 ? -3.019  6.954   7.627   1.00 19.54 ? 45   THR A C   1 
ATOM   304 O O   . THR A 1 42 ? -2.063  6.735   6.879   1.00 19.04 ? 45   THR A O   1 
ATOM   305 C CB  . THR A 1 42 ? -2.429  8.808   9.269   1.00 21.33 ? 45   THR A CB  1 
ATOM   306 O OG1 . THR A 1 42 ? -2.323  9.131   10.670  1.00 23.41 ? 45   THR A OG1 1 
ATOM   307 C CG2 . THR A 1 42 ? -3.463  9.720   8.604   1.00 22.12 ? 45   THR A CG2 1 
ATOM   308 N N   . LEU A 1 43 ? -4.281  6.870   7.218   1.00 19.19 ? 46   LEU A N   1 
ATOM   309 C CA  . LEU A 1 43 ? -4.611  6.562   5.814   1.00 17.95 ? 46   LEU A CA  1 
ATOM   310 C C   . LEU A 1 43 ? -4.054  7.622   4.871   1.00 18.93 ? 46   LEU A C   1 
ATOM   311 O O   . LEU A 1 43 ? -4.288  8.850   5.098   1.00 17.80 ? 46   LEU A O   1 
ATOM   312 C CB  . LEU A 1 43 ? -6.153  6.485   5.649   1.00 18.59 ? 46   LEU A CB  1 
ATOM   313 C CG  . LEU A 1 43 ? -6.647  6.311   4.214   1.00 20.54 ? 46   LEU A CG  1 
ATOM   314 C CD1 . LEU A 1 43 ? -6.410  4.862   3.880   1.00 23.87 ? 46   LEU A CD1 1 
ATOM   315 C CD2 . LEU A 1 43 ? -8.164  6.664   4.018   1.00 19.72 ? 46   LEU A CD2 1 
ATOM   316 N N   . ARG A 1 44 ? -3.328  7.160   3.828   1.00 16.82 ? 47   ARG A N   1 
ATOM   317 C CA  . ARG A 1 44 ? -2.844  8.067   2.799   1.00 18.02 ? 47   ARG A CA  1 
ATOM   318 C C   . ARG A 1 44 ? -3.686  8.032   1.516   1.00 19.55 ? 47   ARG A C   1 
ATOM   319 O O   . ARG A 1 44 ? -4.211  9.073   1.092   1.00 19.24 ? 47   ARG A O   1 
ATOM   320 C CB  . ARG A 1 44 ? -1.343  7.850   2.494   1.00 17.82 ? 47   ARG A CB  1 
ATOM   321 C CG  . ARG A 1 44 ? -0.810  8.992   1.628   1.00 19.15 ? 47   ARG A CG  1 
ATOM   322 C CD  . ARG A 1 44 ? 0.646   8.925   1.350   1.00 20.92 ? 47   ARG A CD  1 
ATOM   323 N NE  . ARG A 1 44 ? 1.001   10.050  0.477   1.00 22.21 ? 47   ARG A NE  1 
ATOM   324 C CZ  . ARG A 1 44 ? 2.224   10.353  0.054   1.00 26.81 ? 47   ARG A CZ  1 
ATOM   325 N NH1 . ARG A 1 44 ? 3.281   9.646   0.456   1.00 21.64 ? 47   ARG A NH1 1 
ATOM   326 N NH2 . ARG A 1 44 ? 2.386   11.402  -0.756  1.00 23.24 ? 47   ARG A NH2 1 
ATOM   327 N N   . PHE A 1 45 ? -3.821  6.847   0.917   1.00 20.33 ? 48   PHE A N   1 
ATOM   328 C CA  . PHE A 1 45 ? -4.561  6.654   -0.338  1.00 20.36 ? 48   PHE A CA  1 
ATOM   329 C C   . PHE A 1 45 ? -5.464  5.458   -0.190  1.00 21.51 ? 48   PHE A C   1 
ATOM   330 O O   . PHE A 1 45 ? -5.219  4.552   0.629   1.00 21.01 ? 48   PHE A O   1 
ATOM   331 C CB  . PHE A 1 45 ? -3.611  6.305   -1.491  1.00 20.15 ? 48   PHE A CB  1 
ATOM   332 C CG  . PHE A 1 45 ? -2.582  7.357   -1.784  1.00 20.64 ? 48   PHE A CG  1 
ATOM   333 C CD1 . PHE A 1 45 ? -2.973  8.648   -2.140  1.00 22.35 ? 48   PHE A CD1 1 
ATOM   334 C CD2 . PHE A 1 45 ? -1.230  7.040   -1.757  1.00 19.93 ? 48   PHE A CD2 1 
ATOM   335 C CE1 . PHE A 1 45 ? -2.026  9.619   -2.469  1.00 23.19 ? 48   PHE A CE1 1 
ATOM   336 C CE2 . PHE A 1 45 ? -0.274  8.001   -2.071  1.00 19.75 ? 48   PHE A CE2 1 
ATOM   337 C CZ  . PHE A 1 45 ? -0.670  9.280   -2.422  1.00 23.53 ? 48   PHE A CZ  1 
ATOM   338 N N   . ASP A 1 46 ? -6.524  5.442   -0.987  1.00 23.17 ? 49   ASP A N   1 
ATOM   339 C CA  . ASP A 1 46 ? -7.241  4.185   -1.172  1.00 25.22 ? 49   ASP A CA  1 
ATOM   340 C C   . ASP A 1 46 ? -7.594  4.067   -2.635  1.00 26.99 ? 49   ASP A C   1 
ATOM   341 O O   . ASP A 1 46 ? -7.544  5.067   -3.367  1.00 28.45 ? 49   ASP A O   1 
ATOM   342 C CB  . ASP A 1 46 ? -8.457  4.041   -0.241  1.00 25.23 ? 49   ASP A CB  1 
ATOM   343 C CG  . ASP A 1 46 ? -9.597  5.015   -0.564  1.00 26.78 ? 49   ASP A CG  1 
ATOM   344 O OD1 . ASP A 1 46 ? -9.540  5.741   -1.561  1.00 28.37 ? 49   ASP A OD1 1 
ATOM   345 O OD2 . ASP A 1 46 ? -10.538 5.055   0.236   1.00 29.91 ? 49   ASP A OD2 1 
ATOM   346 N N   . LYS A 1 47 ? -7.892  2.848   -3.070  1.00 28.37 ? 50   LYS A N   1 
ATOM   347 C CA  . LYS A 1 47 ? -8.360  2.611   -4.438  1.00 30.04 ? 50   LYS A CA  1 
ATOM   348 C C   . LYS A 1 47 ? -9.055  1.256   -4.567  1.00 30.72 ? 50   LYS A C   1 
ATOM   349 O O   . LYS A 1 47 ? -8.908  0.371   -3.719  1.00 29.91 ? 50   LYS A O   1 
ATOM   350 C CB  . LYS A 1 47 ? -7.196  2.690   -5.422  1.00 30.61 ? 50   LYS A CB  1 
ATOM   351 C CG  . LYS A 1 47 ? -6.183  1.571   -5.259  1.00 31.83 ? 50   LYS A CG  1 
ATOM   352 C CD  . LYS A 1 47 ? -4.959  1.808   -6.142  1.00 35.25 ? 50   LYS A CD  1 
ATOM   353 C CE  . LYS A 1 47 ? -5.279  1.636   -7.597  1.00 37.17 ? 50   LYS A CE  1 
ATOM   354 N NZ  . LYS A 1 47 ? -4.150  2.049   -8.476  1.00 40.23 ? 50   LYS A NZ  1 
ATOM   355 N N   . GLU A 1 48 ? -9.800  1.102   -5.653  1.00 32.14 ? 51   GLU A N   1 
ATOM   356 C CA  . GLU A 1 48 ? -10.497 -0.144  -5.954  1.00 34.41 ? 51   GLU A CA  1 
ATOM   357 C C   . GLU A 1 48 ? -9.514  -1.164  -6.490  1.00 34.72 ? 51   GLU A C   1 
ATOM   358 O O   . GLU A 1 48 ? -8.608  -0.814  -7.238  1.00 34.83 ? 51   GLU A O   1 
ATOM   359 C CB  . GLU A 1 48 ? -11.552 0.101   -7.046  1.00 34.71 ? 51   GLU A CB  1 
ATOM   360 C CG  . GLU A 1 48 ? -12.489 1.258   -6.794  1.00 38.76 ? 51   GLU A CG  1 
ATOM   361 C CD  . GLU A 1 48 ? -11.950 2.633   -7.227  1.00 44.14 ? 51   GLU A CD  1 
ATOM   362 O OE1 . GLU A 1 48 ? -10.705 2.857   -7.236  1.00 45.12 ? 51   GLU A OE1 1 
ATOM   363 O OE2 . GLU A 1 48 ? -12.804 3.514   -7.531  1.00 45.95 ? 51   GLU A OE2 1 
ATOM   364 N N   . LYS A 1 49 ? -9.720  -2.424  -6.136  1.00 35.90 ? 52   LYS A N   1 
ATOM   365 C CA  . LYS A 1 49 ? -9.010  -3.510  -6.797  1.00 37.31 ? 52   LYS A CA  1 
ATOM   366 C C   . LYS A 1 49 ? -10.033 -4.493  -7.341  1.00 38.37 ? 52   LYS A C   1 
ATOM   367 O O   . LYS A 1 49 ? -10.670 -5.228  -6.566  1.00 37.37 ? 52   LYS A O   1 
ATOM   368 C CB  . LYS A 1 49 ? -8.049  -4.223  -5.843  1.00 36.89 ? 52   LYS A CB  1 
ATOM   369 C CG  . LYS A 1 49 ? -7.209  -5.313  -6.536  1.00 36.83 ? 52   LYS A CG  1 
ATOM   370 C CD  . LYS A 1 49 ? -6.701  -6.377  -5.583  1.00 36.51 ? 52   LYS A CD  1 
ATOM   371 C CE  . LYS A 1 49 ? -7.750  -7.420  -5.247  1.00 39.42 ? 52   LYS A CE  1 
ATOM   372 N NZ  . LYS A 1 49 ? -8.136  -8.273  -6.423  1.00 39.49 ? 52   LYS A NZ  1 
ATOM   373 N N   . ASP A 1 50 ? -10.187 -4.472  -8.664  1.00 40.59 ? 53   ASP A N   1 
ATOM   374 C CA  . ASP A 1 50 ? -11.016 -5.436  -9.394  1.00 42.66 ? 53   ASP A CA  1 
ATOM   375 C C   . ASP A 1 50 ? -10.714 -6.872  -8.952  1.00 43.44 ? 53   ASP A C   1 
ATOM   376 O O   . ASP A 1 50 ? -9.578  -7.204  -8.578  1.00 43.56 ? 53   ASP A O   1 
ATOM   377 C CB  . ASP A 1 50 ? -10.827 -5.255  -10.906 1.00 43.26 ? 53   ASP A CB  1 
ATOM   378 C CG  . ASP A 1 50 ? -11.261 -3.874  -11.393 1.00 45.79 ? 53   ASP A CG  1 
ATOM   379 O OD1 . ASP A 1 50 ? -12.342 -3.394  -10.972 1.00 47.61 ? 53   ASP A OD1 1 
ATOM   380 O OD2 . ASP A 1 50 ? -10.521 -3.256  -12.202 1.00 49.86 ? 53   ASP A OD2 1 
ATOM   381 N N   . LYS A 1 51 ? -11.736 -7.728  -8.975  1.00 44.65 ? 54   LYS A N   1 
ATOM   382 C CA  . LYS A 1 51 ? -11.606 -9.067  -8.413  1.00 45.10 ? 54   LYS A CA  1 
ATOM   383 C C   . LYS A 1 51 ? -10.458 -9.889  -9.025  1.00 45.19 ? 54   LYS A C   1 
ATOM   384 O O   . LYS A 1 51 ? -9.795  -10.642 -8.316  1.00 45.35 ? 54   LYS A O   1 
ATOM   385 C CB  . LYS A 1 51 ? -12.952 -9.812  -8.433  1.00 45.89 ? 54   LYS A CB  1 
ATOM   386 C CG  . LYS A 1 51 ? -13.369 -10.445 -9.752  1.00 47.05 ? 54   LYS A CG  1 
ATOM   387 C CD  . LYS A 1 51 ? -14.221 -11.693 -9.499  1.00 48.79 ? 54   LYS A CD  1 
ATOM   388 C CE  . LYS A 1 51 ? -13.673 -12.496 -8.299  1.00 49.70 ? 54   LYS A CE  1 
ATOM   389 N NZ  . LYS A 1 51 ? -13.865 -13.962 -8.409  1.00 51.01 ? 54   LYS A NZ  1 
ATOM   390 N N   . GLU A 1 52 ? -10.207 -9.699  -10.320 1.00 44.86 ? 55   GLU A N   1 
ATOM   391 C CA  . GLU A 1 52 ? -9.222  -10.495 -11.065 1.00 44.85 ? 55   GLU A CA  1 
ATOM   392 C C   . GLU A 1 52 ? -7.756  -10.110 -10.844 1.00 44.49 ? 55   GLU A C   1 
ATOM   393 O O   . GLU A 1 52 ? -6.847  -10.895 -11.171 1.00 44.97 ? 55   GLU A O   1 
ATOM   394 N N   . GLN A 1 53 ? -7.527  -8.913  -10.304 1.00 43.31 ? 56   GLN A N   1 
ATOM   395 C CA  . GLN A 1 53 ? -6.179  -8.420  -9.985  1.00 42.82 ? 56   GLN A CA  1 
ATOM   396 C C   . GLN A 1 53 ? -5.565  -9.177  -8.789  1.00 41.22 ? 56   GLN A C   1 
ATOM   397 O O   . GLN A 1 53 ? -6.266  -9.524  -7.855  1.00 41.64 ? 56   GLN A O   1 
ATOM   398 C CB  . GLN A 1 53 ? -6.248  -6.923  -9.648  1.00 42.67 ? 56   GLN A CB  1 
ATOM   399 C CG  . GLN A 1 53 ? -6.314  -5.934  -10.821 1.00 43.78 ? 56   GLN A CG  1 
ATOM   400 C CD  . GLN A 1 53 ? -6.382  -4.472  -10.343 1.00 44.69 ? 56   GLN A CD  1 
ATOM   401 O OE1 . GLN A 1 53 ? -7.449  -3.967  -9.968  1.00 46.77 ? 56   GLN A OE1 1 
ATOM   402 N NE2 . GLN A 1 53 ? -5.235  -3.790  -10.348 1.00 47.64 ? 56   GLN A NE2 1 
ATOM   403 N N   . ASP A 1 54 ? -4.257  -9.431  -8.816  1.00 40.20 ? 57   ASP A N   1 
ATOM   404 C CA  . ASP A 1 54 ? -3.554  -10.044 -7.670  1.00 38.70 ? 57   ASP A CA  1 
ATOM   405 C C   . ASP A 1 54 ? -3.122  -9.001  -6.634  1.00 36.69 ? 57   ASP A C   1 
ATOM   406 O O   . ASP A 1 54 ? -2.736  -9.359  -5.524  1.00 35.53 ? 57   ASP A O   1 
ATOM   407 C CB  . ASP A 1 54 ? -2.296  -10.801 -8.128  1.00 39.44 ? 57   ASP A CB  1 
ATOM   408 C CG  . ASP A 1 54 ? -2.610  -12.175 -8.658  1.00 42.73 ? 57   ASP A CG  1 
ATOM   409 O OD1 . ASP A 1 54 ? -3.380  -12.916 -7.985  1.00 46.21 ? 57   ASP A OD1 1 
ATOM   410 O OD2 . ASP A 1 54 ? -2.080  -12.507 -9.745  1.00 46.72 ? 57   ASP A OD2 1 
ATOM   411 N N   . ALA A 1 55 ? -3.170  -7.729  -7.030  1.00 34.73 ? 58   ALA A N   1 
ATOM   412 C CA  . ALA A 1 55 ? -2.635  -6.616  -6.217  1.00 32.94 ? 58   ALA A CA  1 
ATOM   413 C C   . ALA A 1 55 ? -3.246  -5.273  -6.609  1.00 31.32 ? 58   ALA A C   1 
ATOM   414 O O   . ALA A 1 55 ? -3.762  -5.112  -7.718  1.00 31.14 ? 58   ALA A O   1 
ATOM   415 C CB  . ALA A 1 55 ? -1.100  -6.550  -6.366  1.00 33.38 ? 58   ALA A CB  1 
ATOM   416 N N   . ALA A 1 56 ? -3.217  -4.314  -5.685  1.00 29.85 ? 59   ALA A N   1 
ATOM   417 C CA  . ALA A 1 56 ? -3.467  -2.911  -6.014  1.00 28.26 ? 59   ALA A CA  1 
ATOM   418 C C   . ALA A 1 56 ? -2.101  -2.266  -5.908  1.00 27.21 ? 59   ALA A C   1 
ATOM   419 O O   . ALA A 1 56 ? -1.363  -2.593  -5.000  1.00 26.66 ? 59   ALA A O   1 
ATOM   420 C CB  . ALA A 1 56 ? -4.406  -2.272  -4.995  1.00 27.35 ? 59   ALA A CB  1 
ATOM   421 N N   . GLU A 1 57 ? -1.767  -1.373  -6.834  1.00 26.64 ? 60   GLU A N   1 
ATOM   422 C CA  . GLU A 1 57 ? -0.481  -0.684  -6.802  1.00 26.33 ? 60   GLU A CA  1 
ATOM   423 C C   . GLU A 1 57 ? -0.735  0.790   -6.583  1.00 25.24 ? 60   GLU A C   1 
ATOM   424 O O   . GLU A 1 57 ? -1.617  1.369   -7.233  1.00 25.28 ? 60   GLU A O   1 
ATOM   425 C CB  . GLU A 1 57 ? 0.279   -0.866  -8.121  1.00 27.79 ? 60   GLU A CB  1 
ATOM   426 C CG  . GLU A 1 57 ? 0.915   -2.235  -8.255  1.00 30.26 ? 60   GLU A CG  1 
ATOM   427 C CD  . GLU A 1 57 ? 1.923   -2.303  -9.381  1.00 33.03 ? 60   GLU A CD  1 
ATOM   428 O OE1 . GLU A 1 57 ? 1.936   -1.403  -10.249 1.00 33.35 ? 60   GLU A OE1 1 
ATOM   429 O OE2 . GLU A 1 57 ? 2.717   -3.264  -9.384  1.00 38.94 ? 60   GLU A OE2 1 
ATOM   430 N N   . PHE A 1 58 ? 0.025   1.390   -5.670  1.00 23.04 ? 61   PHE A N   1 
ATOM   431 C CA  . PHE A 1 58 ? -0.047  2.816   -5.446  1.00 22.63 ? 61   PHE A CA  1 
ATOM   432 C C   . PHE A 1 58 ? 1.279   3.352   -5.933  1.00 21.81 ? 61   PHE A C   1 
ATOM   433 O O   . PHE A 1 58 ? 2.312   3.109   -5.303  1.00 23.17 ? 61   PHE A O   1 
ATOM   434 C CB  . PHE A 1 58 ? -0.204  3.115   -3.943  1.00 21.13 ? 61   PHE A CB  1 
ATOM   435 C CG  . PHE A 1 58 ? -1.431  2.505   -3.330  1.00 23.51 ? 61   PHE A CG  1 
ATOM   436 C CD1 . PHE A 1 58 ? -2.622  3.241   -3.247  1.00 22.89 ? 61   PHE A CD1 1 
ATOM   437 C CD2 . PHE A 1 58 ? -1.422  1.188   -2.862  1.00 22.37 ? 61   PHE A CD2 1 
ATOM   438 C CE1 . PHE A 1 58 ? -3.761  2.679   -2.692  1.00 22.98 ? 61   PHE A CE1 1 
ATOM   439 C CE2 . PHE A 1 58 ? -2.561  0.612   -2.316  1.00 23.22 ? 61   PHE A CE2 1 
ATOM   440 C CZ  . PHE A 1 58 ? -3.733  1.357   -2.226  1.00 22.02 ? 61   PHE A CZ  1 
ATOM   441 N N   . SER A 1 59 ? 1.274   4.084   -7.037  1.00 22.96 ? 62   SER A N   1 
ATOM   442 C CA  . SER A 1 59 ? 2.516   4.642   -7.560  1.00 22.98 ? 62   SER A CA  1 
ATOM   443 C C   . SER A 1 59 ? 2.425   6.143   -7.425  1.00 22.88 ? 62   SER A C   1 
ATOM   444 O O   . SER A 1 59 ? 1.394   6.737   -7.805  1.00 22.78 ? 62   SER A O   1 
ATOM   445 C CB  . SER A 1 59 ? 2.728   4.276   -9.029  1.00 23.77 ? 62   SER A CB  1 
ATOM   446 O OG  . SER A 1 59 ? 2.916   2.889   -9.182  1.00 27.65 ? 62   SER A OG  1 
ATOM   447 N N   . PHE A 1 60 ? 3.475   6.747   -6.873  1.00 21.19 ? 63   PHE A N   1 
ATOM   448 C CA  . PHE A 1 60 ? 3.495   8.203   -6.684  1.00 20.91 ? 63   PHE A CA  1 
ATOM   449 C C   . PHE A 1 60 ? 4.907   8.759   -6.687  1.00 20.32 ? 63   PHE A C   1 
ATOM   450 O O   . PHE A 1 60 ? 5.906   8.026   -6.457  1.00 19.90 ? 63   PHE A O   1 
ATOM   451 C CB  . PHE A 1 60 ? 2.745   8.621   -5.414  1.00 21.61 ? 63   PHE A CB  1 
ATOM   452 C CG  . PHE A 1 60 ? 3.221   7.941   -4.153  1.00 22.19 ? 63   PHE A CG  1 
ATOM   453 C CD1 . PHE A 1 60 ? 4.176   8.546   -3.332  1.00 23.49 ? 63   PHE A CD1 1 
ATOM   454 C CD2 . PHE A 1 60 ? 2.681   6.714   -3.760  1.00 24.51 ? 63   PHE A CD2 1 
ATOM   455 C CE1 . PHE A 1 60 ? 4.609   7.930   -2.162  1.00 23.35 ? 63   PHE A CE1 1 
ATOM   456 C CE2 . PHE A 1 60 ? 3.112   6.094   -2.604  1.00 21.30 ? 63   PHE A CE2 1 
ATOM   457 C CZ  . PHE A 1 60 ? 4.053   6.700   -1.789  1.00 20.21 ? 63   PHE A CZ  1 
ATOM   458 N N   . ALA A 1 61 ? 5.001   10.055  -6.970  1.00 18.48 ? 64   ALA A N   1 
ATOM   459 C CA  . ALA A 1 61 ? 6.297   10.712  -6.926  1.00 18.57 ? 64   ALA A CA  1 
ATOM   460 C C   . ALA A 1 61 ? 6.624   11.077  -5.486  1.00 17.37 ? 64   ALA A C   1 
ATOM   461 O O   . ALA A 1 61 ? 5.736   11.475  -4.719  1.00 18.67 ? 64   ALA A O   1 
ATOM   462 C CB  . ALA A 1 61 ? 6.270   11.955  -7.800  1.00 18.90 ? 64   ALA A CB  1 
ATOM   463 N N   . VAL A 1 62 ? 7.892   10.932  -5.113  1.00 17.44 ? 65   VAL A N   1 
ATOM   464 C CA  . VAL A 1 62 ? 8.377   11.421  -3.823  1.00 17.38 ? 65   VAL A CA  1 
ATOM   465 C C   . VAL A 1 62 ? 8.584   12.927  -3.991  1.00 18.31 ? 65   VAL A C   1 
ATOM   466 O O   . VAL A 1 62 ? 9.427   13.357  -4.811  1.00 20.03 ? 65   VAL A O   1 
ATOM   467 C CB  . VAL A 1 62 ? 9.676   10.707  -3.425  1.00 17.38 ? 65   VAL A CB  1 
ATOM   468 C CG1 . VAL A 1 62 ? 10.189  11.217  -2.074  1.00 17.30 ? 65   VAL A CG1 1 
ATOM   469 C CG2 . VAL A 1 62 ? 9.450   9.148   -3.394  1.00 17.30 ? 65   VAL A CG2 1 
ATOM   470 N N   . THR A 1 63 ? 7.788   13.735  -3.295  1.00 18.00 ? 66   THR A N   1 
ATOM   471 C CA  . THR A 1 63 ? 7.858   15.181  -3.493  1.00 19.15 ? 66   THR A CA  1 
ATOM   472 C C   . THR A 1 63 ? 8.285   15.910  -2.232  1.00 21.28 ? 66   THR A C   1 
ATOM   473 O O   . THR A 1 63 ? 8.496   17.125  -2.260  1.00 22.45 ? 66   THR A O   1 
ATOM   474 C CB  . THR A 1 63 ? 6.513   15.742  -3.948  1.00 20.39 ? 66   THR A CB  1 
ATOM   475 O OG1 . THR A 1 63 ? 5.542   15.585  -2.888  1.00 22.08 ? 66   THR A OG1 1 
ATOM   476 C CG2 . THR A 1 63 ? 6.033   15.008  -5.204  1.00 20.18 ? 66   THR A CG2 1 
ATOM   477 N N   . ASN A 1 64 ? 8.394   15.213  -1.110  1.00 20.47 ? 67   ASN A N   1 
ATOM   478 C CA  . ASN A 1 64 ? 8.893   15.949  0.065   1.00 21.62 ? 67   ASN A CA  1 
ATOM   479 C C   . ASN A 1 64 ? 9.365   14.991  1.134   1.00 21.12 ? 67   ASN A C   1 
ATOM   480 O O   . ASN A 1 64 ? 9.131   13.791  1.032   1.00 20.67 ? 67   ASN A O   1 
ATOM   481 C CB  . ASN A 1 64 ? 7.830   16.910  0.593   1.00 22.70 ? 67   ASN A CB  1 
ATOM   482 C CG  . ASN A 1 64 ? 6.622   16.173  1.152   1.00 27.06 ? 67   ASN A CG  1 
ATOM   483 O OD1 . ASN A 1 64 ? 5.703   15.793  0.430   1.00 34.26 ? 67   ASN A OD1 1 
ATOM   484 N ND2 . ASN A 1 64 ? 6.654   15.929  2.427   1.00 29.50 ? 67   ASN A ND2 1 
ATOM   485 N N   . LEU A 1 65 ? 10.040  15.523  2.146   1.00 19.97 ? 68   LEU A N   1 
ATOM   486 C CA  . LEU A 1 65 ? 10.657  14.697  3.171   1.00 20.65 ? 68   LEU A CA  1 
ATOM   487 C C   . LEU A 1 65 ? 9.622   13.914  3.981   1.00 20.11 ? 68   LEU A C   1 
ATOM   488 O O   . LEU A 1 65 ? 9.980   12.861  4.546   1.00 21.83 ? 68   LEU A O   1 
ATOM   489 C CB  . LEU A 1 65 ? 11.454  15.582  4.135   1.00 21.74 ? 68   LEU A CB  1 
ATOM   490 C CG  . LEU A 1 65 ? 12.654  16.299  3.503   1.00 23.76 ? 68   LEU A CG  1 
ATOM   491 C CD1 . LEU A 1 65 ? 13.295  17.217  4.581   1.00 22.59 ? 68   LEU A CD1 1 
ATOM   492 C CD2 . LEU A 1 65 ? 13.656  15.372  2.893   1.00 26.99 ? 68   LEU A CD2 1 
ATOM   493 N N   . GLU A 1 66 ? 8.389   14.404  4.041   1.00 16.74 ? 69   GLU A N   1 
ATOM   494 C CA  . GLU A 1 66 ? 7.345   13.725  4.810   1.00 19.22 ? 69   GLU A CA  1 
ATOM   495 C C   . GLU A 1 66 ? 6.808   12.461  4.145   1.00 15.15 ? 69   GLU A C   1 
ATOM   496 O O   . GLU A 1 66 ? 6.016   11.732  4.746   1.00 11.76 ? 69   GLU A O   1 
ATOM   497 C CB  . GLU A 1 66 ? 6.223   14.694  5.232   1.00 18.53 ? 69   GLU A CB  1 
ATOM   498 C CG  . GLU A 1 66 ? 6.779   15.839  6.137   1.00 23.67 ? 69   GLU A CG  1 
ATOM   499 C CD  . GLU A 1 66 ? 5.691   16.803  6.575   1.00 26.47 ? 69   GLU A CD  1 
ATOM   500 O OE1 . GLU A 1 66 ? 4.601   16.782  5.967   1.00 36.02 ? 69   GLU A OE1 1 
ATOM   501 O OE2 . GLU A 1 66 ? 5.940   17.594  7.520   1.00 38.07 ? 69   GLU A OE2 1 
ATOM   502 N N   . ASP A 1 67 ? 7.278   12.186  2.926   1.00 15.79 ? 70   ASP A N   1 
ATOM   503 C CA  . ASP A 1 67 ? 6.952   10.933  2.243   1.00 17.24 ? 70   ASP A CA  1 
ATOM   504 C C   . ASP A 1 67 ? 7.670   9.747   2.872   1.00 17.09 ? 70   ASP A C   1 
ATOM   505 O O   . ASP A 1 67 ? 7.242   8.630   2.721   1.00 17.55 ? 70   ASP A O   1 
ATOM   506 C CB  . ASP A 1 67 ? 7.291   10.983  0.731   1.00 17.26 ? 70   ASP A CB  1 
ATOM   507 C CG  . ASP A 1 67 ? 6.312   11.823  -0.053  1.00 21.92 ? 70   ASP A CG  1 
ATOM   508 O OD1 . ASP A 1 67 ? 5.094   11.714  0.204   1.00 24.85 ? 70   ASP A OD1 1 
ATOM   509 O OD2 . ASP A 1 67 ? 6.757   12.589  -0.929  1.00 22.10 ? 70   ASP A OD2 1 
ATOM   510 N N   . ALA A 1 68 ? 8.752   10.008  3.590   1.00 17.15 ? 71   ALA A N   1 
ATOM   511 C CA  . ALA A 1 68 ? 9.484   8.947   4.272   1.00 17.03 ? 71   ALA A CA  1 
ATOM   512 C C   . ALA A 1 68 ? 8.602   8.334   5.362   1.00 17.24 ? 71   ALA A C   1 
ATOM   513 O O   . ALA A 1 68 ? 7.693   8.979   5.862   1.00 17.44 ? 71   ALA A O   1 
ATOM   514 C CB  . ALA A 1 68 ? 10.768  9.529   4.888   1.00 18.00 ? 71   ALA A CB  1 
ATOM   515 N N   . GLY A 1 69 ? 8.838   7.077   5.718   1.00 17.43 ? 72   GLY A N   1 
ATOM   516 C CA  . GLY A 1 69 ? 8.154   6.557   6.906   1.00 17.05 ? 72   GLY A CA  1 
ATOM   517 C C   . GLY A 1 69 ? 7.643   5.151   6.731   1.00 18.39 ? 72   GLY A C   1 
ATOM   518 O O   . GLY A 1 69 ? 8.099   4.403   5.847   1.00 17.42 ? 72   GLY A O   1 
ATOM   519 N N   . THR A 1 70 ? 6.678   4.793   7.573   1.00 17.51 ? 73   THR A N   1 
ATOM   520 C CA  . THR A 1 70 ? 6.244   3.397   7.645   1.00 18.78 ? 73   THR A CA  1 
ATOM   521 C C   . THR A 1 70 ? 4.956   3.186   6.867   1.00 18.32 ? 73   THR A C   1 
ATOM   522 O O   . THR A 1 70 ? 3.899   3.720   7.246   1.00 18.06 ? 73   THR A O   1 
ATOM   523 C CB  . THR A 1 70 ? 6.038   2.961   9.085   1.00 19.85 ? 73   THR A CB  1 
ATOM   524 O OG1 . THR A 1 70 ? 7.203   3.284   9.825   1.00 21.81 ? 73   THR A OG1 1 
ATOM   525 C CG2 . THR A 1 70 ? 5.789   1.418   9.139   1.00 21.31 ? 73   THR A CG2 1 
ATOM   526 N N   . TYR A 1 71 ? 5.068   2.454   5.764   1.00 16.38 ? 74   TYR A N   1 
ATOM   527 C CA  . TYR A 1 71 ? 3.914   2.127   4.920   1.00 16.82 ? 74   TYR A CA  1 
ATOM   528 C C   . TYR A 1 71 ? 3.301   0.766   5.238   1.00 18.37 ? 74   TYR A C   1 
ATOM   529 O O   . TYR A 1 71 ? 4.012   -0.213  5.460   1.00 17.15 ? 74   TYR A O   1 
ATOM   530 C CB  . TYR A 1 71 ? 4.266   2.197   3.441   1.00 17.94 ? 74   TYR A CB  1 
ATOM   531 C CG  . TYR A 1 71 ? 4.444   3.627   2.955   1.00 17.10 ? 74   TYR A CG  1 
ATOM   532 C CD1 . TYR A 1 71 ? 5.690   4.274   3.072   1.00 17.80 ? 74   TYR A CD1 1 
ATOM   533 C CD2 . TYR A 1 71 ? 3.370   4.332   2.408   1.00 18.34 ? 74   TYR A CD2 1 
ATOM   534 C CE1 . TYR A 1 71 ? 5.871   5.584   2.623   1.00 15.97 ? 74   TYR A CE1 1 
ATOM   535 C CE2 . TYR A 1 71 ? 3.540   5.677   1.972   1.00 17.35 ? 74   TYR A CE2 1 
ATOM   536 C CZ  . TYR A 1 71 ? 4.789   6.270   2.087   1.00 15.85 ? 74   TYR A CZ  1 
ATOM   537 O OH  . TYR A 1 71 ? 4.962   7.578   1.675   1.00 17.39 ? 74   TYR A OH  1 
ATOM   538 N N   . GLN A 1 72 ? 1.975   0.722   5.235   1.00 17.91 ? 75   GLN A N   1 
ATOM   539 C CA  . GLN A 1 72 ? 1.232   -0.526  5.420   1.00 18.69 ? 75   GLN A CA  1 
ATOM   540 C C   . GLN A 1 72 ? 0.033   -0.528  4.521   1.00 19.59 ? 75   GLN A C   1 
ATOM   541 O O   . GLN A 1 72 ? -0.428  0.548   4.105   1.00 19.30 ? 75   GLN A O   1 
ATOM   542 C CB  . GLN A 1 72 ? 0.763   -0.653  6.863   1.00 18.63 ? 75   GLN A CB  1 
ATOM   543 C CG  . GLN A 1 72 ? 1.866   -0.933  7.842   1.00 20.62 ? 75   GLN A CG  1 
ATOM   544 C CD  . GLN A 1 72 ? 1.396   -0.766  9.261   1.00 22.24 ? 75   GLN A CD  1 
ATOM   545 O OE1 . GLN A 1 72 ? 1.087   0.343   9.692   1.00 23.46 ? 75   GLN A OE1 1 
ATOM   546 N NE2 . GLN A 1 72 ? 1.294   -1.873  9.990   1.00 24.26 ? 75   GLN A NE2 1 
ATOM   547 N N   . CYS A 1 73 ? -0.522  -1.710  4.246   1.00 19.24 ? 76   CYS A N   1 
ATOM   548 C CA  . CYS A 1 73 ? -1.783  -1.754  3.500   1.00 20.56 ? 76   CYS A CA  1 
ATOM   549 C C   . CYS A 1 73 ? -2.814  -2.646  4.199   1.00 21.29 ? 76   CYS A C   1 
ATOM   550 O O   . CYS A 1 73 ? -2.438  -3.517  4.998   1.00 21.25 ? 76   CYS A O   1 
ATOM   551 C CB  . CYS A 1 73 ? -1.574  -2.105  2.006   1.00 20.43 ? 76   CYS A CB  1 
ATOM   552 S SG  . CYS A 1 73 ? -1.058  -3.812  1.638   1.00 24.59 ? 76   CYS A SG  1 
ATOM   553 N N   . ARG A 1 74 ? -4.090  -2.361  3.913   1.00 22.05 ? 77   ARG A N   1 
ATOM   554 C CA  . ARG A 1 74 ? -5.256  -2.947  4.567   1.00 23.40 ? 77   ARG A CA  1 
ATOM   555 C C   . ARG A 1 74 ? -6.278  -3.087  3.450   1.00 23.21 ? 77   ARG A C   1 
ATOM   556 O O   . ARG A 1 74 ? -6.323  -2.249  2.541   1.00 23.12 ? 77   ARG A O   1 
ATOM   557 C CB  . ARG A 1 74 ? -5.752  -1.910  5.582   1.00 23.72 ? 77   ARG A CB  1 
ATOM   558 C CG  . ARG A 1 74 ? -6.881  -2.256  6.453   1.00 26.05 ? 77   ARG A CG  1 
ATOM   559 C CD  . ARG A 1 74 ? -6.946  -1.177  7.480   1.00 24.79 ? 77   ARG A CD  1 
ATOM   560 N NE  . ARG A 1 74 ? -8.047  -1.334  8.413   1.00 31.92 ? 77   ARG A NE  1 
ATOM   561 C CZ  . ARG A 1 74 ? -9.079  -0.514  8.526   1.00 30.08 ? 77   ARG A CZ  1 
ATOM   562 N NH1 . ARG A 1 74 ? -9.229  0.547   7.733   1.00 25.83 ? 77   ARG A NH1 1 
ATOM   563 N NH2 . ARG A 1 74 ? -10.002 -0.796  9.431   1.00 32.85 ? 77   ARG A NH2 1 
ATOM   564 N N   . TYR A 1 75 ? -7.125  -4.109  3.486   1.00 23.66 ? 78   TYR A N   1 
ATOM   565 C CA  . TYR A 1 75 ? -8.218  -4.165  2.495   1.00 23.95 ? 78   TYR A CA  1 
ATOM   566 C C   . TYR A 1 75 ? -9.536  -4.550  3.143   1.00 23.97 ? 78   TYR A C   1 
ATOM   567 O O   . TYR A 1 75 ? -9.529  -5.091  4.244   1.00 22.05 ? 78   TYR A O   1 
ATOM   568 C CB  . TYR A 1 75 ? -7.890  -5.057  1.289   1.00 26.39 ? 78   TYR A CB  1 
ATOM   569 C CG  . TYR A 1 75 ? -7.780  -6.528  1.593   1.00 26.72 ? 78   TYR A CG  1 
ATOM   570 C CD1 . TYR A 1 75 ? -6.595  -7.070  2.098   1.00 27.90 ? 78   TYR A CD1 1 
ATOM   571 C CD2 . TYR A 1 75 ? -8.848  -7.394  1.338   1.00 29.42 ? 78   TYR A CD2 1 
ATOM   572 C CE1 . TYR A 1 75 ? -6.478  -8.439  2.379   1.00 29.38 ? 78   TYR A CE1 1 
ATOM   573 C CE2 . TYR A 1 75 ? -8.747  -8.767  1.615   1.00 29.10 ? 78   TYR A CE2 1 
ATOM   574 C CZ  . TYR A 1 75 ? -7.559  -9.281  2.140   1.00 29.55 ? 78   TYR A CZ  1 
ATOM   575 O OH  . TYR A 1 75 ? -7.419  -10.641 2.419   1.00 30.05 ? 78   TYR A OH  1 
ATOM   576 N N   . GLN A 1 76 ? -10.632 -4.191  2.464   1.00 24.89 ? 79   GLN A N   1 
ATOM   577 C CA  . GLN A 1 76 ? -11.986 -4.283  3.007   1.00 26.13 ? 79   GLN A CA  1 
ATOM   578 C C   . GLN A 1 76 ? -12.988 -4.683  1.942   1.00 26.64 ? 79   GLN A C   1 
ATOM   579 O O   . GLN A 1 76 ? -12.901 -4.280  0.773   1.00 26.33 ? 79   GLN A O   1 
ATOM   580 C CB  . GLN A 1 76 ? -12.446 -2.936  3.611   1.00 27.41 ? 79   GLN A CB  1 
ATOM   581 C CG  . GLN A 1 76 ? -11.565 -2.357  4.695   1.00 26.76 ? 79   GLN A CG  1 
ATOM   582 C CD  . GLN A 1 76 ? -12.195 -1.134  5.358   1.00 26.61 ? 79   GLN A CD  1 
ATOM   583 O OE1 . GLN A 1 76 ? -12.740 -0.252  4.678   1.00 25.10 ? 79   GLN A OE1 1 
ATOM   584 N NE2 . GLN A 1 76 ? -12.128 -1.084  6.680   1.00 28.09 ? 79   GLN A NE2 1 
ATOM   585 N N   . VAL A 1 77 ? -13.964 -5.476  2.377   1.00 28.48 ? 80   VAL A N   1 
ATOM   586 C CA  . VAL A 1 77 ? -15.088 -5.855  1.537   1.00 29.66 ? 80   VAL A CA  1 
ATOM   587 C C   . VAL A 1 77 ? -16.384 -5.622  2.320   1.00 30.24 ? 80   VAL A C   1 
ATOM   588 O O   . VAL A 1 77 ? -16.375 -5.598  3.540   1.00 29.87 ? 80   VAL A O   1 
ATOM   589 C CB  . VAL A 1 77 ? -15.003 -7.346  1.092   1.00 29.13 ? 80   VAL A CB  1 
ATOM   590 C CG1 . VAL A 1 77 ? -13.790 -7.555  0.204   1.00 30.65 ? 80   VAL A CG1 1 
ATOM   591 C CG2 . VAL A 1 77 ? -14.964 -8.271  2.303   1.00 29.24 ? 80   VAL A CG2 1 
ATOM   592 N N   . SER A 1 78 ? -17.494 -5.461  1.606   1.00 32.31 ? 81   SER A N   1 
ATOM   593 C CA  . SER A 1 78 ? -18.781 -5.206  2.281   1.00 34.15 ? 81   SER A CA  1 
ATOM   594 C C   . SER A 1 78 ? -19.755 -6.392  2.251   1.00 36.21 ? 81   SER A C   1 
ATOM   595 O O   . SER A 1 78 ? -20.854 -6.307  2.807   1.00 36.47 ? 81   SER A O   1 
ATOM   596 C CB  . SER A 1 78 ? -19.457 -3.952  1.718   1.00 33.58 ? 81   SER A CB  1 
ATOM   597 O OG  . SER A 1 78 ? -19.619 -4.061  0.333   1.00 32.31 ? 81   SER A OG  1 
ATOM   598 N N   . GLU A 1 79 ? -19.347 -7.481  1.606   1.00 37.36 ? 82   GLU A N   1 
ATOM   599 C CA  . GLU A 1 79 ? -20.157 -8.704  1.519   1.00 39.60 ? 82   GLU A CA  1 
ATOM   600 C C   . GLU A 1 79 ? -19.211 -9.896  1.617   1.00 39.16 ? 82   GLU A C   1 
ATOM   601 O O   . GLU A 1 79 ? -18.671 -10.323 0.595   1.00 40.47 ? 82   GLU A O   1 
ATOM   602 C CB  . GLU A 1 79 ? -20.900 -8.781  0.170   1.00 40.00 ? 82   GLU A CB  1 
ATOM   603 C CG  . GLU A 1 79 ? -21.547 -7.482  -0.317  1.00 43.97 ? 82   GLU A CG  1 
ATOM   604 C CD  . GLU A 1 79 ? -23.047 -7.462  -0.131  1.00 49.13 ? 82   GLU A CD  1 
ATOM   605 O OE1 . GLU A 1 79 ? -23.742 -8.214  -0.860  1.00 52.28 ? 82   GLU A OE1 1 
ATOM   606 O OE2 . GLU A 1 79 ? -23.537 -6.690  0.727   1.00 50.77 ? 82   GLU A OE2 1 
ATOM   607 N N   . PRO A 1 80 ? -18.975 -10.418 2.832   1.00 39.09 ? 83   PRO A N   1 
ATOM   608 C CA  . PRO A 1 80 ? -19.431 -9.956  4.152   1.00 39.04 ? 83   PRO A CA  1 
ATOM   609 C C   . PRO A 1 80 ? -18.686 -8.690  4.593   1.00 38.84 ? 83   PRO A C   1 
ATOM   610 O O   . PRO A 1 80 ? -17.798 -8.243  3.864   1.00 37.97 ? 83   PRO A O   1 
ATOM   611 C CB  . PRO A 1 80 ? -19.074 -11.113 5.079   1.00 39.47 ? 83   PRO A CB  1 
ATOM   612 C CG  . PRO A 1 80 ? -17.957 -11.821 4.402   1.00 39.98 ? 83   PRO A CG  1 
ATOM   613 C CD  . PRO A 1 80 ? -18.140 -11.629 2.923   1.00 39.33 ? 83   PRO A CD  1 
ATOM   614 N N   . LEU A 1 81 ? -19.022 -8.150  5.772   1.00 38.10 ? 84   LEU A N   1 
ATOM   615 C CA  . LEU A 1 81 ? -18.452 -6.869  6.231   1.00 37.26 ? 84   LEU A CA  1 
ATOM   616 C C   . LEU A 1 81 ? -17.182 -7.085  7.006   1.00 36.78 ? 84   LEU A C   1 
ATOM   617 O O   . LEU A 1 81 ? -17.185 -7.164  8.244   1.00 37.47 ? 84   LEU A O   1 
ATOM   618 C CB  . LEU A 1 81 ? -19.453 -6.040  7.051   1.00 37.75 ? 84   LEU A CB  1 
ATOM   619 C CG  . LEU A 1 81 ? -20.304 -5.037  6.257   1.00 37.39 ? 84   LEU A CG  1 
ATOM   620 C CD1 . LEU A 1 81 ? -21.538 -4.650  7.050   1.00 38.36 ? 84   LEU A CD1 1 
ATOM   621 C CD2 . LEU A 1 81 ? -19.530 -3.804  5.865   1.00 36.13 ? 84   LEU A CD2 1 
ATOM   622 N N   . TRP A 1 82 ? -16.090 -7.165  6.247   1.00 35.62 ? 85   TRP A N   1 
ATOM   623 C CA  . TRP A 1 82 ? -14.825 -7.635  6.764   1.00 34.93 ? 85   TRP A CA  1 
ATOM   624 C C   . TRP A 1 82 ? -13.711 -6.671  6.388   1.00 32.09 ? 85   TRP A C   1 
ATOM   625 O O   . TRP A 1 82 ? -13.712 -6.109  5.299   1.00 31.21 ? 85   TRP A O   1 
ATOM   626 C CB  . TRP A 1 82 ? -14.500 -9.027  6.194   1.00 35.99 ? 85   TRP A CB  1 
ATOM   627 C CG  . TRP A 1 82 ? -15.171 -10.200 6.935   1.00 39.70 ? 85   TRP A CG  1 
ATOM   628 C CD1 . TRP A 1 82 ? -15.915 -10.138 8.095   1.00 40.69 ? 85   TRP A CD1 1 
ATOM   629 C CD2 . TRP A 1 82 ? -15.089 -11.598 6.592   1.00 41.31 ? 85   TRP A CD2 1 
ATOM   630 N NE1 . TRP A 1 82 ? -16.331 -11.406 8.465   1.00 40.71 ? 85   TRP A NE1 1 
ATOM   631 C CE2 . TRP A 1 82 ? -15.841 -12.317 7.564   1.00 42.07 ? 85   TRP A CE2 1 
ATOM   632 C CE3 . TRP A 1 82 ? -14.475 -12.310 5.548   1.00 42.11 ? 85   TRP A CE3 1 
ATOM   633 C CZ2 . TRP A 1 82 ? -15.974 -13.714 7.528   1.00 40.93 ? 85   TRP A CZ2 1 
ATOM   634 C CZ3 . TRP A 1 82 ? -14.623 -13.708 5.506   1.00 40.85 ? 85   TRP A CZ3 1 
ATOM   635 C CH2 . TRP A 1 82 ? -15.364 -14.391 6.497   1.00 40.28 ? 85   TRP A CH2 1 
ATOM   636 N N   . THR A 1 83 ? -12.765 -6.523  7.302   1.00 31.60 ? 86   THR A N   1 
ATOM   637 C CA  . THR A 1 83 ? -11.505 -5.814  7.016   1.00 30.89 ? 86   THR A CA  1 
ATOM   638 C C   . THR A 1 83 ? -10.312 -6.689  7.375   1.00 31.57 ? 86   THR A C   1 
ATOM   639 O O   . THR A 1 83 ? -10.374 -7.480  8.324   1.00 32.83 ? 86   THR A O   1 
ATOM   640 C CB  . THR A 1 83 ? -11.415 -4.444  7.750   1.00 30.75 ? 86   THR A CB  1 
ATOM   641 O OG1 . THR A 1 83 ? -10.189 -3.790  7.383   1.00 29.73 ? 86   THR A OG1 1 
ATOM   642 C CG2 . THR A 1 83 ? -11.456 -4.606  9.248   1.00 29.49 ? 86   THR A CG2 1 
ATOM   643 N N   . SER A 1 84 ? -9.229  -6.560  6.618   1.00 31.31 ? 87   SER A N   1 
ATOM   644 C CA  . SER A 1 84 ? -7.987  -7.236  6.967   1.00 30.96 ? 87   SER A CA  1 
ATOM   645 C C   . SER A 1 84 ? -7.303  -6.515  8.108   1.00 31.22 ? 87   SER A C   1 
ATOM   646 O O   . SER A 1 84 ? -7.655  -5.387  8.446   1.00 31.51 ? 87   SER A O   1 
ATOM   647 C CB  . SER A 1 84 ? -7.027  -7.304  5.767   1.00 30.75 ? 87   SER A CB  1 
ATOM   648 O OG  . SER A 1 84 ? -6.446  -6.029  5.495   1.00 28.48 ? 87   SER A OG  1 
ATOM   649 N N   . ASN A 1 85 ? -6.309  -7.164  8.687   1.00 31.75 ? 88   ASN A N   1 
ATOM   650 C CA  . ASN A 1 85 ? -5.349  -6.444  9.514   1.00 32.40 ? 88   ASN A CA  1 
ATOM   651 C C   . ASN A 1 85 ? -4.394  -5.702  8.571   1.00 30.66 ? 88   ASN A C   1 
ATOM   652 O O   . ASN A 1 85 ? -4.373  -5.976  7.365   1.00 31.06 ? 88   ASN A O   1 
ATOM   653 C CB  . ASN A 1 85 ? -4.563  -7.413  10.401  1.00 33.29 ? 88   ASN A CB  1 
ATOM   654 C CG  . ASN A 1 85 ? -5.343  -7.827  11.654  1.00 37.93 ? 88   ASN A CG  1 
ATOM   655 O OD1 . ASN A 1 85 ? -5.948  -6.985  12.350  1.00 41.95 ? 88   ASN A OD1 1 
ATOM   656 N ND2 . ASN A 1 85 ? -5.329  -9.119  11.949  1.00 38.61 ? 88   ASN A ND2 1 
ATOM   657 N N   . GLN A 1 86 ? -3.654  -4.749  9.116   1.00 29.98 ? 89   GLN A N   1 
ATOM   658 C CA  . GLN A 1 86 ? -2.543  -4.120  8.376   1.00 28.16 ? 89   GLN A CA  1 
ATOM   659 C C   . GLN A 1 86 ? -1.521  -5.154  7.930   1.00 27.44 ? 89   GLN A C   1 
ATOM   660 O O   . GLN A 1 86 ? -1.214  -6.089  8.679   1.00 28.95 ? 89   GLN A O   1 
ATOM   661 C CB  . GLN A 1 86 ? -1.834  -3.113  9.252   1.00 28.31 ? 89   GLN A CB  1 
ATOM   662 C CG  . GLN A 1 86 ? -2.620  -1.826  9.583   1.00 28.68 ? 89   GLN A CG  1 
ATOM   663 C CD  . GLN A 1 86 ? -2.939  -0.980  8.375   1.00 27.66 ? 89   GLN A CD  1 
ATOM   664 O OE1 . GLN A 1 86 ? -2.491  -1.260  7.255   1.00 27.80 ? 89   GLN A OE1 1 
ATOM   665 N NE2 . GLN A 1 86 ? -3.749  0.057   8.591   1.00 28.96 ? 89   GLN A NE2 1 
ATOM   666 N N   . SER A 1 87 ? -0.990  -4.989  6.722   1.00 25.24 ? 90   SER A N   1 
ATOM   667 C CA  . SER A 1 87 ? 0.222   -5.701  6.306   1.00 23.95 ? 90   SER A CA  1 
ATOM   668 C C   . SER A 1 87 ? 1.398   -5.465  7.292   1.00 23.84 ? 90   SER A C   1 
ATOM   669 O O   . SER A 1 87 ? 1.411   -4.499  8.062   1.00 23.92 ? 90   SER A O   1 
ATOM   670 C CB  . SER A 1 87 ? 0.596   -5.271  4.883   1.00 22.90 ? 90   SER A CB  1 
ATOM   671 O OG  . SER A 1 87 ? 1.085   -3.926  4.888   1.00 22.24 ? 90   SER A OG  1 
ATOM   672 N N   . ASP A 1 88 ? 2.411   -6.334  7.256   1.00 24.09 ? 91   ASP A N   1 
ATOM   673 C CA  . ASP A 1 88 ? 3.675   -6.027  7.902   1.00 23.21 ? 91   ASP A CA  1 
ATOM   674 C C   . ASP A 1 88 ? 4.200   -4.737  7.239   1.00 22.19 ? 91   ASP A C   1 
ATOM   675 O O   . ASP A 1 88 ? 3.955   -4.525  6.074   1.00 21.52 ? 91   ASP A O   1 
ATOM   676 C CB  . ASP A 1 88 ? 4.683   -7.156  7.670   1.00 23.85 ? 91   ASP A CB  1 
ATOM   677 C CG  . ASP A 1 88 ? 4.351   -8.415  8.482   1.00 27.53 ? 91   ASP A CG  1 
ATOM   678 O OD1 . ASP A 1 88 ? 3.669   -8.300  9.536   1.00 26.73 ? 91   ASP A OD1 1 
ATOM   679 O OD2 . ASP A 1 88 ? 4.812   -9.484  8.063   1.00 30.38 ? 91   ASP A OD2 1 
ATOM   680 N N   . PRO A 1 89 ? 4.941   -3.908  7.981   1.00 22.80 ? 92   PRO A N   1 
ATOM   681 C CA  . PRO A 1 89 ? 5.354   -2.587  7.463   1.00 22.22 ? 92   PRO A CA  1 
ATOM   682 C C   . PRO A 1 89 ? 6.495   -2.649  6.437   1.00 23.19 ? 92   PRO A C   1 
ATOM   683 O O   . PRO A 1 89 ? 7.330   -3.600  6.448   1.00 22.37 ? 92   PRO A O   1 
ATOM   684 C CB  . PRO A 1 89 ? 5.798   -1.860  8.732   1.00 21.83 ? 92   PRO A CB  1 
ATOM   685 C CG  . PRO A 1 89 ? 6.412   -2.977  9.567   1.00 23.86 ? 92   PRO A CG  1 
ATOM   686 C CD  . PRO A 1 89 ? 5.452   -4.149  9.349   1.00 22.65 ? 92   PRO A CD  1 
ATOM   687 N N   . VAL A 1 90 ? 6.533   -1.649  5.542   1.00 21.04 ? 93   VAL A N   1 
ATOM   688 C CA  . VAL A 1 90 ? 7.710   -1.461  4.667   1.00 21.18 ? 93   VAL A CA  1 
ATOM   689 C C   . VAL A 1 90 ? 8.094   -0.002  4.838   1.00 20.70 ? 93   VAL A C   1 
ATOM   690 O O   . VAL A 1 90 ? 7.219   0.880   4.810   1.00 20.63 ? 93   VAL A O   1 
ATOM   691 C CB  . VAL A 1 90 ? 7.416   -1.789  3.193   1.00 21.68 ? 93   VAL A CB  1 
ATOM   692 C CG1 . VAL A 1 90 ? 8.685   -1.675  2.314   1.00 22.85 ? 93   VAL A CG1 1 
ATOM   693 C CG2 . VAL A 1 90 ? 6.888   -3.231  3.065   1.00 22.36 ? 93   VAL A CG2 1 
ATOM   694 N N   . GLU A 1 91 ? 9.382   0.253   5.034   1.00 20.33 ? 94   GLU A N   1 
ATOM   695 C CA  . GLU A 1 91 ? 9.851   1.597   5.331   1.00 19.30 ? 94   GLU A CA  1 
ATOM   696 C C   . GLU A 1 91 ? 10.418  2.264   4.064   1.00 19.95 ? 94   GLU A C   1 
ATOM   697 O O   . GLU A 1 91 ? 11.281  1.670   3.377   1.00 19.15 ? 94   GLU A O   1 
ATOM   698 C CB  . GLU A 1 91 ? 10.899  1.511   6.424   1.00 19.84 ? 94   GLU A CB  1 
ATOM   699 C CG  . GLU A 1 91 ? 11.201  2.859   7.082   1.00 20.42 ? 94   GLU A CG  1 
ATOM   700 C CD  . GLU A 1 91 ? 10.177  3.284   8.124   1.00 23.06 ? 94   GLU A CD  1 
ATOM   701 O OE1 . GLU A 1 91 ? 9.314   2.469   8.527   1.00 23.80 ? 94   GLU A OE1 1 
ATOM   702 O OE2 . GLU A 1 91 ? 10.282  4.439   8.589   1.00 26.54 ? 94   GLU A OE2 1 
ATOM   703 N N   . LEU A 1 92 ? 9.898   3.462   3.742   1.00 18.66 ? 95   LEU A N   1 
ATOM   704 C CA  . LEU A 1 92 ? 10.538  4.352   2.728   1.00 18.86 ? 95   LEU A CA  1 
ATOM   705 C C   . LEU A 1 92 ? 11.569  5.260   3.404   1.00 19.37 ? 95   LEU A C   1 
ATOM   706 O O   . LEU A 1 92 ? 11.249  6.067   4.300   1.00 18.61 ? 95   LEU A O   1 
ATOM   707 C CB  . LEU A 1 92 ? 9.475   5.183   1.989   1.00 18.25 ? 95   LEU A CB  1 
ATOM   708 C CG  . LEU A 1 92 ? 10.049  6.134   0.930   1.00 19.62 ? 95   LEU A CG  1 
ATOM   709 C CD1 . LEU A 1 92 ? 10.824  5.308   -0.161  1.00 19.94 ? 95   LEU A CD1 1 
ATOM   710 C CD2 . LEU A 1 92 ? 8.898   6.896   0.336   1.00 20.90 ? 95   LEU A CD2 1 
ATOM   711 N N   . VAL A 1 93 ? 12.827  5.100   2.990   1.00 19.71 ? 96   VAL A N   1 
ATOM   712 C CA  . VAL A 1 93 ? 13.940  5.808   3.584   1.00 20.44 ? 96   VAL A CA  1 
ATOM   713 C C   . VAL A 1 93 ? 14.459  6.688   2.486   1.00 21.82 ? 96   VAL A C   1 
ATOM   714 O O   . VAL A 1 93 ? 14.748  6.204   1.413   1.00 22.40 ? 96   VAL A O   1 
ATOM   715 C CB  . VAL A 1 93 ? 15.080  4.831   3.993   1.00 20.32 ? 96   VAL A CB  1 
ATOM   716 C CG1 . VAL A 1 93 ? 16.261  5.644   4.587   1.00 21.79 ? 96   VAL A CG1 1 
ATOM   717 C CG2 . VAL A 1 93 ? 14.557  3.788   4.981   1.00 21.04 ? 96   VAL A CG2 1 
ATOM   718 N N   . LEU A 1 94 ? 14.581  7.981   2.749   1.00 24.31 ? 97   LEU A N   1 
ATOM   719 C CA  . LEU A 1 94 ? 14.985  8.869   1.675   1.00 27.59 ? 97   LEU A CA  1 
ATOM   720 C C   . LEU A 1 94 ? 16.464  9.146   1.732   1.00 31.83 ? 97   LEU A C   1 
ATOM   721 O O   . LEU A 1 94 ? 17.014  9.462   2.795   1.00 31.39 ? 97   LEU A O   1 
ATOM   722 C CB  . LEU A 1 94 ? 14.154  10.159  1.673   1.00 27.33 ? 97   LEU A CB  1 
ATOM   723 C CG  . LEU A 1 94 ? 12.691  9.886   1.319   1.00 25.41 ? 97   LEU A CG  1 
ATOM   724 C CD1 . LEU A 1 94 ? 11.791  11.132  1.297   1.00 27.98 ? 97   LEU A CD1 1 
ATOM   725 C CD2 . LEU A 1 94 ? 12.572  9.136   -0.019  1.00 23.27 ? 97   LEU A CD2 1 
ATOM   726 N N   . THR A 1 95 ? 17.079  8.904   0.577   1.00 34.67 ? 98   THR A N   1 
ATOM   727 C CA  . THR A 1 95 ? 18.363  9.446   0.177   1.00 38.21 ? 98   THR A CA  1 
ATOM   728 C C   . THR A 1 95 ? 19.565  8.631   0.626   1.00 39.33 ? 98   THR A C   1 
ATOM   729 O O   . THR A 1 95 ? 20.036  7.797   -0.158  1.00 41.88 ? 98   THR A O   1 
ATOM   730 C CB  . THR A 1 95 ? 18.442  10.942  0.497   1.00 38.63 ? 98   THR A CB  1 
ATOM   731 O OG1 . THR A 1 95 ? 18.265  11.659  -0.730  1.00 40.51 ? 98   THR A OG1 1 
ATOM   732 C CG2 . THR A 1 95 ? 19.741  11.292  1.142   1.00 39.53 ? 98   THR A CG2 1 
HETATM 733 C C1  . NAG B 2 .  ? 6.381   9.514   8.807   1.00 20.15 ? 1    NAG B C1  1 
HETATM 734 C C2  . NAG B 2 .  ? 6.314   11.016  8.498   1.00 21.22 ? 1    NAG B C2  1 
HETATM 735 C C3  . NAG B 2 .  ? 7.688   11.641  8.151   1.00 22.35 ? 1    NAG B C3  1 
HETATM 736 C C4  . NAG B 2 .  ? 8.787   11.131  9.090   1.00 23.04 ? 1    NAG B C4  1 
HETATM 737 C C5  . NAG B 2 .  ? 8.674   9.604   9.264   1.00 24.19 ? 1    NAG B C5  1 
HETATM 738 C C6  . NAG B 2 .  ? 9.696   8.977   10.228  1.00 27.59 ? 1    NAG B C6  1 
HETATM 739 C C7  . NAG B 2 .  ? 4.108   11.744  7.632   1.00 21.70 ? 1    NAG B C7  1 
HETATM 740 C C8  . NAG B 2 .  ? 3.599   11.707  9.015   1.00 16.64 ? 1    NAG B C8  1 
HETATM 741 N N2  . NAG B 2 .  ? 5.371   11.333  7.413   1.00 19.79 ? 1    NAG B N2  1 
HETATM 742 O O3  . NAG B 2 .  ? 7.566   13.066  8.201   1.00 19.98 ? 1    NAG B O3  1 
HETATM 743 O O4  . NAG B 2 .  ? 10.102  11.325  8.593   1.00 26.79 ? 1    NAG B O4  1 
HETATM 744 O O5  . NAG B 2 .  ? 7.382   9.276   9.762   1.00 23.13 ? 1    NAG B O5  1 
HETATM 745 O O6  . NAG B 2 .  ? 9.617   9.662   11.479  1.00 32.78 ? 1    NAG B O6  1 
HETATM 746 O O7  . NAG B 2 .  ? 3.291   12.096  6.744   1.00 28.12 ? 1    NAG B O7  1 
HETATM 747 C C1  . NAG B 2 .  ? 10.716  12.642  8.471   1.00 31.27 ? 2    NAG B C1  1 
HETATM 748 C C2  . NAG B 2 .  ? 12.243  12.601  8.707   1.00 30.28 ? 2    NAG B C2  1 
HETATM 749 C C3  . NAG B 2 .  ? 12.813  13.810  9.422   1.00 32.41 ? 2    NAG B C3  1 
HETATM 750 C C4  . NAG B 2 .  ? 12.045  15.081  9.080   1.00 31.09 ? 2    NAG B C4  1 
HETATM 751 C C5  . NAG B 2 .  ? 10.561  14.929  9.452   1.00 32.31 ? 2    NAG B C5  1 
HETATM 752 C C6  . NAG B 2 .  ? 9.650   16.067  8.982   1.00 33.13 ? 2    NAG B C6  1 
HETATM 753 C C7  . NAG B 2 .  ? 13.146  10.370  8.447   1.00 29.81 ? 2    NAG B C7  1 
HETATM 754 C C8  . NAG B 2 .  ? 13.655  9.099   9.061   1.00 32.04 ? 2    NAG B C8  1 
HETATM 755 N N2  . NAG B 2 .  ? 12.754  11.341  9.258   1.00 28.22 ? 2    NAG B N2  1 
HETATM 756 O O3  . NAG B 2 .  ? 14.167  13.918  9.026   1.00 32.39 ? 2    NAG B O3  1 
HETATM 757 O O4  . NAG B 2 .  ? 12.594  16.078  9.917   1.00 31.55 ? 2    NAG B O4  1 
HETATM 758 O O5  . NAG B 2 .  ? 9.962   13.755  8.913   1.00 31.44 ? 2    NAG B O5  1 
HETATM 759 O O6  . NAG B 2 .  ? 9.987   16.404  7.644   1.00 36.47 ? 2    NAG B O6  1 
HETATM 760 O O7  . NAG B 2 .  ? 13.088  10.442  7.212   1.00 32.02 ? 2    NAG B O7  1 
HETATM 761 C C1  . BMA B 2 .  ? 12.891  17.288  9.227   1.00 30.86 ? 3    BMA B C1  1 
HETATM 762 C C2  . BMA B 2 .  ? 12.809  18.428  10.249  1.00 33.12 ? 3    BMA B C2  1 
HETATM 763 C C3  . BMA B 2 .  ? 13.208  19.739  9.565   1.00 33.52 ? 3    BMA B C3  1 
HETATM 764 C C4  . BMA B 2 .  ? 14.577  19.595  8.904   1.00 34.28 ? 3    BMA B C4  1 
HETATM 765 C C5  . BMA B 2 .  ? 14.556  18.396  7.957   1.00 33.37 ? 3    BMA B C5  1 
HETATM 766 C C6  . BMA B 2 .  ? 15.927  18.185  7.333   1.00 36.73 ? 3    BMA B C6  1 
HETATM 767 O O2  . BMA B 2 .  ? 13.673  18.106  11.335  1.00 31.96 ? 3    BMA B O2  1 
HETATM 768 O O3  . BMA B 2 .  ? 13.147  20.838  10.464  1.00 33.93 ? 3    BMA B O3  1 
HETATM 769 O O4  . BMA B 2 .  ? 14.916  20.743  8.159   1.00 32.96 ? 3    BMA B O4  1 
HETATM 770 O O5  . BMA B 2 .  ? 14.184  17.215  8.653   1.00 30.34 ? 3    BMA B O5  1 
HETATM 771 O O6  . BMA B 2 .  ? 16.832  17.932  8.377   1.00 38.94 ? 3    BMA B O6  1 
HETATM 772 O O   . HOH C 3 .  ? -1.622  13.284  9.029   1.00 43.99 ? 2001 HOH A O   1 
HETATM 773 O O   . HOH C 3 .  ? 14.152  13.655  12.983  1.00 57.95 ? 2002 HOH A O   1 
HETATM 774 O O   . HOH C 3 .  ? 16.519  21.895  11.962  1.00 43.39 ? 2003 HOH A O   1 
HETATM 775 O O   . HOH C 3 .  ? -5.855  -10.008 8.092   1.00 35.17 ? 2004 HOH A O   1 
HETATM 776 O O   . HOH C 3 .  ? -9.535  -14.109 9.313   1.00 61.56 ? 2005 HOH A O   1 
HETATM 777 O O   . HOH C 3 .  ? 0.249   -13.524 7.923   1.00 47.97 ? 2006 HOH A O   1 
HETATM 778 O O   . HOH C 3 .  ? -2.025  -12.216 0.747   1.00 57.61 ? 2007 HOH A O   1 
HETATM 779 O O   . HOH C 3 .  ? -3.129  -14.359 7.972   1.00 51.00 ? 2008 HOH A O   1 
HETATM 780 O O   . HOH C 3 .  ? 1.923   -8.763  5.768   1.00 25.74 ? 2009 HOH A O   1 
HETATM 781 O O   . HOH C 3 .  ? 8.328   -6.033  1.365   1.00 45.58 ? 2010 HOH A O   1 
HETATM 782 O O   . HOH C 3 .  ? 6.376   -7.542  -6.026  1.00 48.55 ? 2011 HOH A O   1 
HETATM 783 O O   . HOH C 3 .  ? 9.491   -4.452  -0.343  1.00 29.74 ? 2012 HOH A O   1 
HETATM 784 O O   . HOH C 3 .  ? 8.412   2.650   -9.156  1.00 44.05 ? 2013 HOH A O   1 
HETATM 785 O O   . HOH C 3 .  ? 6.100   -2.579  -5.641  1.00 34.02 ? 2014 HOH A O   1 
HETATM 786 O O   . HOH C 3 .  ? 14.676  13.670  -10.259 1.00 38.01 ? 2015 HOH A O   1 
HETATM 787 O O   . HOH C 3 .  ? 12.575  3.148   -10.408 1.00 48.85 ? 2016 HOH A O   1 
HETATM 788 O O   . HOH C 3 .  ? 0.811   12.300  3.432   1.00 39.36 ? 2017 HOH A O   1 
HETATM 789 O O   . HOH C 3 .  ? 15.784  -0.761  -4.774  1.00 31.99 ? 2018 HOH A O   1 
HETATM 790 O O   . HOH C 3 .  ? 12.993  -2.818  -3.912  1.00 44.09 ? 2019 HOH A O   1 
HETATM 791 O O   . HOH C 3 .  ? 13.130  2.613   1.392   1.00 21.26 ? 2020 HOH A O   1 
HETATM 792 O O   . HOH C 3 .  ? 15.832  4.210   -0.182  1.00 26.11 ? 2021 HOH A O   1 
HETATM 793 O O   . HOH C 3 .  ? 15.761  -3.330  -0.190  1.00 30.01 ? 2022 HOH A O   1 
HETATM 794 O O   . HOH C 3 .  ? 19.484  2.965   0.294   1.00 37.81 ? 2023 HOH A O   1 
HETATM 795 O O   . HOH C 3 .  ? 16.930  3.948   -6.555  1.00 34.39 ? 2024 HOH A O   1 
HETATM 796 O O   . HOH C 3 .  ? -0.524  10.516  4.581   1.00 33.98 ? 2025 HOH A O   1 
HETATM 797 O O   . HOH C 3 .  ? 11.982  13.908  -10.757 1.00 41.83 ? 2026 HOH A O   1 
HETATM 798 O O   . HOH C 3 .  ? 17.716  8.521   -6.520  1.00 42.26 ? 2027 HOH A O   1 
HETATM 799 O O   . HOH C 3 .  ? 14.911  5.438   -6.929  1.00 38.31 ? 2028 HOH A O   1 
HETATM 800 O O   . HOH C 3 .  ? 14.245  9.531   -11.057 1.00 53.09 ? 2029 HOH A O   1 
HETATM 801 O O   . HOH C 3 .  ? 15.356  12.102  -8.143  1.00 35.44 ? 2030 HOH A O   1 
HETATM 802 O O   . HOH C 3 .  ? -4.749  12.643  -1.807  1.00 44.62 ? 2031 HOH A O   1 
HETATM 803 O O   . HOH C 3 .  ? -7.612  11.984  0.580   1.00 41.36 ? 2032 HOH A O   1 
HETATM 804 O O   . HOH C 3 .  ? 9.782   10.372  -10.974 1.00 34.51 ? 2033 HOH A O   1 
HETATM 805 O O   . HOH C 3 .  ? 11.647  7.401   -10.530 1.00 32.66 ? 2034 HOH A O   1 
HETATM 806 O O   . HOH C 3 .  ? 12.440  5.336   -9.032  1.00 37.80 ? 2035 HOH A O   1 
HETATM 807 O O   . HOH C 3 .  ? -2.368  6.140   -5.666  1.00 44.03 ? 2036 HOH A O   1 
HETATM 808 O O   . HOH C 3 .  ? -5.889  9.240   -4.780  1.00 54.47 ? 2037 HOH A O   1 
HETATM 809 O O   . HOH C 3 .  ? -10.111 10.945  -0.534  1.00 51.87 ? 2038 HOH A O   1 
HETATM 810 O O   . HOH C 3 .  ? 4.778   -8.702  -1.060  1.00 49.12 ? 2039 HOH A O   1 
HETATM 811 O O   . HOH C 3 .  ? -0.604  -12.290 -3.673  1.00 53.83 ? 2040 HOH A O   1 
HETATM 812 O O   . HOH C 3 .  ? -6.996  -15.338 -4.939  1.00 45.20 ? 2041 HOH A O   1 
HETATM 813 O O   . HOH C 3 .  ? -15.836 -2.083  1.136   0.50 42.20 ? 2042 HOH A O   1 
HETATM 814 O O   . HOH C 3 .  ? -16.093 -8.216  -2.409  1.00 43.00 ? 2043 HOH A O   1 
HETATM 815 O O   . HOH C 3 .  ? -14.992 -10.857 -5.025  1.00 38.53 ? 2044 HOH A O   1 
HETATM 816 O O   . HOH C 3 .  ? 18.063  15.008  -2.602  1.00 49.86 ? 2045 HOH A O   1 
HETATM 817 O O   . HOH C 3 .  ? 20.965  13.640  1.346   1.00 51.52 ? 2046 HOH A O   1 
HETATM 818 O O   . HOH C 3 .  ? 0.375   9.912   7.231   1.00 22.15 ? 2047 HOH A O   1 
HETATM 819 O O   . HOH C 3 .  ? 3.951   10.696  12.090  1.00 38.64 ? 2048 HOH A O   1 
HETATM 820 O O   . HOH C 3 .  ? 0.224   9.466   11.398  1.00 27.59 ? 2049 HOH A O   1 
HETATM 821 O O   . HOH C 3 .  ? 7.610   6.129   11.001  1.00 34.21 ? 2050 HOH A O   1 
HETATM 822 O O   . HOH C 3 .  ? 4.389   5.196   12.701  1.00 57.80 ? 2051 HOH A O   1 
HETATM 823 O O   . HOH C 3 .  ? 3.474   3.131   11.705  1.00 50.36 ? 2052 HOH A O   1 
HETATM 824 O O   . HOH C 3 .  ? -3.974  11.361  11.727  1.00 42.86 ? 2053 HOH A O   1 
HETATM 825 O O   . HOH C 3 .  ? -6.715  10.151  5.134   1.00 19.26 ? 2054 HOH A O   1 
HETATM 826 O O   . HOH C 3 .  ? -2.960  11.110  4.763   1.00 29.86 ? 2055 HOH A O   1 
HETATM 827 O O   . HOH C 3 .  ? -6.505  10.436  2.453   1.00 33.05 ? 2056 HOH A O   1 
HETATM 828 O O   . HOH C 3 .  ? 2.370   14.949  -0.540  1.00 36.00 ? 2057 HOH A O   1 
HETATM 829 O O   . HOH C 3 .  ? 0.198   13.132  -2.015  1.00 51.84 ? 2058 HOH A O   1 
HETATM 830 O O   . HOH C 3 .  ? -0.893  12.186  -0.171  1.00 35.91 ? 2059 HOH A O   1 
HETATM 831 O O   . HOH C 3 .  ? -3.581  11.667  0.320   1.00 37.34 ? 2060 HOH A O   1 
HETATM 832 O O   . HOH C 3 .  ? -6.811  8.214   -2.288  1.00 31.62 ? 2061 HOH A O   1 
HETATM 833 O O   . HOH C 3 .  ? -8.824  8.662   -0.100  1.00 42.49 ? 2062 HOH A O   1 
HETATM 834 O O   . HOH C 3 .  ? -5.069  6.283   -4.727  1.00 46.65 ? 2063 HOH A O   1 
HETATM 835 O O   . HOH C 3 .  ? -3.553  1.473   -11.154 1.00 67.78 ? 2064 HOH A O   1 
HETATM 836 O O   . HOH C 3 .  ? -7.990  0.651   -9.499  1.00 63.36 ? 2065 HOH A O   1 
HETATM 837 O O   . HOH C 3 .  ? -6.375  -1.756  -8.443  1.00 42.37 ? 2066 HOH A O   1 
HETATM 838 O O   . HOH C 3 .  ? -14.466 -6.535  -9.803  1.00 47.77 ? 2067 HOH A O   1 
HETATM 839 O O   . HOH C 3 .  ? -3.833  -13.256 -5.507  1.00 56.52 ? 2068 HOH A O   1 
HETATM 840 O O   . HOH C 3 .  ? -2.178  -7.921  -11.173 1.00 44.91 ? 2069 HOH A O   1 
HETATM 841 O O   . HOH C 3 .  ? -3.818  -1.137  -8.898  1.00 35.53 ? 2070 HOH A O   1 
HETATM 842 O O   . HOH C 3 .  ? -1.349  2.604   -10.350 1.00 45.94 ? 2071 HOH A O   1 
HETATM 843 O O   . HOH C 3 .  ? 4.339   -1.204  -11.766 1.00 52.15 ? 2072 HOH A O   1 
HETATM 844 O O   . HOH C 3 .  ? -1.019  4.447   -8.443  1.00 32.99 ? 2073 HOH A O   1 
HETATM 845 O O   . HOH C 3 .  ? 1.499   1.378   -10.634 1.00 33.80 ? 2074 HOH A O   1 
HETATM 846 O O   . HOH C 3 .  ? 4.170   17.565  -1.844  1.00 36.28 ? 2075 HOH A O   1 
HETATM 847 O O   . HOH C 3 .  ? 12.697  12.267  5.043   1.00 24.70 ? 2076 HOH A O   1 
HETATM 848 O O   . HOH C 3 .  ? 4.647   12.881  -2.449  1.00 28.91 ? 2077 HOH A O   1 
HETATM 849 O O   . HOH C 3 .  ? 0.132   -2.112  12.677  1.00 38.80 ? 2078 HOH A O   1 
HETATM 850 O O   . HOH C 3 .  ? 1.309   2.921   8.503   1.00 22.53 ? 2079 HOH A O   1 
HETATM 851 O O   . HOH C 3 .  ? -0.641  1.358   11.809  1.00 41.55 ? 2080 HOH A O   1 
HETATM 852 O O   . HOH C 3 .  ? 1.025   -4.634  12.198  1.00 55.78 ? 2081 HOH A O   1 
HETATM 853 O O   . HOH C 3 .  ? -14.259 -0.154  2.225   0.50 22.55 ? 2082 HOH A O   1 
HETATM 854 O O   . HOH C 3 .  ? -12.771 2.196   5.628   1.00 30.55 ? 2083 HOH A O   1 
HETATM 855 O O   . HOH C 3 .  ? -22.440 -8.082  4.840   1.00 44.05 ? 2084 HOH A O   1 
HETATM 856 O O   . HOH C 3 .  ? -13.405 -7.970  10.036  1.00 37.35 ? 2085 HOH A O   1 
HETATM 857 O O   . HOH C 3 .  ? -7.965  -3.538  10.648  1.00 45.21 ? 2086 HOH A O   1 
HETATM 858 O O   . HOH C 3 .  ? -4.060  -9.422  14.128  1.00 56.74 ? 2087 HOH A O   1 
HETATM 859 O O   . HOH C 3 .  ? -0.423  -6.578  11.394  1.00 44.24 ? 2088 HOH A O   1 
HETATM 860 O O   . HOH C 3 .  ? -3.777  -4.546  12.092  1.00 35.90 ? 2089 HOH A O   1 
HETATM 861 O O   . HOH C 3 .  ? 4.115   -6.411  4.053   1.00 25.56 ? 2090 HOH A O   1 
HETATM 862 O O   . HOH C 3 .  ? 6.900   -10.071 6.721   1.00 41.09 ? 2091 HOH A O   1 
HETATM 863 O O   . HOH C 3 .  ? 5.858   -6.430  13.328  1.00 53.25 ? 2092 HOH A O   1 
HETATM 864 O O   . HOH C 3 .  ? 7.911   -6.130  6.814   1.00 25.33 ? 2093 HOH A O   1 
HETATM 865 O O   . HOH C 3 .  ? 12.145  6.205   6.860   1.00 30.78 ? 2094 HOH A O   1 
HETATM 866 O O   . HOH C 3 .  ? 19.150  7.199   3.593   1.00 44.46 ? 2095 HOH A O   1 
HETATM 867 O O   . HOH C 3 .  ? 16.186  12.923  -1.420  1.00 37.30 ? 2096 HOH A O   1 
HETATM 868 O O   . HOH C 3 .  ? 20.162  14.021  -1.152  1.00 65.18 ? 2097 HOH A O   1 
HETATM 869 O O   . HOH C 3 .  ? 22.242  6.184   -1.731  1.00 57.04 ? 2098 HOH A O   1 
HETATM 870 O O   . HOH C 3 .  ? 0.929   11.346  9.380   1.00 30.13 ? 2099 HOH A O   1 
HETATM 871 O O   . HOH C 3 .  ? 5.760   14.371  9.668   1.00 38.73 ? 2100 HOH A O   1 
HETATM 872 O O   . HOH C 3 .  ? 14.339  8.701   5.520   1.00 27.05 ? 2101 HOH A O   1 
HETATM 873 O O   . HOH C 3 .  ? 12.882  11.097  12.662  1.00 48.92 ? 2102 HOH A O   1 
HETATM 874 O O   . HOH C 3 .  ? 16.481  22.580  9.545   1.00 42.38 ? 2103 HOH A O   1 
HETATM 875 O O   . HOH C 3 .  ? 13.532  21.657  13.683  1.00 63.25 ? 2104 HOH A O   1 
# 
